data_6FG6
# 
_entry.id   6FG6 
# 
_audit_conform.dict_name       mmcif_pdbx.dic 
_audit_conform.dict_version    5.383 
_audit_conform.dict_location   http://mmcif.pdb.org/dictionaries/ascii/mmcif_pdbx.dic 
# 
loop_
_database_2.database_id 
_database_2.database_code 
_database_2.pdbx_database_accession 
_database_2.pdbx_DOI 
PDB   6FG6         pdb_00006fg6 10.2210/pdb6fg6/pdb 
WWPDB D_1200008264 ?            ?                   
# 
loop_
_pdbx_audit_revision_history.ordinal 
_pdbx_audit_revision_history.data_content_type 
_pdbx_audit_revision_history.major_revision 
_pdbx_audit_revision_history.minor_revision 
_pdbx_audit_revision_history.revision_date 
1 'Structure model' 1 0 2018-05-30 
2 'Structure model' 1 1 2018-08-29 
3 'Structure model' 1 2 2024-01-17 
# 
_pdbx_audit_revision_details.ordinal             1 
_pdbx_audit_revision_details.revision_ordinal    1 
_pdbx_audit_revision_details.data_content_type   'Structure model' 
_pdbx_audit_revision_details.provider            repository 
_pdbx_audit_revision_details.type                'Initial release' 
_pdbx_audit_revision_details.description         ? 
_pdbx_audit_revision_details.details             ? 
# 
loop_
_pdbx_audit_revision_group.ordinal 
_pdbx_audit_revision_group.revision_ordinal 
_pdbx_audit_revision_group.data_content_type 
_pdbx_audit_revision_group.group 
1 2 'Structure model' 'Data collection'        
2 2 'Structure model' 'Database references'    
3 3 'Structure model' 'Data collection'        
4 3 'Structure model' 'Database references'    
5 3 'Structure model' 'Refinement description' 
# 
loop_
_pdbx_audit_revision_category.ordinal 
_pdbx_audit_revision_category.revision_ordinal 
_pdbx_audit_revision_category.data_content_type 
_pdbx_audit_revision_category.category 
1 2 'Structure model' citation                      
2 2 'Structure model' citation_author               
3 3 'Structure model' chem_comp_atom                
4 3 'Structure model' chem_comp_bond                
5 3 'Structure model' database_2                    
6 3 'Structure model' pdbx_initial_refinement_model 
# 
loop_
_pdbx_audit_revision_item.ordinal 
_pdbx_audit_revision_item.revision_ordinal 
_pdbx_audit_revision_item.data_content_type 
_pdbx_audit_revision_item.item 
1 2 'Structure model' '_citation.journal_volume'            
2 2 'Structure model' '_citation.page_first'                
3 2 'Structure model' '_citation.page_last'                 
4 2 'Structure model' '_citation.title'                     
5 2 'Structure model' '_citation_author.identifier_ORCID'   
6 3 'Structure model' '_database_2.pdbx_DOI'                
7 3 'Structure model' '_database_2.pdbx_database_accession' 
# 
_pdbx_database_status.status_code                     REL 
_pdbx_database_status.status_code_sf                  REL 
_pdbx_database_status.status_code_mr                  ? 
_pdbx_database_status.entry_id                        6FG6 
_pdbx_database_status.recvd_initial_deposition_date   2018-01-10 
_pdbx_database_status.SG_entry                        N 
_pdbx_database_status.deposit_site                    PDBE 
_pdbx_database_status.process_site                    PDBE 
_pdbx_database_status.status_code_cs                  ? 
_pdbx_database_status.methods_development_category    ? 
_pdbx_database_status.pdb_format_compatible           Y 
_pdbx_database_status.status_code_nmr_data            ? 
# 
loop_
_audit_author.name 
_audit_author.pdbx_ordinal 
_audit_author.identifier_ORCID 
'Dalle Vedove, A.'   1 ? 
'Spiliotopoulos, D.' 2 ? 
'Lolli, G.'          3 ? 
'Caflisch, A.'       4 ? 
# 
_citation.abstract                  ? 
_citation.abstract_id_CAS           ? 
_citation.book_id_ISBN              ? 
_citation.book_publisher            ? 
_citation.book_publisher_city       ? 
_citation.book_title                ? 
_citation.coordinate_linkage        ? 
_citation.country                   DE 
_citation.database_id_Medline       ? 
_citation.details                   ? 
_citation.id                        primary 
_citation.journal_abbrev            ChemMedChem 
_citation.journal_id_ASTM           ? 
_citation.journal_id_CSD            ? 
_citation.journal_id_ISSN           1860-7187 
_citation.journal_full              ? 
_citation.journal_issue             ? 
_citation.journal_volume            13 
_citation.language                  ? 
_citation.page_first                1479 
_citation.page_last                 1487 
_citation.title                     'Structural Analysis of Small-Molecule Binding to the BAZ2A and BAZ2B Bromodomains.' 
_citation.year                      2018 
_citation.database_id_CSD           ? 
_citation.pdbx_database_id_DOI      10.1002/cmdc.201800234 
_citation.pdbx_database_id_PubMed   29770599 
_citation.unpublished_flag          ? 
# 
loop_
_citation_author.citation_id 
_citation_author.name 
_citation_author.ordinal 
_citation_author.identifier_ORCID 
primary 'Dalle Vedove, A.'   1 ?                   
primary 'Spiliotopoulos, D.' 2 ?                   
primary 
;D'Agostino, V.G.
;
3 ?                   
primary 'Marchand, J.R.'     4 ?                   
primary 'Unzue, A.'          5 ?                   
primary 'Nevado, C.'         6 ?                   
primary 'Lolli, G.'          7 0000-0002-8536-5599 
primary 'Caflisch, A.'       8 ?                   
# 
loop_
_entity.id 
_entity.type 
_entity.src_method 
_entity.pdbx_description 
_entity.formula_weight 
_entity.pdbx_number_of_molecules 
_entity.pdbx_ec 
_entity.pdbx_mutation 
_entity.pdbx_fragment 
_entity.details 
1 polymer     man 'Bromodomain adjacent to zinc finger domain protein 2A'                12380.919 1  ? 
'First two residues SM derive from the expression tag' 'Bromodomain (residues 1796-1899)' 
'First two residues SM derive from the expression tag' 
2 non-polymer syn '~{N}-(2-azanylethyl)-1-methyl-6-oxidanylidene-pyridine-3-carboxamide' 195.218   1  ? ? ? ? 
3 water       nat water                                                                  18.015    42 ? ? ? ? 
# 
_entity_name_com.entity_id   1 
_entity_name_com.name        'Transcription termination factor I-interacting protein 5,Tip5,hWALp3' 
# 
_entity_poly.entity_id                      1 
_entity_poly.type                           'polypeptide(L)' 
_entity_poly.nstd_linkage                   no 
_entity_poly.nstd_monomer                   no 
_entity_poly.pdbx_seq_one_letter_code       
;SMHSDLTFCEIILMEMESHDAAWPFLEPVNPRLVSGYRRIIKNPMDFSTMRERLLRGGYTSSEEFAADALLVFDNCQTFN
EDDSEVGKAGHIMRRFFESRWEEFY
;
_entity_poly.pdbx_seq_one_letter_code_can   
;SMHSDLTFCEIILMEMESHDAAWPFLEPVNPRLVSGYRRIIKNPMDFSTMRERLLRGGYTSSEEFAADALLVFDNCQTFN
EDDSEVGKAGHIMRRFFESRWEEFY
;
_entity_poly.pdbx_strand_id                 A 
_entity_poly.pdbx_target_identifier         ? 
# 
loop_
_pdbx_entity_nonpoly.entity_id 
_pdbx_entity_nonpoly.name 
_pdbx_entity_nonpoly.comp_id 
2 '~{N}-(2-azanylethyl)-1-methyl-6-oxidanylidene-pyridine-3-carboxamide' D8Q 
3 water                                                                  HOH 
# 
loop_
_entity_poly_seq.entity_id 
_entity_poly_seq.num 
_entity_poly_seq.mon_id 
_entity_poly_seq.hetero 
1 1   SER n 
1 2   MET n 
1 3   HIS n 
1 4   SER n 
1 5   ASP n 
1 6   LEU n 
1 7   THR n 
1 8   PHE n 
1 9   CYS n 
1 10  GLU n 
1 11  ILE n 
1 12  ILE n 
1 13  LEU n 
1 14  MET n 
1 15  GLU n 
1 16  MET n 
1 17  GLU n 
1 18  SER n 
1 19  HIS n 
1 20  ASP n 
1 21  ALA n 
1 22  ALA n 
1 23  TRP n 
1 24  PRO n 
1 25  PHE n 
1 26  LEU n 
1 27  GLU n 
1 28  PRO n 
1 29  VAL n 
1 30  ASN n 
1 31  PRO n 
1 32  ARG n 
1 33  LEU n 
1 34  VAL n 
1 35  SER n 
1 36  GLY n 
1 37  TYR n 
1 38  ARG n 
1 39  ARG n 
1 40  ILE n 
1 41  ILE n 
1 42  LYS n 
1 43  ASN n 
1 44  PRO n 
1 45  MET n 
1 46  ASP n 
1 47  PHE n 
1 48  SER n 
1 49  THR n 
1 50  MET n 
1 51  ARG n 
1 52  GLU n 
1 53  ARG n 
1 54  LEU n 
1 55  LEU n 
1 56  ARG n 
1 57  GLY n 
1 58  GLY n 
1 59  TYR n 
1 60  THR n 
1 61  SER n 
1 62  SER n 
1 63  GLU n 
1 64  GLU n 
1 65  PHE n 
1 66  ALA n 
1 67  ALA n 
1 68  ASP n 
1 69  ALA n 
1 70  LEU n 
1 71  LEU n 
1 72  VAL n 
1 73  PHE n 
1 74  ASP n 
1 75  ASN n 
1 76  CYS n 
1 77  GLN n 
1 78  THR n 
1 79  PHE n 
1 80  ASN n 
1 81  GLU n 
1 82  ASP n 
1 83  ASP n 
1 84  SER n 
1 85  GLU n 
1 86  VAL n 
1 87  GLY n 
1 88  LYS n 
1 89  ALA n 
1 90  GLY n 
1 91  HIS n 
1 92  ILE n 
1 93  MET n 
1 94  ARG n 
1 95  ARG n 
1 96  PHE n 
1 97  PHE n 
1 98  GLU n 
1 99  SER n 
1 100 ARG n 
1 101 TRP n 
1 102 GLU n 
1 103 GLU n 
1 104 PHE n 
1 105 TYR n 
# 
_entity_src_gen.entity_id                          1 
_entity_src_gen.pdbx_src_id                        1 
_entity_src_gen.pdbx_alt_source_flag               sample 
_entity_src_gen.pdbx_seq_type                      'Biological sequence' 
_entity_src_gen.pdbx_beg_seq_num                   1 
_entity_src_gen.pdbx_end_seq_num                   105 
_entity_src_gen.gene_src_common_name               Human 
_entity_src_gen.gene_src_genus                     ? 
_entity_src_gen.pdbx_gene_src_gene                 'BAZ2A, KIAA0314, TIP5' 
_entity_src_gen.gene_src_species                   ? 
_entity_src_gen.gene_src_strain                    ? 
_entity_src_gen.gene_src_tissue                    ? 
_entity_src_gen.gene_src_tissue_fraction           ? 
_entity_src_gen.gene_src_details                   ? 
_entity_src_gen.pdbx_gene_src_fragment             ? 
_entity_src_gen.pdbx_gene_src_scientific_name      'Homo sapiens' 
_entity_src_gen.pdbx_gene_src_ncbi_taxonomy_id     9606 
_entity_src_gen.pdbx_gene_src_variant              ? 
_entity_src_gen.pdbx_gene_src_cell_line            ? 
_entity_src_gen.pdbx_gene_src_atcc                 ? 
_entity_src_gen.pdbx_gene_src_organ                ? 
_entity_src_gen.pdbx_gene_src_organelle            ? 
_entity_src_gen.pdbx_gene_src_cell                 ? 
_entity_src_gen.pdbx_gene_src_cellular_location    ? 
_entity_src_gen.host_org_common_name               ? 
_entity_src_gen.pdbx_host_org_scientific_name      'Escherichia coli' 
_entity_src_gen.pdbx_host_org_ncbi_taxonomy_id     562 
_entity_src_gen.host_org_genus                     ? 
_entity_src_gen.pdbx_host_org_gene                 ? 
_entity_src_gen.pdbx_host_org_organ                ? 
_entity_src_gen.host_org_species                   ? 
_entity_src_gen.pdbx_host_org_tissue               ? 
_entity_src_gen.pdbx_host_org_tissue_fraction      ? 
_entity_src_gen.pdbx_host_org_strain               ? 
_entity_src_gen.pdbx_host_org_variant              ? 
_entity_src_gen.pdbx_host_org_cell_line            ? 
_entity_src_gen.pdbx_host_org_atcc                 ? 
_entity_src_gen.pdbx_host_org_culture_collection   ? 
_entity_src_gen.pdbx_host_org_cell                 ? 
_entity_src_gen.pdbx_host_org_organelle            ? 
_entity_src_gen.pdbx_host_org_cellular_location    ? 
_entity_src_gen.pdbx_host_org_vector_type          ? 
_entity_src_gen.pdbx_host_org_vector               ? 
_entity_src_gen.host_org_details                   ? 
_entity_src_gen.expression_system_id               ? 
_entity_src_gen.plasmid_name                       ? 
_entity_src_gen.plasmid_details                    ? 
_entity_src_gen.pdbx_description                   ? 
# 
loop_
_chem_comp.id 
_chem_comp.type 
_chem_comp.mon_nstd_flag 
_chem_comp.name 
_chem_comp.pdbx_synonyms 
_chem_comp.formula 
_chem_comp.formula_weight 
ALA 'L-peptide linking' y ALANINE                                                                ? 'C3 H7 N O2'     89.093  
ARG 'L-peptide linking' y ARGININE                                                               ? 'C6 H15 N4 O2 1' 175.209 
ASN 'L-peptide linking' y ASPARAGINE                                                             ? 'C4 H8 N2 O3'    132.118 
ASP 'L-peptide linking' y 'ASPARTIC ACID'                                                        ? 'C4 H7 N O4'     133.103 
CYS 'L-peptide linking' y CYSTEINE                                                               ? 'C3 H7 N O2 S'   121.158 
D8Q non-polymer         . '~{N}-(2-azanylethyl)-1-methyl-6-oxidanylidene-pyridine-3-carboxamide' ? 'C9 H13 N3 O2'   195.218 
GLN 'L-peptide linking' y GLUTAMINE                                                              ? 'C5 H10 N2 O3'   146.144 
GLU 'L-peptide linking' y 'GLUTAMIC ACID'                                                        ? 'C5 H9 N O4'     147.129 
GLY 'peptide linking'   y GLYCINE                                                                ? 'C2 H5 N O2'     75.067  
HIS 'L-peptide linking' y HISTIDINE                                                              ? 'C6 H10 N3 O2 1' 156.162 
HOH non-polymer         . WATER                                                                  ? 'H2 O'           18.015  
ILE 'L-peptide linking' y ISOLEUCINE                                                             ? 'C6 H13 N O2'    131.173 
LEU 'L-peptide linking' y LEUCINE                                                                ? 'C6 H13 N O2'    131.173 
LYS 'L-peptide linking' y LYSINE                                                                 ? 'C6 H15 N2 O2 1' 147.195 
MET 'L-peptide linking' y METHIONINE                                                             ? 'C5 H11 N O2 S'  149.211 
PHE 'L-peptide linking' y PHENYLALANINE                                                          ? 'C9 H11 N O2'    165.189 
PRO 'L-peptide linking' y PROLINE                                                                ? 'C5 H9 N O2'     115.130 
SER 'L-peptide linking' y SERINE                                                                 ? 'C3 H7 N O3'     105.093 
THR 'L-peptide linking' y THREONINE                                                              ? 'C4 H9 N O3'     119.119 
TRP 'L-peptide linking' y TRYPTOPHAN                                                             ? 'C11 H12 N2 O2'  204.225 
TYR 'L-peptide linking' y TYROSINE                                                               ? 'C9 H11 N O3'    181.189 
VAL 'L-peptide linking' y VALINE                                                                 ? 'C5 H11 N O2'    117.146 
# 
loop_
_pdbx_poly_seq_scheme.asym_id 
_pdbx_poly_seq_scheme.entity_id 
_pdbx_poly_seq_scheme.seq_id 
_pdbx_poly_seq_scheme.mon_id 
_pdbx_poly_seq_scheme.ndb_seq_num 
_pdbx_poly_seq_scheme.pdb_seq_num 
_pdbx_poly_seq_scheme.auth_seq_num 
_pdbx_poly_seq_scheme.pdb_mon_id 
_pdbx_poly_seq_scheme.auth_mon_id 
_pdbx_poly_seq_scheme.pdb_strand_id 
_pdbx_poly_seq_scheme.pdb_ins_code 
_pdbx_poly_seq_scheme.hetero 
A 1 1   SER 1   1794 ?    ?   ?   A . n 
A 1 2   MET 2   1795 ?    ?   ?   A . n 
A 1 3   HIS 3   1796 1796 HIS HIS A . n 
A 1 4   SER 4   1797 1797 SER SER A . n 
A 1 5   ASP 5   1798 1798 ASP ASP A . n 
A 1 6   LEU 6   1799 1799 LEU LEU A . n 
A 1 7   THR 7   1800 1800 THR THR A . n 
A 1 8   PHE 8   1801 1801 PHE PHE A . n 
A 1 9   CYS 9   1802 1802 CYS CYS A . n 
A 1 10  GLU 10  1803 1803 GLU GLU A . n 
A 1 11  ILE 11  1804 1804 ILE ILE A . n 
A 1 12  ILE 12  1805 1805 ILE ILE A . n 
A 1 13  LEU 13  1806 1806 LEU LEU A . n 
A 1 14  MET 14  1807 1807 MET MET A . n 
A 1 15  GLU 15  1808 1808 GLU GLU A . n 
A 1 16  MET 16  1809 1809 MET MET A . n 
A 1 17  GLU 17  1810 1810 GLU GLU A . n 
A 1 18  SER 18  1811 1811 SER SER A . n 
A 1 19  HIS 19  1812 1812 HIS HIS A . n 
A 1 20  ASP 20  1813 1813 ASP ASP A . n 
A 1 21  ALA 21  1814 1814 ALA ALA A . n 
A 1 22  ALA 22  1815 1815 ALA ALA A . n 
A 1 23  TRP 23  1816 1816 TRP TRP A . n 
A 1 24  PRO 24  1817 1817 PRO PRO A . n 
A 1 25  PHE 25  1818 1818 PHE PHE A . n 
A 1 26  LEU 26  1819 1819 LEU LEU A . n 
A 1 27  GLU 27  1820 1820 GLU GLU A . n 
A 1 28  PRO 28  1821 1821 PRO PRO A . n 
A 1 29  VAL 29  1822 1822 VAL VAL A . n 
A 1 30  ASN 30  1823 1823 ASN ASN A . n 
A 1 31  PRO 31  1824 1824 PRO PRO A . n 
A 1 32  ARG 32  1825 1825 ARG ARG A . n 
A 1 33  LEU 33  1826 1826 LEU LEU A . n 
A 1 34  VAL 34  1827 1827 VAL VAL A . n 
A 1 35  SER 35  1828 1828 SER SER A . n 
A 1 36  GLY 36  1829 1829 GLY GLY A . n 
A 1 37  TYR 37  1830 1830 TYR TYR A . n 
A 1 38  ARG 38  1831 1831 ARG ARG A . n 
A 1 39  ARG 39  1832 1832 ARG ARG A . n 
A 1 40  ILE 40  1833 1833 ILE ILE A . n 
A 1 41  ILE 41  1834 1834 ILE ILE A . n 
A 1 42  LYS 42  1835 1835 LYS LYS A . n 
A 1 43  ASN 43  1836 1836 ASN ASN A . n 
A 1 44  PRO 44  1837 1837 PRO PRO A . n 
A 1 45  MET 45  1838 1838 MET MET A . n 
A 1 46  ASP 46  1839 1839 ASP ASP A . n 
A 1 47  PHE 47  1840 1840 PHE PHE A . n 
A 1 48  SER 48  1841 1841 SER SER A . n 
A 1 49  THR 49  1842 1842 THR THR A . n 
A 1 50  MET 50  1843 1843 MET MET A . n 
A 1 51  ARG 51  1844 1844 ARG ARG A . n 
A 1 52  GLU 52  1845 1845 GLU GLU A . n 
A 1 53  ARG 53  1846 1846 ARG ARG A . n 
A 1 54  LEU 54  1847 1847 LEU LEU A . n 
A 1 55  LEU 55  1848 1848 LEU LEU A . n 
A 1 56  ARG 56  1849 1849 ARG ARG A . n 
A 1 57  GLY 57  1850 1850 GLY GLY A . n 
A 1 58  GLY 58  1851 1851 GLY GLY A . n 
A 1 59  TYR 59  1852 1852 TYR TYR A . n 
A 1 60  THR 60  1853 1853 THR THR A . n 
A 1 61  SER 61  1854 1854 SER SER A . n 
A 1 62  SER 62  1855 1855 SER SER A . n 
A 1 63  GLU 63  1856 1856 GLU GLU A . n 
A 1 64  GLU 64  1857 1857 GLU GLU A . n 
A 1 65  PHE 65  1858 1858 PHE PHE A . n 
A 1 66  ALA 66  1859 1859 ALA ALA A . n 
A 1 67  ALA 67  1860 1860 ALA ALA A . n 
A 1 68  ASP 68  1861 1861 ASP ASP A . n 
A 1 69  ALA 69  1862 1862 ALA ALA A . n 
A 1 70  LEU 70  1863 1863 LEU LEU A . n 
A 1 71  LEU 71  1864 1864 LEU LEU A . n 
A 1 72  VAL 72  1865 1865 VAL VAL A . n 
A 1 73  PHE 73  1866 1866 PHE PHE A . n 
A 1 74  ASP 74  1867 1867 ASP ASP A . n 
A 1 75  ASN 75  1868 1868 ASN ASN A . n 
A 1 76  CYS 76  1869 1869 CYS CYS A . n 
A 1 77  GLN 77  1870 1870 GLN GLN A . n 
A 1 78  THR 78  1871 1871 THR THR A . n 
A 1 79  PHE 79  1872 1872 PHE PHE A . n 
A 1 80  ASN 80  1873 1873 ASN ASN A . n 
A 1 81  GLU 81  1874 1874 GLU GLU A . n 
A 1 82  ASP 82  1875 1875 ASP ASP A . n 
A 1 83  ASP 83  1876 1876 ASP ASP A . n 
A 1 84  SER 84  1877 1877 SER SER A . n 
A 1 85  GLU 85  1878 1878 GLU GLU A . n 
A 1 86  VAL 86  1879 1879 VAL VAL A . n 
A 1 87  GLY 87  1880 1880 GLY GLY A . n 
A 1 88  LYS 88  1881 1881 LYS LYS A . n 
A 1 89  ALA 89  1882 1882 ALA ALA A . n 
A 1 90  GLY 90  1883 1883 GLY GLY A . n 
A 1 91  HIS 91  1884 1884 HIS HIS A . n 
A 1 92  ILE 92  1885 1885 ILE ILE A . n 
A 1 93  MET 93  1886 1886 MET MET A . n 
A 1 94  ARG 94  1887 1887 ARG ARG A . n 
A 1 95  ARG 95  1888 1888 ARG ARG A . n 
A 1 96  PHE 96  1889 1889 PHE PHE A . n 
A 1 97  PHE 97  1890 1890 PHE PHE A . n 
A 1 98  GLU 98  1891 1891 GLU GLU A . n 
A 1 99  SER 99  1892 1892 SER SER A . n 
A 1 100 ARG 100 1893 1893 ARG ARG A . n 
A 1 101 TRP 101 1894 1894 TRP TRP A . n 
A 1 102 GLU 102 1895 1895 GLU GLU A . n 
A 1 103 GLU 103 1896 1896 GLU GLU A . n 
A 1 104 PHE 104 1897 1897 PHE PHE A . n 
A 1 105 TYR 105 1898 1898 TYR TYR A . n 
# 
loop_
_pdbx_nonpoly_scheme.asym_id 
_pdbx_nonpoly_scheme.entity_id 
_pdbx_nonpoly_scheme.mon_id 
_pdbx_nonpoly_scheme.ndb_seq_num 
_pdbx_nonpoly_scheme.pdb_seq_num 
_pdbx_nonpoly_scheme.auth_seq_num 
_pdbx_nonpoly_scheme.pdb_mon_id 
_pdbx_nonpoly_scheme.auth_mon_id 
_pdbx_nonpoly_scheme.pdb_strand_id 
_pdbx_nonpoly_scheme.pdb_ins_code 
B 2 D8Q 1  1901 1  D8Q EN1 A . 
C 3 HOH 1  2001 9  HOH HOH A . 
C 3 HOH 2  2002 25 HOH HOH A . 
C 3 HOH 3  2003 8  HOH HOH A . 
C 3 HOH 4  2004 29 HOH HOH A . 
C 3 HOH 5  2005 4  HOH HOH A . 
C 3 HOH 6  2006 2  HOH HOH A . 
C 3 HOH 7  2007 11 HOH HOH A . 
C 3 HOH 8  2008 24 HOH HOH A . 
C 3 HOH 9  2009 27 HOH HOH A . 
C 3 HOH 10 2010 36 HOH HOH A . 
C 3 HOH 11 2011 41 HOH HOH A . 
C 3 HOH 12 2012 15 HOH HOH A . 
C 3 HOH 13 2013 12 HOH HOH A . 
C 3 HOH 14 2014 35 HOH HOH A . 
C 3 HOH 15 2015 28 HOH HOH A . 
C 3 HOH 16 2016 14 HOH HOH A . 
C 3 HOH 17 2017 7  HOH HOH A . 
C 3 HOH 18 2018 6  HOH HOH A . 
C 3 HOH 19 2019 10 HOH HOH A . 
C 3 HOH 20 2020 23 HOH HOH A . 
C 3 HOH 21 2021 21 HOH HOH A . 
C 3 HOH 22 2022 5  HOH HOH A . 
C 3 HOH 23 2023 19 HOH HOH A . 
C 3 HOH 24 2024 1  HOH HOH A . 
C 3 HOH 25 2025 42 HOH HOH A . 
C 3 HOH 26 2026 16 HOH HOH A . 
C 3 HOH 27 2027 39 HOH HOH A . 
C 3 HOH 28 2028 38 HOH HOH A . 
C 3 HOH 29 2029 30 HOH HOH A . 
C 3 HOH 30 2030 43 HOH HOH A . 
C 3 HOH 31 2031 32 HOH HOH A . 
C 3 HOH 32 2032 22 HOH HOH A . 
C 3 HOH 33 2033 33 HOH HOH A . 
C 3 HOH 34 2034 13 HOH HOH A . 
C 3 HOH 35 2035 20 HOH HOH A . 
C 3 HOH 36 2036 31 HOH HOH A . 
C 3 HOH 37 2037 17 HOH HOH A . 
C 3 HOH 38 2038 40 HOH HOH A . 
C 3 HOH 39 2039 34 HOH HOH A . 
C 3 HOH 40 2040 18 HOH HOH A . 
C 3 HOH 41 2041 37 HOH HOH A . 
C 3 HOH 42 2042 3  HOH HOH A . 
# 
loop_
_software.citation_id 
_software.classification 
_software.compiler_name 
_software.compiler_version 
_software.contact_author 
_software.contact_author_email 
_software.date 
_software.description 
_software.dependencies 
_software.hardware 
_software.language 
_software.location 
_software.mods 
_software.name 
_software.os 
_software.os_version 
_software.type 
_software.version 
_software.pdbx_ordinal 
? 'data reduction'  ? ? 'Wolfgang Kabsch' Wolfgang.Kabsch@mpimf-heidelberg.mpg.de ?              ? ? ? ?   
http://www.mpimf-heidelberg.mpg.de/~kabsch/xds/     ? XDS         ? ? package .      1 
? 'data scaling'    ? ? 'Phil Evans'      ?                                       29/03/17       ? ? ? ?   
http://www.mrc-lmb.cam.ac.uk/harry/pre/aimless.html ? Aimless     ? ? program 0.5.32 2 
? phasing           ? ? 'Randy J. Read'   cimr-phaser@lists.cam.ac.uk             ?              ? ? ? ?   
http://www-structmed.cimr.cam.ac.uk/phaser/         ? PHASER      ? ? program .      3 
? refinement        ? ? 'Paul D. Adams'   PDAdams@lbl.gov                         ?              ? ? ? C++ 
http://www.phenix-online.org/                       ? PHENIX      ? ? package .      4 
? 'data extraction' ? ? PDB               deposit@deposit.rcsb.org                'Sep. 1, 2017' ? ? ? C++ 
http://sw-tools.pdb.org/apps/PDB_EXTRACT/           ? PDB_EXTRACT ? ? package 3.24   5 
# 
_cell.angle_alpha                  90.000 
_cell.angle_alpha_esd              ? 
_cell.angle_beta                   90.000 
_cell.angle_beta_esd               ? 
_cell.angle_gamma                  120.000 
_cell.angle_gamma_esd              ? 
_cell.entry_id                     6FG6 
_cell.details                      ? 
_cell.formula_units_Z              ? 
_cell.length_a                     95.000 
_cell.length_a_esd                 ? 
_cell.length_b                     95.000 
_cell.length_b_esd                 ? 
_cell.length_c                     32.820 
_cell.length_c_esd                 ? 
_cell.volume                       ? 
_cell.volume_esd                   ? 
_cell.Z_PDB                        6 
_cell.reciprocal_angle_alpha       ? 
_cell.reciprocal_angle_beta        ? 
_cell.reciprocal_angle_gamma       ? 
_cell.reciprocal_angle_alpha_esd   ? 
_cell.reciprocal_angle_beta_esd    ? 
_cell.reciprocal_angle_gamma_esd   ? 
_cell.reciprocal_length_a          ? 
_cell.reciprocal_length_b          ? 
_cell.reciprocal_length_c          ? 
_cell.reciprocal_length_a_esd      ? 
_cell.reciprocal_length_b_esd      ? 
_cell.reciprocal_length_c_esd      ? 
_cell.pdbx_unique_axis             ? 
# 
_symmetry.entry_id                         6FG6 
_symmetry.cell_setting                     ? 
_symmetry.Int_Tables_number                152 
_symmetry.space_group_name_Hall            ? 
_symmetry.space_group_name_H-M             'P 31 2 1' 
_symmetry.pdbx_full_space_group_name_H-M   ? 
# 
_exptl.absorpt_coefficient_mu     ? 
_exptl.absorpt_correction_T_max   ? 
_exptl.absorpt_correction_T_min   ? 
_exptl.absorpt_correction_type    ? 
_exptl.absorpt_process_details    ? 
_exptl.entry_id                   6FG6 
_exptl.crystals_number            1 
_exptl.details                    ? 
_exptl.method                     'X-RAY DIFFRACTION' 
_exptl.method_details             ? 
# 
_exptl_crystal.colour                      ? 
_exptl_crystal.density_diffrn              ? 
_exptl_crystal.density_Matthews            3.52 
_exptl_crystal.density_method              ? 
_exptl_crystal.density_percent_sol         65.01 
_exptl_crystal.description                 ? 
_exptl_crystal.F_000                       ? 
_exptl_crystal.id                          1 
_exptl_crystal.preparation                 ? 
_exptl_crystal.size_max                    ? 
_exptl_crystal.size_mid                    ? 
_exptl_crystal.size_min                    ? 
_exptl_crystal.size_rad                    ? 
_exptl_crystal.colour_lustre               ? 
_exptl_crystal.colour_modifier             ? 
_exptl_crystal.colour_primary              ? 
_exptl_crystal.density_meas                ? 
_exptl_crystal.density_meas_esd            ? 
_exptl_crystal.density_meas_gt             ? 
_exptl_crystal.density_meas_lt             ? 
_exptl_crystal.density_meas_temp           ? 
_exptl_crystal.density_meas_temp_esd       ? 
_exptl_crystal.density_meas_temp_gt        ? 
_exptl_crystal.density_meas_temp_lt        ? 
_exptl_crystal.pdbx_crystal_image_url      ? 
_exptl_crystal.pdbx_crystal_image_format   ? 
_exptl_crystal.pdbx_mosaicity              0.200 
_exptl_crystal.pdbx_mosaicity_esd          ? 
# 
_exptl_crystal_grow.apparatus       ? 
_exptl_crystal_grow.atmosphere      ? 
_exptl_crystal_grow.crystal_id      1 
_exptl_crystal_grow.details         ? 
_exptl_crystal_grow.method          'VAPOR DIFFUSION, SITTING DROP' 
_exptl_crystal_grow.method_ref      ? 
_exptl_crystal_grow.pH              7.5 
_exptl_crystal_grow.pressure        ? 
_exptl_crystal_grow.pressure_esd    ? 
_exptl_crystal_grow.seeding         ? 
_exptl_crystal_grow.seeding_ref     ? 
_exptl_crystal_grow.temp            277 
_exptl_crystal_grow.temp_details    ? 
_exptl_crystal_grow.temp_esd        ? 
_exptl_crystal_grow.time            ? 
_exptl_crystal_grow.pdbx_details    '20% PEG3350, 0.2 M MgCl2' 
_exptl_crystal_grow.pdbx_pH_range   ? 
# 
_diffrn.ambient_environment    ? 
_diffrn.ambient_temp           100 
_diffrn.ambient_temp_details   ? 
_diffrn.ambient_temp_esd       ? 
_diffrn.crystal_id             1 
_diffrn.crystal_support        ? 
_diffrn.crystal_treatment      ? 
_diffrn.details                ? 
_diffrn.id                     1 
_diffrn.ambient_pressure       ? 
_diffrn.ambient_pressure_esd   ? 
_diffrn.ambient_pressure_gt    ? 
_diffrn.ambient_pressure_lt    ? 
_diffrn.ambient_temp_gt        ? 
_diffrn.ambient_temp_lt        ? 
# 
_diffrn_detector.details                      ? 
_diffrn_detector.detector                     PIXEL 
_diffrn_detector.diffrn_id                    1 
_diffrn_detector.type                         'DECTRIS PILATUS 2M' 
_diffrn_detector.area_resol_mean              ? 
_diffrn_detector.dtime                        ? 
_diffrn_detector.pdbx_frames_total            ? 
_diffrn_detector.pdbx_collection_time_total   ? 
_diffrn_detector.pdbx_collection_date         2017-07-05 
# 
_diffrn_radiation.collimation                      ? 
_diffrn_radiation.diffrn_id                        1 
_diffrn_radiation.filter_edge                      ? 
_diffrn_radiation.inhomogeneity                    ? 
_diffrn_radiation.monochromator                    ? 
_diffrn_radiation.polarisn_norm                    ? 
_diffrn_radiation.polarisn_ratio                   ? 
_diffrn_radiation.probe                            ? 
_diffrn_radiation.type                             ? 
_diffrn_radiation.xray_symbol                      ? 
_diffrn_radiation.wavelength_id                    1 
_diffrn_radiation.pdbx_monochromatic_or_laue_m_l   M 
_diffrn_radiation.pdbx_wavelength_list             ? 
_diffrn_radiation.pdbx_wavelength                  ? 
_diffrn_radiation.pdbx_diffrn_protocol             'SINGLE WAVELENGTH' 
_diffrn_radiation.pdbx_analyzer                    ? 
_diffrn_radiation.pdbx_scattering_type             x-ray 
# 
_diffrn_radiation_wavelength.id           1 
_diffrn_radiation_wavelength.wavelength   1.00 
_diffrn_radiation_wavelength.wt           1.0 
# 
_diffrn_source.current                     ? 
_diffrn_source.details                     ? 
_diffrn_source.diffrn_id                   1 
_diffrn_source.power                       ? 
_diffrn_source.size                        ? 
_diffrn_source.source                      SYNCHROTRON 
_diffrn_source.target                      ? 
_diffrn_source.type                        'ELETTRA BEAMLINE 5.2R' 
_diffrn_source.voltage                     ? 
_diffrn_source.take-off_angle              ? 
_diffrn_source.pdbx_wavelength_list        1.00 
_diffrn_source.pdbx_wavelength             ? 
_diffrn_source.pdbx_synchrotron_beamline   5.2R 
_diffrn_source.pdbx_synchrotron_site       ELETTRA 
# 
_reflns.B_iso_Wilson_estimate            ? 
_reflns.entry_id                         6FG6 
_reflns.data_reduction_details           ? 
_reflns.data_reduction_method            ? 
_reflns.d_resolution_high                2.400 
_reflns.d_resolution_low                 47.500 
_reflns.details                          ? 
_reflns.limit_h_max                      ? 
_reflns.limit_h_min                      ? 
_reflns.limit_k_max                      ? 
_reflns.limit_k_min                      ? 
_reflns.limit_l_max                      ? 
_reflns.limit_l_min                      ? 
_reflns.number_all                       ? 
_reflns.number_obs                       6850 
_reflns.observed_criterion               ? 
_reflns.observed_criterion_F_max         ? 
_reflns.observed_criterion_F_min         ? 
_reflns.observed_criterion_I_max         ? 
_reflns.observed_criterion_I_min         ? 
_reflns.observed_criterion_sigma_F       ? 
_reflns.observed_criterion_sigma_I       ? 
_reflns.percent_possible_obs             100.000 
_reflns.R_free_details                   ? 
_reflns.Rmerge_F_all                     ? 
_reflns.Rmerge_F_obs                     ? 
_reflns.Friedel_coverage                 ? 
_reflns.number_gt                        ? 
_reflns.threshold_expression             ? 
_reflns.pdbx_redundancy                  9.900 
_reflns.pdbx_Rmerge_I_obs                0.195 
_reflns.pdbx_Rmerge_I_all                ? 
_reflns.pdbx_Rsym_value                  ? 
_reflns.pdbx_netI_over_av_sigmaI         ? 
_reflns.pdbx_netI_over_sigmaI            10.000 
_reflns.pdbx_res_netI_over_av_sigmaI_2   ? 
_reflns.pdbx_res_netI_over_sigmaI_2      ? 
_reflns.pdbx_chi_squared                 ? 
_reflns.pdbx_scaling_rejects             ? 
_reflns.pdbx_d_res_high_opt              ? 
_reflns.pdbx_d_res_low_opt               ? 
_reflns.pdbx_d_res_opt_method            ? 
_reflns.phase_calculation_details        ? 
_reflns.pdbx_Rrim_I_all                  0.206 
_reflns.pdbx_Rpim_I_all                  0.065 
_reflns.pdbx_d_opt                       ? 
_reflns.pdbx_number_measured_all         68027 
_reflns.pdbx_diffrn_id                   1 
_reflns.pdbx_ordinal                     1 
_reflns.pdbx_CC_half                     0.997 
_reflns.pdbx_R_split                     ? 
# 
loop_
_reflns_shell.d_res_high 
_reflns_shell.d_res_low 
_reflns_shell.meanI_over_sigI_all 
_reflns_shell.meanI_over_sigI_obs 
_reflns_shell.number_measured_all 
_reflns_shell.number_measured_obs 
_reflns_shell.number_possible 
_reflns_shell.number_unique_all 
_reflns_shell.number_unique_obs 
_reflns_shell.percent_possible_all 
_reflns_shell.percent_possible_obs 
_reflns_shell.Rmerge_F_all 
_reflns_shell.Rmerge_F_obs 
_reflns_shell.Rmerge_I_all 
_reflns_shell.Rmerge_I_obs 
_reflns_shell.meanI_over_sigI_gt 
_reflns_shell.meanI_over_uI_all 
_reflns_shell.meanI_over_uI_gt 
_reflns_shell.number_measured_gt 
_reflns_shell.number_unique_gt 
_reflns_shell.percent_possible_gt 
_reflns_shell.Rmerge_F_gt 
_reflns_shell.Rmerge_I_gt 
_reflns_shell.pdbx_redundancy 
_reflns_shell.pdbx_Rsym_value 
_reflns_shell.pdbx_chi_squared 
_reflns_shell.pdbx_netI_over_sigmaI_all 
_reflns_shell.pdbx_netI_over_sigmaI_obs 
_reflns_shell.pdbx_Rrim_I_all 
_reflns_shell.pdbx_Rpim_I_all 
_reflns_shell.pdbx_rejects 
_reflns_shell.pdbx_ordinal 
_reflns_shell.pdbx_diffrn_id 
_reflns_shell.pdbx_CC_half 
_reflns_shell.pdbx_R_split 
2.400 2.490  ? ? ? ? ? ? 705 100.000 ? ? ? ? 1.294 ? ? ? ? ? ? ? ? 10.300 ? ? ? ? 1.361 0.420 ? 1 1 0.859 ? 
8.980 47.500 ? ? ? ? ? ? 152 99.500  ? ? ? ? 0.050 ? ? ? ? ? ? ? ? 9.200  ? ? ? ? 0.054 0.018 ? 2 1 0.999 ? 
# 
_refine.aniso_B[1][1]                            ? 
_refine.aniso_B[1][2]                            ? 
_refine.aniso_B[1][3]                            ? 
_refine.aniso_B[2][2]                            ? 
_refine.aniso_B[2][3]                            ? 
_refine.aniso_B[3][3]                            ? 
_refine.B_iso_max                                103.090 
_refine.B_iso_mean                               49.0027 
_refine.B_iso_min                                22.490 
_refine.correlation_coeff_Fo_to_Fc               ? 
_refine.correlation_coeff_Fo_to_Fc_free          ? 
_refine.details                                  ? 
_refine.diff_density_max                         ? 
_refine.diff_density_max_esd                     ? 
_refine.diff_density_min                         ? 
_refine.diff_density_min_esd                     ? 
_refine.diff_density_rms                         ? 
_refine.diff_density_rms_esd                     ? 
_refine.entry_id                                 6FG6 
_refine.pdbx_refine_id                           'X-RAY DIFFRACTION' 
_refine.ls_abs_structure_details                 ? 
_refine.ls_abs_structure_Flack                   ? 
_refine.ls_abs_structure_Flack_esd               ? 
_refine.ls_abs_structure_Rogers                  ? 
_refine.ls_abs_structure_Rogers_esd              ? 
_refine.ls_d_res_high                            2.4010 
_refine.ls_d_res_low                             41.1360 
_refine.ls_extinction_coef                       ? 
_refine.ls_extinction_coef_esd                   ? 
_refine.ls_extinction_expression                 ? 
_refine.ls_extinction_method                     ? 
_refine.ls_goodness_of_fit_all                   ? 
_refine.ls_goodness_of_fit_all_esd               ? 
_refine.ls_goodness_of_fit_obs                   ? 
_refine.ls_goodness_of_fit_obs_esd               ? 
_refine.ls_hydrogen_treatment                    ? 
_refine.ls_matrix_type                           ? 
_refine.ls_number_constraints                    ? 
_refine.ls_number_parameters                     ? 
_refine.ls_number_reflns_all                     ? 
_refine.ls_number_reflns_obs                     6831 
_refine.ls_number_reflns_R_free                  301 
_refine.ls_number_reflns_R_work                  ? 
_refine.ls_number_restraints                     ? 
_refine.ls_percent_reflns_obs                    99.8800 
_refine.ls_percent_reflns_R_free                 4.4100 
_refine.ls_R_factor_all                          ? 
_refine.ls_R_factor_obs                          0.2195 
_refine.ls_R_factor_R_free                       0.2456 
_refine.ls_R_factor_R_free_error                 ? 
_refine.ls_R_factor_R_free_error_details         ? 
_refine.ls_R_factor_R_work                       0.2184 
_refine.ls_R_Fsqd_factor_obs                     ? 
_refine.ls_R_I_factor_obs                        ? 
_refine.ls_redundancy_reflns_all                 ? 
_refine.ls_redundancy_reflns_obs                 ? 
_refine.ls_restrained_S_all                      ? 
_refine.ls_restrained_S_obs                      ? 
_refine.ls_shift_over_esd_max                    ? 
_refine.ls_shift_over_esd_mean                   ? 
_refine.ls_structure_factor_coef                 ? 
_refine.ls_weighting_details                     ? 
_refine.ls_weighting_scheme                      ? 
_refine.ls_wR_factor_all                         ? 
_refine.ls_wR_factor_obs                         ? 
_refine.ls_wR_factor_R_free                      ? 
_refine.ls_wR_factor_R_work                      ? 
_refine.occupancy_max                            ? 
_refine.occupancy_min                            ? 
_refine.solvent_model_details                    ? 
_refine.solvent_model_param_bsol                 ? 
_refine.solvent_model_param_ksol                 ? 
_refine.ls_R_factor_gt                           ? 
_refine.ls_goodness_of_fit_gt                    ? 
_refine.ls_goodness_of_fit_ref                   ? 
_refine.ls_shift_over_su_max                     ? 
_refine.ls_shift_over_su_max_lt                  ? 
_refine.ls_shift_over_su_mean                    ? 
_refine.ls_shift_over_su_mean_lt                 ? 
_refine.pdbx_ls_sigma_I                          ? 
_refine.pdbx_ls_sigma_F                          1.340 
_refine.pdbx_ls_sigma_Fsqd                       ? 
_refine.pdbx_data_cutoff_high_absF               ? 
_refine.pdbx_data_cutoff_high_rms_absF           ? 
_refine.pdbx_data_cutoff_low_absF                ? 
_refine.pdbx_isotropic_thermal_model             ? 
_refine.pdbx_ls_cross_valid_method               THROUGHOUT 
_refine.pdbx_method_to_determine_struct          'MOLECULAR REPLACEMENT' 
_refine.pdbx_starting_model                      5MGJ 
_refine.pdbx_stereochemistry_target_values       ? 
_refine.pdbx_R_Free_selection_details            ? 
_refine.pdbx_stereochem_target_val_spec_case     ? 
_refine.pdbx_overall_ESU_R                       ? 
_refine.pdbx_overall_ESU_R_Free                  ? 
_refine.pdbx_solvent_vdw_probe_radii             1.1100 
_refine.pdbx_solvent_ion_probe_radii             ? 
_refine.pdbx_solvent_shrinkage_radii             0.9000 
_refine.pdbx_real_space_R                        ? 
_refine.pdbx_density_correlation                 ? 
_refine.pdbx_pd_number_of_powder_patterns        ? 
_refine.pdbx_pd_number_of_points                 ? 
_refine.pdbx_pd_meas_number_of_points            ? 
_refine.pdbx_pd_proc_ls_prof_R_factor            ? 
_refine.pdbx_pd_proc_ls_prof_wR_factor           ? 
_refine.pdbx_pd_Marquardt_correlation_coeff      ? 
_refine.pdbx_pd_Fsqrd_R_factor                   ? 
_refine.pdbx_pd_ls_matrix_band_width             ? 
_refine.pdbx_overall_phase_error                 28.1300 
_refine.pdbx_overall_SU_R_free_Cruickshank_DPI   ? 
_refine.pdbx_overall_SU_R_free_Blow_DPI          ? 
_refine.pdbx_overall_SU_R_Blow_DPI               ? 
_refine.pdbx_TLS_residual_ADP_flag               ? 
_refine.pdbx_diffrn_id                           1 
_refine.overall_SU_B                             ? 
_refine.overall_SU_ML                            0.3100 
_refine.overall_SU_R_Cruickshank_DPI             ? 
_refine.overall_SU_R_free                        ? 
_refine.overall_FOM_free_R_set                   ? 
_refine.overall_FOM_work_R_set                   ? 
_refine.pdbx_average_fsc_overall                 ? 
_refine.pdbx_average_fsc_work                    ? 
_refine.pdbx_average_fsc_free                    ? 
# 
_refine_hist.cycle_id                         final 
_refine_hist.pdbx_refine_id                   'X-RAY DIFFRACTION' 
_refine_hist.d_res_high                       2.4010 
_refine_hist.d_res_low                        41.1360 
_refine_hist.pdbx_number_atoms_ligand         14 
_refine_hist.number_atoms_solvent             42 
_refine_hist.number_atoms_total               909 
_refine_hist.pdbx_number_residues_total       103 
_refine_hist.pdbx_B_iso_mean_ligand           43.18 
_refine_hist.pdbx_B_iso_mean_solvent          45.50 
_refine_hist.pdbx_number_atoms_protein        853 
_refine_hist.pdbx_number_atoms_nucleic_acid   0 
# 
loop_
_refine_ls_restr.pdbx_refine_id 
_refine_ls_restr.criterion 
_refine_ls_restr.dev_ideal 
_refine_ls_restr.dev_ideal_target 
_refine_ls_restr.number 
_refine_ls_restr.rejects 
_refine_ls_restr.type 
_refine_ls_restr.weight 
_refine_ls_restr.pdbx_restraint_function 
'X-RAY DIFFRACTION' ? 0.003  ? 889  ? f_bond_d           ? ? 
'X-RAY DIFFRACTION' ? 0.546  ? 1197 ? f_angle_d          ? ? 
'X-RAY DIFFRACTION' ? 0.036  ? 119  ? f_chiral_restr     ? ? 
'X-RAY DIFFRACTION' ? 0.003  ? 158  ? f_plane_restr      ? ? 
'X-RAY DIFFRACTION' ? 14.029 ? 523  ? f_dihedral_angle_d ? ? 
# 
loop_
_refine_ls_shell.pdbx_refine_id 
_refine_ls_shell.d_res_high 
_refine_ls_shell.d_res_low 
_refine_ls_shell.number_reflns_all 
_refine_ls_shell.number_reflns_obs 
_refine_ls_shell.number_reflns_R_free 
_refine_ls_shell.number_reflns_R_work 
_refine_ls_shell.percent_reflns_obs 
_refine_ls_shell.percent_reflns_R_free 
_refine_ls_shell.R_factor_all 
_refine_ls_shell.R_factor_obs 
_refine_ls_shell.R_factor_R_free 
_refine_ls_shell.R_factor_R_free_error 
_refine_ls_shell.R_factor_R_work 
_refine_ls_shell.redundancy_reflns_all 
_refine_ls_shell.redundancy_reflns_obs 
_refine_ls_shell.wR_factor_all 
_refine_ls_shell.wR_factor_obs 
_refine_ls_shell.wR_factor_R_free 
_refine_ls_shell.wR_factor_R_work 
_refine_ls_shell.pdbx_total_number_of_bins_used 
_refine_ls_shell.pdbx_phase_error 
_refine_ls_shell.pdbx_fsc_work 
_refine_ls_shell.pdbx_fsc_free 
'X-RAY DIFFRACTION' 2.4009 3.0247  3355 . 149 3206 100.0000 . . . 0.3395 0.0000 0.2818 . . . . . . 2 . . . 
'X-RAY DIFFRACTION' 3.0247 41.1422 3476 . 152 3324 100.0000 . . . 0.2106 0.0000 0.1970 . . . . . . 2 . . . 
# 
_struct.entry_id                     6FG6 
_struct.title                        'Crystal Structure of BAZ2A bromodomain in complex with 1-methylpyridinone compound 1' 
_struct.pdbx_model_details           ? 
_struct.pdbx_formula_weight          ? 
_struct.pdbx_formula_weight_method   ? 
_struct.pdbx_model_type_details      ? 
_struct.pdbx_CASP_flag               N 
# 
_struct_keywords.entry_id        6FG6 
_struct_keywords.text            'four helical bundle, transcription' 
_struct_keywords.pdbx_keywords   TRANSCRIPTION 
# 
loop_
_struct_asym.id 
_struct_asym.pdbx_blank_PDB_chainid_flag 
_struct_asym.pdbx_modified 
_struct_asym.entity_id 
_struct_asym.details 
A N N 1 ? 
B N N 2 ? 
C N N 3 ? 
# 
_struct_ref.id                         1 
_struct_ref.db_name                    UNP 
_struct_ref.db_code                    BAZ2A_HUMAN 
_struct_ref.pdbx_db_accession          Q9UIF9 
_struct_ref.pdbx_db_isoform            ? 
_struct_ref.entity_id                  1 
_struct_ref.pdbx_seq_one_letter_code   
;HSDLTFCEIILMEMESHDAAWPFLEPVNPRLVSGYRRIIKNPMDFSTMRERLLRGGYTSSEEFAADALLVFDNCQTFNED
DSEVGKAGHIMRRFFESRWEEFY
;
_struct_ref.pdbx_align_begin           1796 
# 
_struct_ref_seq.align_id                      1 
_struct_ref_seq.ref_id                        1 
_struct_ref_seq.pdbx_PDB_id_code              6FG6 
_struct_ref_seq.pdbx_strand_id                A 
_struct_ref_seq.seq_align_beg                 3 
_struct_ref_seq.pdbx_seq_align_beg_ins_code   ? 
_struct_ref_seq.seq_align_end                 105 
_struct_ref_seq.pdbx_seq_align_end_ins_code   ? 
_struct_ref_seq.pdbx_db_accession             Q9UIF9 
_struct_ref_seq.db_align_beg                  1796 
_struct_ref_seq.pdbx_db_align_beg_ins_code    ? 
_struct_ref_seq.db_align_end                  1898 
_struct_ref_seq.pdbx_db_align_end_ins_code    ? 
_struct_ref_seq.pdbx_auth_seq_align_beg       1796 
_struct_ref_seq.pdbx_auth_seq_align_end       1898 
# 
loop_
_struct_ref_seq_dif.align_id 
_struct_ref_seq_dif.pdbx_pdb_id_code 
_struct_ref_seq_dif.mon_id 
_struct_ref_seq_dif.pdbx_pdb_strand_id 
_struct_ref_seq_dif.seq_num 
_struct_ref_seq_dif.pdbx_pdb_ins_code 
_struct_ref_seq_dif.pdbx_seq_db_name 
_struct_ref_seq_dif.pdbx_seq_db_accession_code 
_struct_ref_seq_dif.db_mon_id 
_struct_ref_seq_dif.pdbx_seq_db_seq_num 
_struct_ref_seq_dif.details 
_struct_ref_seq_dif.pdbx_auth_seq_num 
_struct_ref_seq_dif.pdbx_ordinal 
1 6FG6 SER A 1 ? UNP Q9UIF9 ? ? 'expression tag' 1794 1 
1 6FG6 MET A 2 ? UNP Q9UIF9 ? ? 'expression tag' 1795 2 
# 
_pdbx_struct_assembly.id                   1 
_pdbx_struct_assembly.details              author_and_software_defined_assembly 
_pdbx_struct_assembly.method_details       PISA 
_pdbx_struct_assembly.oligomeric_details   monomeric 
_pdbx_struct_assembly.oligomeric_count     1 
# 
loop_
_pdbx_struct_assembly_prop.biol_id 
_pdbx_struct_assembly_prop.type 
_pdbx_struct_assembly_prop.value 
_pdbx_struct_assembly_prop.details 
1 'ABSA (A^2)' 0    ? 
1 MORE         0    ? 
1 'SSA (A^2)'  6350 ? 
# 
_pdbx_struct_assembly_gen.assembly_id       1 
_pdbx_struct_assembly_gen.oper_expression   1 
_pdbx_struct_assembly_gen.asym_id_list      A,B,C 
# 
_pdbx_struct_assembly_auth_evidence.id                     1 
_pdbx_struct_assembly_auth_evidence.assembly_id            1 
_pdbx_struct_assembly_auth_evidence.experimental_support   'gel filtration' 
_pdbx_struct_assembly_auth_evidence.details                ? 
# 
_pdbx_struct_oper_list.id                   1 
_pdbx_struct_oper_list.type                 'identity operation' 
_pdbx_struct_oper_list.name                 1_555 
_pdbx_struct_oper_list.symmetry_operation   x,y,z 
_pdbx_struct_oper_list.matrix[1][1]         1.0000000000 
_pdbx_struct_oper_list.matrix[1][2]         0.0000000000 
_pdbx_struct_oper_list.matrix[1][3]         0.0000000000 
_pdbx_struct_oper_list.vector[1]            0.0000000000 
_pdbx_struct_oper_list.matrix[2][1]         0.0000000000 
_pdbx_struct_oper_list.matrix[2][2]         1.0000000000 
_pdbx_struct_oper_list.matrix[2][3]         0.0000000000 
_pdbx_struct_oper_list.vector[2]            0.0000000000 
_pdbx_struct_oper_list.matrix[3][1]         0.0000000000 
_pdbx_struct_oper_list.matrix[3][2]         0.0000000000 
_pdbx_struct_oper_list.matrix[3][3]         1.0000000000 
_pdbx_struct_oper_list.vector[3]            0.0000000000 
# 
loop_
_struct_conf.conf_type_id 
_struct_conf.id 
_struct_conf.pdbx_PDB_helix_id 
_struct_conf.beg_label_comp_id 
_struct_conf.beg_label_asym_id 
_struct_conf.beg_label_seq_id 
_struct_conf.pdbx_beg_PDB_ins_code 
_struct_conf.end_label_comp_id 
_struct_conf.end_label_asym_id 
_struct_conf.end_label_seq_id 
_struct_conf.pdbx_end_PDB_ins_code 
_struct_conf.beg_auth_comp_id 
_struct_conf.beg_auth_asym_id 
_struct_conf.beg_auth_seq_id 
_struct_conf.end_auth_comp_id 
_struct_conf.end_auth_asym_id 
_struct_conf.end_auth_seq_id 
_struct_conf.pdbx_PDB_helix_class 
_struct_conf.details 
_struct_conf.pdbx_PDB_helix_length 
HELX_P HELX_P1 AA1 HIS A 3  ? SER A 18  ? HIS A 1796 SER A 1811 1 ? 16 
HELX_P HELX_P2 AA2 HIS A 19 ? TRP A 23  ? HIS A 1812 TRP A 1816 5 ? 5  
HELX_P HELX_P3 AA3 GLY A 36 ? ILE A 41  ? GLY A 1829 ILE A 1834 1 ? 6  
HELX_P HELX_P4 AA4 ASP A 46 ? ARG A 56  ? ASP A 1839 ARG A 1849 1 ? 11 
HELX_P HELX_P5 AA5 SER A 61 ? ASN A 80  ? SER A 1854 ASN A 1873 1 ? 20 
HELX_P HELX_P6 AA6 SER A 84 ? GLU A 103 ? SER A 1877 GLU A 1896 1 ? 20 
# 
_struct_conf_type.id          HELX_P 
_struct_conf_type.criteria    ? 
_struct_conf_type.reference   ? 
# 
_struct_site.id                   AC1 
_struct_site.pdbx_evidence_code   Software 
_struct_site.pdbx_auth_asym_id    A 
_struct_site.pdbx_auth_comp_id    D8Q 
_struct_site.pdbx_auth_seq_id     1901 
_struct_site.pdbx_auth_ins_code   ? 
_struct_site.pdbx_num_residues    6 
_struct_site.details              'binding site for residue D8Q A 1901' 
# 
loop_
_struct_site_gen.id 
_struct_site_gen.site_id 
_struct_site_gen.pdbx_num_res 
_struct_site_gen.label_comp_id 
_struct_site_gen.label_asym_id 
_struct_site_gen.label_seq_id 
_struct_site_gen.pdbx_auth_ins_code 
_struct_site_gen.auth_comp_id 
_struct_site_gen.auth_asym_id 
_struct_site_gen.auth_seq_id 
_struct_site_gen.label_atom_id 
_struct_site_gen.label_alt_id 
_struct_site_gen.symmetry 
_struct_site_gen.details 
1 AC1 6 PRO A 24 ? PRO A 1817 . ? 1_555 ? 
2 AC1 6 VAL A 29 ? VAL A 1822 . ? 1_555 ? 
3 AC1 6 TYR A 37 ? TYR A 1830 . ? 1_555 ? 
4 AC1 6 ASN A 80 ? ASN A 1873 . ? 1_555 ? 
5 AC1 6 VAL A 86 ? VAL A 1879 . ? 1_555 ? 
6 AC1 6 HOH C .  ? HOH A 2005 . ? 1_555 ? 
# 
_phasing.method   MR 
# 
loop_
_pdbx_unobs_or_zero_occ_residues.id 
_pdbx_unobs_or_zero_occ_residues.PDB_model_num 
_pdbx_unobs_or_zero_occ_residues.polymer_flag 
_pdbx_unobs_or_zero_occ_residues.occupancy_flag 
_pdbx_unobs_or_zero_occ_residues.auth_asym_id 
_pdbx_unobs_or_zero_occ_residues.auth_comp_id 
_pdbx_unobs_or_zero_occ_residues.auth_seq_id 
_pdbx_unobs_or_zero_occ_residues.PDB_ins_code 
_pdbx_unobs_or_zero_occ_residues.label_asym_id 
_pdbx_unobs_or_zero_occ_residues.label_comp_id 
_pdbx_unobs_or_zero_occ_residues.label_seq_id 
1 1 Y 1 A SER 1794 ? A SER 1 
2 1 Y 1 A MET 1795 ? A MET 2 
# 
loop_
_chem_comp_atom.comp_id 
_chem_comp_atom.atom_id 
_chem_comp_atom.type_symbol 
_chem_comp_atom.pdbx_aromatic_flag 
_chem_comp_atom.pdbx_stereo_config 
_chem_comp_atom.pdbx_ordinal 
ALA N    N N N 1   
ALA CA   C N S 2   
ALA C    C N N 3   
ALA O    O N N 4   
ALA CB   C N N 5   
ALA OXT  O N N 6   
ALA H    H N N 7   
ALA H2   H N N 8   
ALA HA   H N N 9   
ALA HB1  H N N 10  
ALA HB2  H N N 11  
ALA HB3  H N N 12  
ALA HXT  H N N 13  
ARG N    N N N 14  
ARG CA   C N S 15  
ARG C    C N N 16  
ARG O    O N N 17  
ARG CB   C N N 18  
ARG CG   C N N 19  
ARG CD   C N N 20  
ARG NE   N N N 21  
ARG CZ   C N N 22  
ARG NH1  N N N 23  
ARG NH2  N N N 24  
ARG OXT  O N N 25  
ARG H    H N N 26  
ARG H2   H N N 27  
ARG HA   H N N 28  
ARG HB2  H N N 29  
ARG HB3  H N N 30  
ARG HG2  H N N 31  
ARG HG3  H N N 32  
ARG HD2  H N N 33  
ARG HD3  H N N 34  
ARG HE   H N N 35  
ARG HH11 H N N 36  
ARG HH12 H N N 37  
ARG HH21 H N N 38  
ARG HH22 H N N 39  
ARG HXT  H N N 40  
ASN N    N N N 41  
ASN CA   C N S 42  
ASN C    C N N 43  
ASN O    O N N 44  
ASN CB   C N N 45  
ASN CG   C N N 46  
ASN OD1  O N N 47  
ASN ND2  N N N 48  
ASN OXT  O N N 49  
ASN H    H N N 50  
ASN H2   H N N 51  
ASN HA   H N N 52  
ASN HB2  H N N 53  
ASN HB3  H N N 54  
ASN HD21 H N N 55  
ASN HD22 H N N 56  
ASN HXT  H N N 57  
ASP N    N N N 58  
ASP CA   C N S 59  
ASP C    C N N 60  
ASP O    O N N 61  
ASP CB   C N N 62  
ASP CG   C N N 63  
ASP OD1  O N N 64  
ASP OD2  O N N 65  
ASP OXT  O N N 66  
ASP H    H N N 67  
ASP H2   H N N 68  
ASP HA   H N N 69  
ASP HB2  H N N 70  
ASP HB3  H N N 71  
ASP HD2  H N N 72  
ASP HXT  H N N 73  
CYS N    N N N 74  
CYS CA   C N R 75  
CYS C    C N N 76  
CYS O    O N N 77  
CYS CB   C N N 78  
CYS SG   S N N 79  
CYS OXT  O N N 80  
CYS H    H N N 81  
CYS H2   H N N 82  
CYS HA   H N N 83  
CYS HB2  H N N 84  
CYS HB3  H N N 85  
CYS HG   H N N 86  
CYS HXT  H N N 87  
D8Q C01  C N N 88  
D8Q C03  C N N 89  
D8Q C04  C N N 90  
D8Q C05  C N N 91  
D8Q C06  C N N 92  
D8Q C07  C N N 93  
D8Q C09  C N N 94  
D8Q C12  C N N 95  
D8Q C13  C N N 96  
D8Q N02  N N N 97  
D8Q N11  N N N 98  
D8Q N14  N N N 99  
D8Q O08  O N N 100 
D8Q O10  O N N 101 
D8Q H1   H N N 102 
D8Q H2   H N N 103 
D8Q H3   H N N 104 
D8Q H4   H N N 105 
D8Q H5   H N N 106 
D8Q H6   H N N 107 
D8Q H7   H N N 108 
D8Q H8   H N N 109 
D8Q H9   H N N 110 
D8Q H10  H N N 111 
D8Q H11  H N N 112 
D8Q H12  H N N 113 
D8Q H13  H N N 114 
GLN N    N N N 115 
GLN CA   C N S 116 
GLN C    C N N 117 
GLN O    O N N 118 
GLN CB   C N N 119 
GLN CG   C N N 120 
GLN CD   C N N 121 
GLN OE1  O N N 122 
GLN NE2  N N N 123 
GLN OXT  O N N 124 
GLN H    H N N 125 
GLN H2   H N N 126 
GLN HA   H N N 127 
GLN HB2  H N N 128 
GLN HB3  H N N 129 
GLN HG2  H N N 130 
GLN HG3  H N N 131 
GLN HE21 H N N 132 
GLN HE22 H N N 133 
GLN HXT  H N N 134 
GLU N    N N N 135 
GLU CA   C N S 136 
GLU C    C N N 137 
GLU O    O N N 138 
GLU CB   C N N 139 
GLU CG   C N N 140 
GLU CD   C N N 141 
GLU OE1  O N N 142 
GLU OE2  O N N 143 
GLU OXT  O N N 144 
GLU H    H N N 145 
GLU H2   H N N 146 
GLU HA   H N N 147 
GLU HB2  H N N 148 
GLU HB3  H N N 149 
GLU HG2  H N N 150 
GLU HG3  H N N 151 
GLU HE2  H N N 152 
GLU HXT  H N N 153 
GLY N    N N N 154 
GLY CA   C N N 155 
GLY C    C N N 156 
GLY O    O N N 157 
GLY OXT  O N N 158 
GLY H    H N N 159 
GLY H2   H N N 160 
GLY HA2  H N N 161 
GLY HA3  H N N 162 
GLY HXT  H N N 163 
HIS N    N N N 164 
HIS CA   C N S 165 
HIS C    C N N 166 
HIS O    O N N 167 
HIS CB   C N N 168 
HIS CG   C Y N 169 
HIS ND1  N Y N 170 
HIS CD2  C Y N 171 
HIS CE1  C Y N 172 
HIS NE2  N Y N 173 
HIS OXT  O N N 174 
HIS H    H N N 175 
HIS H2   H N N 176 
HIS HA   H N N 177 
HIS HB2  H N N 178 
HIS HB3  H N N 179 
HIS HD1  H N N 180 
HIS HD2  H N N 181 
HIS HE1  H N N 182 
HIS HE2  H N N 183 
HIS HXT  H N N 184 
HOH O    O N N 185 
HOH H1   H N N 186 
HOH H2   H N N 187 
ILE N    N N N 188 
ILE CA   C N S 189 
ILE C    C N N 190 
ILE O    O N N 191 
ILE CB   C N S 192 
ILE CG1  C N N 193 
ILE CG2  C N N 194 
ILE CD1  C N N 195 
ILE OXT  O N N 196 
ILE H    H N N 197 
ILE H2   H N N 198 
ILE HA   H N N 199 
ILE HB   H N N 200 
ILE HG12 H N N 201 
ILE HG13 H N N 202 
ILE HG21 H N N 203 
ILE HG22 H N N 204 
ILE HG23 H N N 205 
ILE HD11 H N N 206 
ILE HD12 H N N 207 
ILE HD13 H N N 208 
ILE HXT  H N N 209 
LEU N    N N N 210 
LEU CA   C N S 211 
LEU C    C N N 212 
LEU O    O N N 213 
LEU CB   C N N 214 
LEU CG   C N N 215 
LEU CD1  C N N 216 
LEU CD2  C N N 217 
LEU OXT  O N N 218 
LEU H    H N N 219 
LEU H2   H N N 220 
LEU HA   H N N 221 
LEU HB2  H N N 222 
LEU HB3  H N N 223 
LEU HG   H N N 224 
LEU HD11 H N N 225 
LEU HD12 H N N 226 
LEU HD13 H N N 227 
LEU HD21 H N N 228 
LEU HD22 H N N 229 
LEU HD23 H N N 230 
LEU HXT  H N N 231 
LYS N    N N N 232 
LYS CA   C N S 233 
LYS C    C N N 234 
LYS O    O N N 235 
LYS CB   C N N 236 
LYS CG   C N N 237 
LYS CD   C N N 238 
LYS CE   C N N 239 
LYS NZ   N N N 240 
LYS OXT  O N N 241 
LYS H    H N N 242 
LYS H2   H N N 243 
LYS HA   H N N 244 
LYS HB2  H N N 245 
LYS HB3  H N N 246 
LYS HG2  H N N 247 
LYS HG3  H N N 248 
LYS HD2  H N N 249 
LYS HD3  H N N 250 
LYS HE2  H N N 251 
LYS HE3  H N N 252 
LYS HZ1  H N N 253 
LYS HZ2  H N N 254 
LYS HZ3  H N N 255 
LYS HXT  H N N 256 
MET N    N N N 257 
MET CA   C N S 258 
MET C    C N N 259 
MET O    O N N 260 
MET CB   C N N 261 
MET CG   C N N 262 
MET SD   S N N 263 
MET CE   C N N 264 
MET OXT  O N N 265 
MET H    H N N 266 
MET H2   H N N 267 
MET HA   H N N 268 
MET HB2  H N N 269 
MET HB3  H N N 270 
MET HG2  H N N 271 
MET HG3  H N N 272 
MET HE1  H N N 273 
MET HE2  H N N 274 
MET HE3  H N N 275 
MET HXT  H N N 276 
PHE N    N N N 277 
PHE CA   C N S 278 
PHE C    C N N 279 
PHE O    O N N 280 
PHE CB   C N N 281 
PHE CG   C Y N 282 
PHE CD1  C Y N 283 
PHE CD2  C Y N 284 
PHE CE1  C Y N 285 
PHE CE2  C Y N 286 
PHE CZ   C Y N 287 
PHE OXT  O N N 288 
PHE H    H N N 289 
PHE H2   H N N 290 
PHE HA   H N N 291 
PHE HB2  H N N 292 
PHE HB3  H N N 293 
PHE HD1  H N N 294 
PHE HD2  H N N 295 
PHE HE1  H N N 296 
PHE HE2  H N N 297 
PHE HZ   H N N 298 
PHE HXT  H N N 299 
PRO N    N N N 300 
PRO CA   C N S 301 
PRO C    C N N 302 
PRO O    O N N 303 
PRO CB   C N N 304 
PRO CG   C N N 305 
PRO CD   C N N 306 
PRO OXT  O N N 307 
PRO H    H N N 308 
PRO HA   H N N 309 
PRO HB2  H N N 310 
PRO HB3  H N N 311 
PRO HG2  H N N 312 
PRO HG3  H N N 313 
PRO HD2  H N N 314 
PRO HD3  H N N 315 
PRO HXT  H N N 316 
SER N    N N N 317 
SER CA   C N S 318 
SER C    C N N 319 
SER O    O N N 320 
SER CB   C N N 321 
SER OG   O N N 322 
SER OXT  O N N 323 
SER H    H N N 324 
SER H2   H N N 325 
SER HA   H N N 326 
SER HB2  H N N 327 
SER HB3  H N N 328 
SER HG   H N N 329 
SER HXT  H N N 330 
THR N    N N N 331 
THR CA   C N S 332 
THR C    C N N 333 
THR O    O N N 334 
THR CB   C N R 335 
THR OG1  O N N 336 
THR CG2  C N N 337 
THR OXT  O N N 338 
THR H    H N N 339 
THR H2   H N N 340 
THR HA   H N N 341 
THR HB   H N N 342 
THR HG1  H N N 343 
THR HG21 H N N 344 
THR HG22 H N N 345 
THR HG23 H N N 346 
THR HXT  H N N 347 
TRP N    N N N 348 
TRP CA   C N S 349 
TRP C    C N N 350 
TRP O    O N N 351 
TRP CB   C N N 352 
TRP CG   C Y N 353 
TRP CD1  C Y N 354 
TRP CD2  C Y N 355 
TRP NE1  N Y N 356 
TRP CE2  C Y N 357 
TRP CE3  C Y N 358 
TRP CZ2  C Y N 359 
TRP CZ3  C Y N 360 
TRP CH2  C Y N 361 
TRP OXT  O N N 362 
TRP H    H N N 363 
TRP H2   H N N 364 
TRP HA   H N N 365 
TRP HB2  H N N 366 
TRP HB3  H N N 367 
TRP HD1  H N N 368 
TRP HE1  H N N 369 
TRP HE3  H N N 370 
TRP HZ2  H N N 371 
TRP HZ3  H N N 372 
TRP HH2  H N N 373 
TRP HXT  H N N 374 
TYR N    N N N 375 
TYR CA   C N S 376 
TYR C    C N N 377 
TYR O    O N N 378 
TYR CB   C N N 379 
TYR CG   C Y N 380 
TYR CD1  C Y N 381 
TYR CD2  C Y N 382 
TYR CE1  C Y N 383 
TYR CE2  C Y N 384 
TYR CZ   C Y N 385 
TYR OH   O N N 386 
TYR OXT  O N N 387 
TYR H    H N N 388 
TYR H2   H N N 389 
TYR HA   H N N 390 
TYR HB2  H N N 391 
TYR HB3  H N N 392 
TYR HD1  H N N 393 
TYR HD2  H N N 394 
TYR HE1  H N N 395 
TYR HE2  H N N 396 
TYR HH   H N N 397 
TYR HXT  H N N 398 
VAL N    N N N 399 
VAL CA   C N S 400 
VAL C    C N N 401 
VAL O    O N N 402 
VAL CB   C N N 403 
VAL CG1  C N N 404 
VAL CG2  C N N 405 
VAL OXT  O N N 406 
VAL H    H N N 407 
VAL H2   H N N 408 
VAL HA   H N N 409 
VAL HB   H N N 410 
VAL HG11 H N N 411 
VAL HG12 H N N 412 
VAL HG13 H N N 413 
VAL HG21 H N N 414 
VAL HG22 H N N 415 
VAL HG23 H N N 416 
VAL HXT  H N N 417 
# 
loop_
_chem_comp_bond.comp_id 
_chem_comp_bond.atom_id_1 
_chem_comp_bond.atom_id_2 
_chem_comp_bond.value_order 
_chem_comp_bond.pdbx_aromatic_flag 
_chem_comp_bond.pdbx_stereo_config 
_chem_comp_bond.pdbx_ordinal 
ALA N   CA   sing N N 1   
ALA N   H    sing N N 2   
ALA N   H2   sing N N 3   
ALA CA  C    sing N N 4   
ALA CA  CB   sing N N 5   
ALA CA  HA   sing N N 6   
ALA C   O    doub N N 7   
ALA C   OXT  sing N N 8   
ALA CB  HB1  sing N N 9   
ALA CB  HB2  sing N N 10  
ALA CB  HB3  sing N N 11  
ALA OXT HXT  sing N N 12  
ARG N   CA   sing N N 13  
ARG N   H    sing N N 14  
ARG N   H2   sing N N 15  
ARG CA  C    sing N N 16  
ARG CA  CB   sing N N 17  
ARG CA  HA   sing N N 18  
ARG C   O    doub N N 19  
ARG C   OXT  sing N N 20  
ARG CB  CG   sing N N 21  
ARG CB  HB2  sing N N 22  
ARG CB  HB3  sing N N 23  
ARG CG  CD   sing N N 24  
ARG CG  HG2  sing N N 25  
ARG CG  HG3  sing N N 26  
ARG CD  NE   sing N N 27  
ARG CD  HD2  sing N N 28  
ARG CD  HD3  sing N N 29  
ARG NE  CZ   sing N N 30  
ARG NE  HE   sing N N 31  
ARG CZ  NH1  sing N N 32  
ARG CZ  NH2  doub N N 33  
ARG NH1 HH11 sing N N 34  
ARG NH1 HH12 sing N N 35  
ARG NH2 HH21 sing N N 36  
ARG NH2 HH22 sing N N 37  
ARG OXT HXT  sing N N 38  
ASN N   CA   sing N N 39  
ASN N   H    sing N N 40  
ASN N   H2   sing N N 41  
ASN CA  C    sing N N 42  
ASN CA  CB   sing N N 43  
ASN CA  HA   sing N N 44  
ASN C   O    doub N N 45  
ASN C   OXT  sing N N 46  
ASN CB  CG   sing N N 47  
ASN CB  HB2  sing N N 48  
ASN CB  HB3  sing N N 49  
ASN CG  OD1  doub N N 50  
ASN CG  ND2  sing N N 51  
ASN ND2 HD21 sing N N 52  
ASN ND2 HD22 sing N N 53  
ASN OXT HXT  sing N N 54  
ASP N   CA   sing N N 55  
ASP N   H    sing N N 56  
ASP N   H2   sing N N 57  
ASP CA  C    sing N N 58  
ASP CA  CB   sing N N 59  
ASP CA  HA   sing N N 60  
ASP C   O    doub N N 61  
ASP C   OXT  sing N N 62  
ASP CB  CG   sing N N 63  
ASP CB  HB2  sing N N 64  
ASP CB  HB3  sing N N 65  
ASP CG  OD1  doub N N 66  
ASP CG  OD2  sing N N 67  
ASP OD2 HD2  sing N N 68  
ASP OXT HXT  sing N N 69  
CYS N   CA   sing N N 70  
CYS N   H    sing N N 71  
CYS N   H2   sing N N 72  
CYS CA  C    sing N N 73  
CYS CA  CB   sing N N 74  
CYS CA  HA   sing N N 75  
CYS C   O    doub N N 76  
CYS C   OXT  sing N N 77  
CYS CB  SG   sing N N 78  
CYS CB  HB2  sing N N 79  
CYS CB  HB3  sing N N 80  
CYS SG  HG   sing N N 81  
CYS OXT HXT  sing N N 82  
D8Q C06 C05  doub N N 83  
D8Q C06 C07  sing N N 84  
D8Q O08 C07  doub N N 85  
D8Q C05 C04  sing N N 86  
D8Q C07 N02  sing N N 87  
D8Q C04 C09  sing N N 88  
D8Q C04 C03  doub N N 89  
D8Q N02 C03  sing N N 90  
D8Q N02 C01  sing N N 91  
D8Q O10 C09  doub N N 92  
D8Q N14 C13  sing N N 93  
D8Q C13 C12  sing N N 94  
D8Q C09 N11  sing N N 95  
D8Q N11 C12  sing N N 96  
D8Q C01 H1   sing N N 97  
D8Q C01 H2   sing N N 98  
D8Q C01 H3   sing N N 99  
D8Q C03 H4   sing N N 100 
D8Q C05 H5   sing N N 101 
D8Q C06 H6   sing N N 102 
D8Q C12 H7   sing N N 103 
D8Q C12 H8   sing N N 104 
D8Q C13 H9   sing N N 105 
D8Q C13 H10  sing N N 106 
D8Q N11 H11  sing N N 107 
D8Q N14 H12  sing N N 108 
D8Q N14 H13  sing N N 109 
GLN N   CA   sing N N 110 
GLN N   H    sing N N 111 
GLN N   H2   sing N N 112 
GLN CA  C    sing N N 113 
GLN CA  CB   sing N N 114 
GLN CA  HA   sing N N 115 
GLN C   O    doub N N 116 
GLN C   OXT  sing N N 117 
GLN CB  CG   sing N N 118 
GLN CB  HB2  sing N N 119 
GLN CB  HB3  sing N N 120 
GLN CG  CD   sing N N 121 
GLN CG  HG2  sing N N 122 
GLN CG  HG3  sing N N 123 
GLN CD  OE1  doub N N 124 
GLN CD  NE2  sing N N 125 
GLN NE2 HE21 sing N N 126 
GLN NE2 HE22 sing N N 127 
GLN OXT HXT  sing N N 128 
GLU N   CA   sing N N 129 
GLU N   H    sing N N 130 
GLU N   H2   sing N N 131 
GLU CA  C    sing N N 132 
GLU CA  CB   sing N N 133 
GLU CA  HA   sing N N 134 
GLU C   O    doub N N 135 
GLU C   OXT  sing N N 136 
GLU CB  CG   sing N N 137 
GLU CB  HB2  sing N N 138 
GLU CB  HB3  sing N N 139 
GLU CG  CD   sing N N 140 
GLU CG  HG2  sing N N 141 
GLU CG  HG3  sing N N 142 
GLU CD  OE1  doub N N 143 
GLU CD  OE2  sing N N 144 
GLU OE2 HE2  sing N N 145 
GLU OXT HXT  sing N N 146 
GLY N   CA   sing N N 147 
GLY N   H    sing N N 148 
GLY N   H2   sing N N 149 
GLY CA  C    sing N N 150 
GLY CA  HA2  sing N N 151 
GLY CA  HA3  sing N N 152 
GLY C   O    doub N N 153 
GLY C   OXT  sing N N 154 
GLY OXT HXT  sing N N 155 
HIS N   CA   sing N N 156 
HIS N   H    sing N N 157 
HIS N   H2   sing N N 158 
HIS CA  C    sing N N 159 
HIS CA  CB   sing N N 160 
HIS CA  HA   sing N N 161 
HIS C   O    doub N N 162 
HIS C   OXT  sing N N 163 
HIS CB  CG   sing N N 164 
HIS CB  HB2  sing N N 165 
HIS CB  HB3  sing N N 166 
HIS CG  ND1  sing Y N 167 
HIS CG  CD2  doub Y N 168 
HIS ND1 CE1  doub Y N 169 
HIS ND1 HD1  sing N N 170 
HIS CD2 NE2  sing Y N 171 
HIS CD2 HD2  sing N N 172 
HIS CE1 NE2  sing Y N 173 
HIS CE1 HE1  sing N N 174 
HIS NE2 HE2  sing N N 175 
HIS OXT HXT  sing N N 176 
HOH O   H1   sing N N 177 
HOH O   H2   sing N N 178 
ILE N   CA   sing N N 179 
ILE N   H    sing N N 180 
ILE N   H2   sing N N 181 
ILE CA  C    sing N N 182 
ILE CA  CB   sing N N 183 
ILE CA  HA   sing N N 184 
ILE C   O    doub N N 185 
ILE C   OXT  sing N N 186 
ILE CB  CG1  sing N N 187 
ILE CB  CG2  sing N N 188 
ILE CB  HB   sing N N 189 
ILE CG1 CD1  sing N N 190 
ILE CG1 HG12 sing N N 191 
ILE CG1 HG13 sing N N 192 
ILE CG2 HG21 sing N N 193 
ILE CG2 HG22 sing N N 194 
ILE CG2 HG23 sing N N 195 
ILE CD1 HD11 sing N N 196 
ILE CD1 HD12 sing N N 197 
ILE CD1 HD13 sing N N 198 
ILE OXT HXT  sing N N 199 
LEU N   CA   sing N N 200 
LEU N   H    sing N N 201 
LEU N   H2   sing N N 202 
LEU CA  C    sing N N 203 
LEU CA  CB   sing N N 204 
LEU CA  HA   sing N N 205 
LEU C   O    doub N N 206 
LEU C   OXT  sing N N 207 
LEU CB  CG   sing N N 208 
LEU CB  HB2  sing N N 209 
LEU CB  HB3  sing N N 210 
LEU CG  CD1  sing N N 211 
LEU CG  CD2  sing N N 212 
LEU CG  HG   sing N N 213 
LEU CD1 HD11 sing N N 214 
LEU CD1 HD12 sing N N 215 
LEU CD1 HD13 sing N N 216 
LEU CD2 HD21 sing N N 217 
LEU CD2 HD22 sing N N 218 
LEU CD2 HD23 sing N N 219 
LEU OXT HXT  sing N N 220 
LYS N   CA   sing N N 221 
LYS N   H    sing N N 222 
LYS N   H2   sing N N 223 
LYS CA  C    sing N N 224 
LYS CA  CB   sing N N 225 
LYS CA  HA   sing N N 226 
LYS C   O    doub N N 227 
LYS C   OXT  sing N N 228 
LYS CB  CG   sing N N 229 
LYS CB  HB2  sing N N 230 
LYS CB  HB3  sing N N 231 
LYS CG  CD   sing N N 232 
LYS CG  HG2  sing N N 233 
LYS CG  HG3  sing N N 234 
LYS CD  CE   sing N N 235 
LYS CD  HD2  sing N N 236 
LYS CD  HD3  sing N N 237 
LYS CE  NZ   sing N N 238 
LYS CE  HE2  sing N N 239 
LYS CE  HE3  sing N N 240 
LYS NZ  HZ1  sing N N 241 
LYS NZ  HZ2  sing N N 242 
LYS NZ  HZ3  sing N N 243 
LYS OXT HXT  sing N N 244 
MET N   CA   sing N N 245 
MET N   H    sing N N 246 
MET N   H2   sing N N 247 
MET CA  C    sing N N 248 
MET CA  CB   sing N N 249 
MET CA  HA   sing N N 250 
MET C   O    doub N N 251 
MET C   OXT  sing N N 252 
MET CB  CG   sing N N 253 
MET CB  HB2  sing N N 254 
MET CB  HB3  sing N N 255 
MET CG  SD   sing N N 256 
MET CG  HG2  sing N N 257 
MET CG  HG3  sing N N 258 
MET SD  CE   sing N N 259 
MET CE  HE1  sing N N 260 
MET CE  HE2  sing N N 261 
MET CE  HE3  sing N N 262 
MET OXT HXT  sing N N 263 
PHE N   CA   sing N N 264 
PHE N   H    sing N N 265 
PHE N   H2   sing N N 266 
PHE CA  C    sing N N 267 
PHE CA  CB   sing N N 268 
PHE CA  HA   sing N N 269 
PHE C   O    doub N N 270 
PHE C   OXT  sing N N 271 
PHE CB  CG   sing N N 272 
PHE CB  HB2  sing N N 273 
PHE CB  HB3  sing N N 274 
PHE CG  CD1  doub Y N 275 
PHE CG  CD2  sing Y N 276 
PHE CD1 CE1  sing Y N 277 
PHE CD1 HD1  sing N N 278 
PHE CD2 CE2  doub Y N 279 
PHE CD2 HD2  sing N N 280 
PHE CE1 CZ   doub Y N 281 
PHE CE1 HE1  sing N N 282 
PHE CE2 CZ   sing Y N 283 
PHE CE2 HE2  sing N N 284 
PHE CZ  HZ   sing N N 285 
PHE OXT HXT  sing N N 286 
PRO N   CA   sing N N 287 
PRO N   CD   sing N N 288 
PRO N   H    sing N N 289 
PRO CA  C    sing N N 290 
PRO CA  CB   sing N N 291 
PRO CA  HA   sing N N 292 
PRO C   O    doub N N 293 
PRO C   OXT  sing N N 294 
PRO CB  CG   sing N N 295 
PRO CB  HB2  sing N N 296 
PRO CB  HB3  sing N N 297 
PRO CG  CD   sing N N 298 
PRO CG  HG2  sing N N 299 
PRO CG  HG3  sing N N 300 
PRO CD  HD2  sing N N 301 
PRO CD  HD3  sing N N 302 
PRO OXT HXT  sing N N 303 
SER N   CA   sing N N 304 
SER N   H    sing N N 305 
SER N   H2   sing N N 306 
SER CA  C    sing N N 307 
SER CA  CB   sing N N 308 
SER CA  HA   sing N N 309 
SER C   O    doub N N 310 
SER C   OXT  sing N N 311 
SER CB  OG   sing N N 312 
SER CB  HB2  sing N N 313 
SER CB  HB3  sing N N 314 
SER OG  HG   sing N N 315 
SER OXT HXT  sing N N 316 
THR N   CA   sing N N 317 
THR N   H    sing N N 318 
THR N   H2   sing N N 319 
THR CA  C    sing N N 320 
THR CA  CB   sing N N 321 
THR CA  HA   sing N N 322 
THR C   O    doub N N 323 
THR C   OXT  sing N N 324 
THR CB  OG1  sing N N 325 
THR CB  CG2  sing N N 326 
THR CB  HB   sing N N 327 
THR OG1 HG1  sing N N 328 
THR CG2 HG21 sing N N 329 
THR CG2 HG22 sing N N 330 
THR CG2 HG23 sing N N 331 
THR OXT HXT  sing N N 332 
TRP N   CA   sing N N 333 
TRP N   H    sing N N 334 
TRP N   H2   sing N N 335 
TRP CA  C    sing N N 336 
TRP CA  CB   sing N N 337 
TRP CA  HA   sing N N 338 
TRP C   O    doub N N 339 
TRP C   OXT  sing N N 340 
TRP CB  CG   sing N N 341 
TRP CB  HB2  sing N N 342 
TRP CB  HB3  sing N N 343 
TRP CG  CD1  doub Y N 344 
TRP CG  CD2  sing Y N 345 
TRP CD1 NE1  sing Y N 346 
TRP CD1 HD1  sing N N 347 
TRP CD2 CE2  doub Y N 348 
TRP CD2 CE3  sing Y N 349 
TRP NE1 CE2  sing Y N 350 
TRP NE1 HE1  sing N N 351 
TRP CE2 CZ2  sing Y N 352 
TRP CE3 CZ3  doub Y N 353 
TRP CE3 HE3  sing N N 354 
TRP CZ2 CH2  doub Y N 355 
TRP CZ2 HZ2  sing N N 356 
TRP CZ3 CH2  sing Y N 357 
TRP CZ3 HZ3  sing N N 358 
TRP CH2 HH2  sing N N 359 
TRP OXT HXT  sing N N 360 
TYR N   CA   sing N N 361 
TYR N   H    sing N N 362 
TYR N   H2   sing N N 363 
TYR CA  C    sing N N 364 
TYR CA  CB   sing N N 365 
TYR CA  HA   sing N N 366 
TYR C   O    doub N N 367 
TYR C   OXT  sing N N 368 
TYR CB  CG   sing N N 369 
TYR CB  HB2  sing N N 370 
TYR CB  HB3  sing N N 371 
TYR CG  CD1  doub Y N 372 
TYR CG  CD2  sing Y N 373 
TYR CD1 CE1  sing Y N 374 
TYR CD1 HD1  sing N N 375 
TYR CD2 CE2  doub Y N 376 
TYR CD2 HD2  sing N N 377 
TYR CE1 CZ   doub Y N 378 
TYR CE1 HE1  sing N N 379 
TYR CE2 CZ   sing Y N 380 
TYR CE2 HE2  sing N N 381 
TYR CZ  OH   sing N N 382 
TYR OH  HH   sing N N 383 
TYR OXT HXT  sing N N 384 
VAL N   CA   sing N N 385 
VAL N   H    sing N N 386 
VAL N   H2   sing N N 387 
VAL CA  C    sing N N 388 
VAL CA  CB   sing N N 389 
VAL CA  HA   sing N N 390 
VAL C   O    doub N N 391 
VAL C   OXT  sing N N 392 
VAL CB  CG1  sing N N 393 
VAL CB  CG2  sing N N 394 
VAL CB  HB   sing N N 395 
VAL CG1 HG11 sing N N 396 
VAL CG1 HG12 sing N N 397 
VAL CG1 HG13 sing N N 398 
VAL CG2 HG21 sing N N 399 
VAL CG2 HG22 sing N N 400 
VAL CG2 HG23 sing N N 401 
VAL OXT HXT  sing N N 402 
# 
_pdbx_audit_support.funding_organization   'Swiss National Science Foundation' 
_pdbx_audit_support.country                Switzerland 
_pdbx_audit_support.grant_number           31003A_169007 
_pdbx_audit_support.ordinal                1 
# 
_pdbx_initial_refinement_model.id               1 
_pdbx_initial_refinement_model.entity_id_list   ? 
_pdbx_initial_refinement_model.type             'experimental model' 
_pdbx_initial_refinement_model.source_name      PDB 
_pdbx_initial_refinement_model.accession_code   5MGJ 
_pdbx_initial_refinement_model.details          ? 
# 
_atom_sites.entry_id                    6FG6 
_atom_sites.fract_transf_matrix[1][1]   0.00605006 
_atom_sites.fract_transf_matrix[1][2]   0.00802865 
_atom_sites.fract_transf_matrix[1][3]   0.00683112 
_atom_sites.fract_transf_matrix[2][1]   0.00892941 
_atom_sites.fract_transf_matrix[2][2]   0.00663664 
_atom_sites.fract_transf_matrix[2][3]   -0.00489537 
_atom_sites.fract_transf_matrix[3][1]   -0.02015625 
_atom_sites.fract_transf_matrix[3][2]   0.02157946 
_atom_sites.fract_transf_matrix[3][3]   -0.00751082 
_atom_sites.fract_transf_vector[1]      0.143850 
_atom_sites.fract_transf_vector[2]      -0.368090 
_atom_sites.fract_transf_vector[3]      1.008017 
# 
loop_
_atom_type.symbol 
C 
N 
O 
S 
# 
loop_
_atom_site.group_PDB 
_atom_site.id 
_atom_site.type_symbol 
_atom_site.label_atom_id 
_atom_site.label_alt_id 
_atom_site.label_comp_id 
_atom_site.label_asym_id 
_atom_site.label_entity_id 
_atom_site.label_seq_id 
_atom_site.pdbx_PDB_ins_code 
_atom_site.Cartn_x 
_atom_site.Cartn_y 
_atom_site.Cartn_z 
_atom_site.occupancy 
_atom_site.B_iso_or_equiv 
_atom_site.pdbx_formal_charge 
_atom_site.auth_seq_id 
_atom_site.auth_comp_id 
_atom_site.auth_asym_id 
_atom_site.auth_atom_id 
_atom_site.pdbx_PDB_model_num 
ATOM   1   N N   . HIS A 1 3   ? 11.058  13.942  -13.026 1.00 95.00  ? 1796 HIS A N   1 
ATOM   2   C CA  . HIS A 1 3   ? 10.804  14.521  -11.711 1.00 96.60  ? 1796 HIS A CA  1 
ATOM   3   C C   . HIS A 1 3   ? 9.314   14.505  -11.384 1.00 93.87  ? 1796 HIS A C   1 
ATOM   4   O O   . HIS A 1 3   ? 8.918   14.029  -10.319 1.00 93.38  ? 1796 HIS A O   1 
ATOM   5   C CB  . HIS A 1 3   ? 11.343  15.955  -11.628 1.00 97.26  ? 1796 HIS A CB  1 
ATOM   6   C CG  . HIS A 1 3   ? 11.163  16.590  -10.283 1.00 101.17 ? 1796 HIS A CG  1 
ATOM   7   N ND1 . HIS A 1 3   ? 11.692  16.051  -9.129  1.00 102.00 ? 1796 HIS A ND1 1 
ATOM   8   C CD2 . HIS A 1 3   ? 10.511  17.716  -9.906  1.00 100.05 ? 1796 HIS A CD2 1 
ATOM   9   C CE1 . HIS A 1 3   ? 11.374  16.816  -8.101  1.00 96.56  ? 1796 HIS A CE1 1 
ATOM   10  N NE2 . HIS A 1 3   ? 10.658  17.834  -8.545  1.00 96.77  ? 1796 HIS A NE2 1 
ATOM   11  N N   . SER A 1 4   ? 8.494   15.020  -12.308 1.00 93.82  ? 1797 SER A N   1 
ATOM   12  C CA  . SER A 1 4   ? 7.055   15.104  -12.074 1.00 91.66  ? 1797 SER A CA  1 
ATOM   13  C C   . SER A 1 4   ? 6.422   13.734  -11.861 1.00 91.97  ? 1797 SER A C   1 
ATOM   14  O O   . SER A 1 4   ? 5.345   13.646  -11.260 1.00 84.65  ? 1797 SER A O   1 
ATOM   15  C CB  . SER A 1 4   ? 6.368   15.824  -13.241 1.00 90.43  ? 1797 SER A CB  1 
ATOM   16  O OG  . SER A 1 4   ? 6.332   15.010  -14.399 1.00 98.34  ? 1797 SER A OG  1 
ATOM   17  N N   . ASP A 1 5   ? 7.057   12.669  -12.353 1.00 94.17  ? 1798 ASP A N   1 
ATOM   18  C CA  . ASP A 1 5   ? 6.616   11.319  -12.021 1.00 93.25  ? 1798 ASP A CA  1 
ATOM   19  C C   . ASP A 1 5   ? 6.709   11.077  -10.522 1.00 85.96  ? 1798 ASP A C   1 
ATOM   20  O O   . ASP A 1 5   ? 5.729   10.690  -9.874  1.00 85.95  ? 1798 ASP A O   1 
ATOM   21  C CB  . ASP A 1 5   ? 7.456   10.288  -12.778 1.00 87.96  ? 1798 ASP A CB  1 
ATOM   22  C CG  . ASP A 1 5   ? 6.875   9.934   -14.130 1.00 87.63  ? 1798 ASP A CG  1 
ATOM   23  O OD1 . ASP A 1 5   ? 5.939   10.624  -14.584 1.00 89.11  ? 1798 ASP A OD1 1 
ATOM   24  O OD2 . ASP A 1 5   ? 7.357   8.956   -14.740 1.00 79.43  ? 1798 ASP A OD2 1 
ATOM   25  N N   . LEU A 1 6   ? 7.889   11.323  -9.953  1.00 79.27  ? 1799 LEU A N   1 
ATOM   26  C CA  . LEU A 1 6   ? 8.131   10.991  -8.557  1.00 75.34  ? 1799 LEU A CA  1 
ATOM   27  C C   . LEU A 1 6   ? 7.454   11.958  -7.594  1.00 72.84  ? 1799 LEU A C   1 
ATOM   28  O O   . LEU A 1 6   ? 7.208   11.585  -6.441  1.00 68.71  ? 1799 LEU A O   1 
ATOM   29  C CB  . LEU A 1 6   ? 9.639   10.935  -8.306  1.00 76.03  ? 1799 LEU A CB  1 
ATOM   30  C CG  . LEU A 1 6   ? 10.351  9.727   -8.924  1.00 76.57  ? 1799 LEU A CG  1 
ATOM   31  C CD1 . LEU A 1 6   ? 11.848  9.752   -8.629  1.00 81.83  ? 1799 LEU A CD1 1 
ATOM   32  C CD2 . LEU A 1 6   ? 9.721   8.436   -8.421  1.00 70.06  ? 1799 LEU A CD2 1 
ATOM   33  N N   . THR A 1 7   ? 7.136   13.179  -8.030  1.00 73.82  ? 1800 THR A N   1 
ATOM   34  C CA  . THR A 1 7   ? 6.505   14.124  -7.117  1.00 74.96  ? 1800 THR A CA  1 
ATOM   35  C C   . THR A 1 7   ? 5.039   13.792  -6.872  1.00 69.39  ? 1800 THR A C   1 
ATOM   36  O O   . THR A 1 7   ? 4.534   14.023  -5.769  1.00 65.84  ? 1800 THR A O   1 
ATOM   37  C CB  . THR A 1 7   ? 6.642   15.555  -7.644  1.00 75.33  ? 1800 THR A CB  1 
ATOM   38  O OG1 . THR A 1 7   ? 6.385   15.580  -9.052  1.00 79.25  ? 1800 THR A OG1 1 
ATOM   39  C CG2 . THR A 1 7   ? 8.036   16.103  -7.368  1.00 72.35  ? 1800 THR A CG2 1 
ATOM   40  N N   . PHE A 1 8   ? 4.344   13.242  -7.868  1.00 72.49  ? 1801 PHE A N   1 
ATOM   41  C CA  . PHE A 1 8   ? 2.962   12.838  -7.638  1.00 68.84  ? 1801 PHE A CA  1 
ATOM   42  C C   . PHE A 1 8   ? 2.892   11.557  -6.818  1.00 61.00  ? 1801 PHE A C   1 
ATOM   43  O O   . PHE A 1 8   ? 1.918   11.347  -6.085  1.00 59.06  ? 1801 PHE A O   1 
ATOM   44  C CB  . PHE A 1 8   ? 2.228   12.667  -8.966  1.00 69.54  ? 1801 PHE A CB  1 
ATOM   45  C CG  . PHE A 1 8   ? 0.727   12.747  -8.846  1.00 83.97  ? 1801 PHE A CG  1 
ATOM   46  C CD1 . PHE A 1 8   ? -0.016  11.643  -8.459  1.00 81.30  ? 1801 PHE A CD1 1 
ATOM   47  C CD2 . PHE A 1 8   ? 0.057   13.929  -9.137  1.00 82.81  ? 1801 PHE A CD2 1 
ATOM   48  C CE1 . PHE A 1 8   ? -1.398  11.717  -8.350  1.00 79.65  ? 1801 PHE A CE1 1 
ATOM   49  C CE2 . PHE A 1 8   ? -1.325  14.006  -9.033  1.00 73.31  ? 1801 PHE A CE2 1 
ATOM   50  C CZ  . PHE A 1 8   ? -2.053  12.899  -8.640  1.00 74.17  ? 1801 PHE A CZ  1 
ATOM   51  N N   . CYS A 1 9   ? 3.902   10.690  -6.933  1.00 57.97  ? 1802 CYS A N   1 
ATOM   52  C CA  . CYS A 1 9   ? 4.013   9.558   -6.019  1.00 58.35  ? 1802 CYS A CA  1 
ATOM   53  C C   . CYS A 1 9   ? 4.063   10.040  -4.577  1.00 54.01  ? 1802 CYS A C   1 
ATOM   54  O O   . CYS A 1 9   ? 3.477   9.418   -3.684  1.00 49.89  ? 1802 CYS A O   1 
ATOM   55  C CB  . CYS A 1 9   ? 5.252   8.725   -6.356  1.00 56.31  ? 1802 CYS A CB  1 
ATOM   56  S SG  . CYS A 1 9   ? 5.197   7.894   -7.963  1.00 54.94  ? 1802 CYS A SG  1 
ATOM   57  N N   . GLU A 1 10  ? 4.755   11.154  -4.335  1.00 53.98  ? 1803 GLU A N   1 
ATOM   58  C CA  . GLU A 1 10  ? 4.717   11.777  -3.018  1.00 48.48  ? 1803 GLU A CA  1 
ATOM   59  C C   . GLU A 1 10  ? 3.310   12.259  -2.687  1.00 47.64  ? 1803 GLU A C   1 
ATOM   60  O O   . GLU A 1 10  ? 2.830   12.081  -1.561  1.00 48.87  ? 1803 GLU A O   1 
ATOM   61  C CB  . GLU A 1 10  ? 5.711   12.935  -2.959  1.00 49.47  ? 1803 GLU A CB  1 
ATOM   62  C CG  . GLU A 1 10  ? 5.654   13.716  -1.665  1.00 52.49  ? 1803 GLU A CG  1 
ATOM   63  C CD  . GLU A 1 10  ? 5.955   12.847  -0.465  1.00 57.00  ? 1803 GLU A CD  1 
ATOM   64  O OE1 . GLU A 1 10  ? 7.013   12.178  -0.466  1.00 46.97  ? 1803 GLU A OE1 1 
ATOM   65  O OE2 . GLU A 1 10  ? 5.129   12.815  0.473   1.00 50.99  ? 1803 GLU A OE2 1 
ATOM   66  N N   . ILE A 1 11  ? 2.631   12.867  -3.662  1.00 52.39  ? 1804 ILE A N   1 
ATOM   67  C CA  . ILE A 1 11  ? 1.279   13.367  -3.426  1.00 45.21  ? 1804 ILE A CA  1 
ATOM   68  C C   . ILE A 1 11  ? 0.342   12.221  -3.069  1.00 49.90  ? 1804 ILE A C   1 
ATOM   69  O O   . ILE A 1 11  ? -0.466  12.327  -2.138  1.00 48.16  ? 1804 ILE A O   1 
ATOM   70  C CB  . ILE A 1 11  ? 0.771   14.149  -4.654  1.00 50.09  ? 1804 ILE A CB  1 
ATOM   71  C CG1 . ILE A 1 11  ? 1.683   15.339  -4.953  1.00 54.04  ? 1804 ILE A CG1 1 
ATOM   72  C CG2 . ILE A 1 11  ? -0.654  14.625  -4.430  1.00 52.94  ? 1804 ILE A CG2 1 
ATOM   73  C CD1 . ILE A 1 11  ? 1.223   16.189  -6.124  1.00 55.20  ? 1804 ILE A CD1 1 
ATOM   74  N N   . ILE A 1 12  ? 0.449   11.102  -3.784  1.00 50.55  ? 1805 ILE A N   1 
ATOM   75  C CA  . ILE A 1 12  ? -0.509  10.019  -3.592  1.00 46.52  ? 1805 ILE A CA  1 
ATOM   76  C C   . ILE A 1 12  ? -0.171  9.184   -2.359  1.00 45.60  ? 1805 ILE A C   1 
ATOM   77  O O   . ILE A 1 12  ? -1.076  8.677   -1.684  1.00 40.51  ? 1805 ILE A O   1 
ATOM   78  C CB  . ILE A 1 12  ? -0.596  9.160   -4.868  1.00 47.17  ? 1805 ILE A CB  1 
ATOM   79  C CG1 . ILE A 1 12  ? -1.695  8.109   -4.740  1.00 55.10  ? 1805 ILE A CG1 1 
ATOM   80  C CG2 . ILE A 1 12  ? 0.730   8.491   -5.175  1.00 55.84  ? 1805 ILE A CG2 1 
ATOM   81  C CD1 . ILE A 1 12  ? -1.987  7.399   -6.038  1.00 61.39  ? 1805 ILE A CD1 1 
ATOM   82  N N   . LEU A 1 13  ? 1.114   9.035   -2.031  1.00 43.57  ? 1806 LEU A N   1 
ATOM   83  C CA  . LEU A 1 13  ? 1.474   8.315   -0.814  1.00 42.24  ? 1806 LEU A CA  1 
ATOM   84  C C   . LEU A 1 13  ? 1.086   9.112   0.422   1.00 43.86  ? 1806 LEU A C   1 
ATOM   85  O O   . LEU A 1 13  ? 0.621   8.542   1.417   1.00 40.11  ? 1806 LEU A O   1 
ATOM   86  C CB  . LEU A 1 13  ? 2.972   8.003   -0.808  1.00 45.28  ? 1806 LEU A CB  1 
ATOM   87  C CG  . LEU A 1 13  ? 3.531   7.290   0.425   1.00 44.61  ? 1806 LEU A CG  1 
ATOM   88  C CD1 . LEU A 1 13  ? 2.701   6.062   0.768   1.00 41.58  ? 1806 LEU A CD1 1 
ATOM   89  C CD2 . LEU A 1 13  ? 4.984   6.907   0.197   1.00 44.40  ? 1806 LEU A CD2 1 
ATOM   90  N N   . MET A 1 14  ? 1.267   10.433  0.373   1.00 45.57  ? 1807 MET A N   1 
ATOM   91  C CA  . MET A 1 14  ? 0.854   11.283  1.483   1.00 44.57  ? 1807 MET A CA  1 
ATOM   92  C C   . MET A 1 14  ? -0.650  11.216  1.704   1.00 42.63  ? 1807 MET A C   1 
ATOM   93  O O   . MET A 1 14  ? -1.116  11.143  2.849   1.00 42.49  ? 1807 MET A O   1 
ATOM   94  C CB  . MET A 1 14  ? 1.293   12.722  1.222   1.00 47.56  ? 1807 MET A CB  1 
ATOM   95  C CG  . MET A 1 14  ? 0.400   13.771  1.864   1.00 59.93  ? 1807 MET A CG  1 
ATOM   96  S SD  . MET A 1 14  ? 0.868   15.439  1.378   1.00 71.57  ? 1807 MET A SD  1 
ATOM   97  C CE  . MET A 1 14  ? 0.841   15.282  -0.405  1.00 49.67  ? 1807 MET A CE  1 
ATOM   98  N N   . GLU A 1 15  ? -1.390  11.163  0.628   1.00 39.54  ? 1808 GLU A N   1 
ATOM   99  C CA  . GLU A 1 15  ? -2.809  11.098  0.685   1.00 43.35  ? 1808 GLU A CA  1 
ATOM   100 C C   . GLU A 1 15  ? -3.254  9.764   1.182   1.00 43.34  ? 1808 GLU A C   1 
ATOM   101 O O   . GLU A 1 15  ? -4.202  9.672   1.860   1.00 45.70  ? 1808 GLU A O   1 
ATOM   102 C CB  . GLU A 1 15  ? -3.420  11.453  -0.644  1.00 42.83  ? 1808 GLU A CB  1 
ATOM   103 C CG  . GLU A 1 15  ? -3.699  12.912  -0.775  1.00 45.76  ? 1808 GLU A CG  1 
ATOM   104 C CD  . GLU A 1 15  ? -4.011  13.331  -2.168  1.00 59.04  ? 1808 GLU A CD  1 
ATOM   105 O OE1 . GLU A 1 15  ? -3.900  12.507  -3.034  1.00 63.05  ? 1808 GLU A OE1 1 
ATOM   106 O OE2 . GLU A 1 15  ? -4.375  14.477  -2.406  1.00 59.76  ? 1808 GLU A OE2 1 
ATOM   107 N N   . MET A 1 16  ? -2.555  8.726   0.827   1.00 39.63  ? 1809 MET A N   1 
ATOM   108 C CA  . MET A 1 16  ? -2.834  7.396   1.357   1.00 36.64  ? 1809 MET A CA  1 
ATOM   109 C C   . MET A 1 16  ? -2.427  7.292   2.820   1.00 38.31  ? 1809 MET A C   1 
ATOM   110 O O   . MET A 1 16  ? -3.114  6.640   3.611   1.00 35.35  ? 1809 MET A O   1 
ATOM   111 C CB  . MET A 1 16  ? -2.126  6.331   0.521   1.00 38.61  ? 1809 MET A CB  1 
ATOM   112 C CG  . MET A 1 16  ? -2.824  6.018   -0.793  1.00 36.85  ? 1809 MET A CG  1 
ATOM   113 S SD  . MET A 1 16  ? -2.229  4.506   -1.584  1.00 43.34  ? 1809 MET A SD  1 
ATOM   114 C CE  . MET A 1 16  ? -0.557  4.981   -2.023  1.00 35.36  ? 1809 MET A CE  1 
ATOM   115 N N   . GLU A 1 17  ? -1.322  7.938   3.203   1.00 39.46  ? 1810 GLU A N   1 
ATOM   116 C CA  . GLU A 1 17  ? -0.878  7.881   4.593   1.00 40.90  ? 1810 GLU A CA  1 
ATOM   117 C C   . GLU A 1 17  ? -1.892  8.525   5.532   1.00 39.47  ? 1810 GLU A C   1 
ATOM   118 O O   . GLU A 1 17  ? -2.092  8.055   6.659   1.00 33.11  ? 1810 GLU A O   1 
ATOM   119 C CB  . GLU A 1 17  ? 0.485   8.558   4.737   1.00 41.45  ? 1810 GLU A CB  1 
ATOM   120 C CG  . GLU A 1 17  ? 1.671   7.709   4.308   1.00 41.22  ? 1810 GLU A CG  1 
ATOM   121 C CD  . GLU A 1 17  ? 2.917   8.546   4.086   1.00 44.65  ? 1810 GLU A CD  1 
ATOM   122 O OE1 . GLU A 1 17  ? 2.774   9.713   3.668   1.00 48.13  ? 1810 GLU A OE1 1 
ATOM   123 O OE2 . GLU A 1 17  ? 4.033   8.042   4.330   1.00 44.11  ? 1810 GLU A OE2 1 
ATOM   124 N N   . SER A 1 18  ? -2.541  9.598   5.084   1.00 41.18  ? 1811 SER A N   1 
ATOM   125 C CA  . SER A 1 18  ? -3.478  10.354  5.905   1.00 43.47  ? 1811 SER A CA  1 
ATOM   126 C C   . SER A 1 18  ? -4.932  9.948   5.690   1.00 40.81  ? 1811 SER A C   1 
ATOM   127 O O   . SER A 1 18  ? -5.824  10.558  6.287   1.00 40.90  ? 1811 SER A O   1 
ATOM   128 C CB  . SER A 1 18  ? -3.313  11.850  5.627   1.00 38.34  ? 1811 SER A CB  1 
ATOM   129 O OG  . SER A 1 18  ? -3.361  12.109  4.235   1.00 46.29  ? 1811 SER A OG  1 
ATOM   130 N N   . HIS A 1 19  ? -5.191  8.938   4.866   1.00 38.54  ? 1812 HIS A N   1 
ATOM   131 C CA  . HIS A 1 19  ? -6.558  8.522   4.589   1.00 34.80  ? 1812 HIS A CA  1 
ATOM   132 C C   . HIS A 1 19  ? -7.179  7.851   5.812   1.00 33.55  ? 1812 HIS A C   1 
ATOM   133 O O   . HIS A 1 19  ? -6.493  7.211   6.612   1.00 42.69  ? 1812 HIS A O   1 
ATOM   134 C CB  . HIS A 1 19  ? -6.580  7.570   3.392   1.00 37.13  ? 1812 HIS A CB  1 
ATOM   135 C CG  . HIS A 1 19  ? -7.943  7.328   2.821   1.00 29.95  ? 1812 HIS A CG  1 
ATOM   136 N ND1 . HIS A 1 19  ? -8.925  6.639   3.499   1.00 33.54  ? 1812 HIS A ND1 1 
ATOM   137 C CD2 . HIS A 1 19  ? -8.476  7.654   1.619   1.00 31.48  ? 1812 HIS A CD2 1 
ATOM   138 C CE1 . HIS A 1 19  ? -10.010 6.569   2.749   1.00 34.83  ? 1812 HIS A CE1 1 
ATOM   139 N NE2 . HIS A 1 19  ? -9.763  7.175   1.601   1.00 39.61  ? 1812 HIS A NE2 1 
ATOM   140 N N   . ASP A 1 20  ? -8.499  8.004   5.945   1.00 33.38  ? 1813 ASP A N   1 
ATOM   141 C CA  . ASP A 1 20  ? -9.209  7.442   7.094   1.00 38.40  ? 1813 ASP A CA  1 
ATOM   142 C C   . ASP A 1 20  ? -9.025  5.933   7.191   1.00 39.38  ? 1813 ASP A C   1 
ATOM   143 O O   . ASP A 1 20  ? -8.893  5.388   8.293   1.00 43.20  ? 1813 ASP A O   1 
ATOM   144 C CB  . ASP A 1 20  ? -10.697 7.787   7.010   1.00 42.83  ? 1813 ASP A CB  1 
ATOM   145 C CG  . ASP A 1 20  ? -10.992 9.211   7.433   1.00 49.27  ? 1813 ASP A CG  1 
ATOM   146 O OD1 . ASP A 1 20  ? -10.032 9.967   7.688   1.00 49.75  ? 1813 ASP A OD1 1 
ATOM   147 O OD2 . ASP A 1 20  ? -12.186 9.569   7.521   1.00 47.06  ? 1813 ASP A OD2 1 
ATOM   148 N N   . ALA A 1 21  ? -9.014  5.242   6.054   1.00 38.46  ? 1814 ALA A N   1 
ATOM   149 C CA  . ALA A 1 21  ? -8.955  3.788   6.009   1.00 36.04  ? 1814 ALA A CA  1 
ATOM   150 C C   . ALA A 1 21  ? -7.535  3.244   5.894   1.00 36.76  ? 1814 ALA A C   1 
ATOM   151 O O   . ALA A 1 21  ? -7.362  2.069   5.556   1.00 29.85  ? 1814 ALA A O   1 
ATOM   152 C CB  . ALA A 1 21  ? -9.798  3.269   4.840   1.00 32.24  ? 1814 ALA A CB  1 
ATOM   153 N N   . ALA A 1 22  ? -6.522  4.065   6.173   1.00 37.71  ? 1815 ALA A N   1 
ATOM   154 C CA  . ALA A 1 22  ? -5.132  3.660   6.004   1.00 34.50  ? 1815 ALA A CA  1 
ATOM   155 C C   . ALA A 1 22  ? -4.567  2.929   7.210   1.00 35.48  ? 1815 ALA A C   1 
ATOM   156 O O   . ALA A 1 22  ? -3.433  2.441   7.138   1.00 39.63  ? 1815 ALA A O   1 
ATOM   157 C CB  . ALA A 1 22  ? -4.262  4.880   5.719   1.00 33.40  ? 1815 ALA A CB  1 
ATOM   158 N N   . TRP A 1 23  ? -5.332  2.822   8.295   1.00 36.40  ? 1816 TRP A N   1 
ATOM   159 C CA  . TRP A 1 23  ? -4.793  2.262   9.530   1.00 40.91  ? 1816 TRP A CA  1 
ATOM   160 C C   . TRP A 1 23  ? -4.212  0.850   9.414   1.00 41.82  ? 1816 TRP A C   1 
ATOM   161 O O   . TRP A 1 23  ? -3.283  0.553   10.189  1.00 38.70  ? 1816 TRP A O   1 
ATOM   162 C CB  . TRP A 1 23  ? -5.872  2.314   10.626  1.00 30.82  ? 1816 TRP A CB  1 
ATOM   163 C CG  . TRP A 1 23  ? -7.097  1.541   10.294  1.00 35.95  ? 1816 TRP A CG  1 
ATOM   164 C CD1 . TRP A 1 23  ? -8.233  2.017   9.711   1.00 38.37  ? 1816 TRP A CD1 1 
ATOM   165 C CD2 . TRP A 1 23  ? -7.313  0.144   10.519  1.00 38.51  ? 1816 TRP A CD2 1 
ATOM   166 N NE1 . TRP A 1 23  ? -9.144  1.001   9.557   1.00 37.65  ? 1816 TRP A NE1 1 
ATOM   167 C CE2 . TRP A 1 23  ? -8.601  -0.157  10.039  1.00 38.46  ? 1816 TRP A CE2 1 
ATOM   168 C CE3 . TRP A 1 23  ? -6.537  -0.881  11.066  1.00 40.85  ? 1816 TRP A CE3 1 
ATOM   169 C CZ2 . TRP A 1 23  ? -9.130  -1.444  10.092  1.00 43.47  ? 1816 TRP A CZ2 1 
ATOM   170 C CZ3 . TRP A 1 23  ? -7.066  -2.155  11.122  1.00 42.90  ? 1816 TRP A CZ3 1 
ATOM   171 C CH2 . TRP A 1 23  ? -8.350  -2.426  10.638  1.00 47.39  ? 1816 TRP A CH2 1 
ATOM   172 N N   . PRO A 1 24  ? -4.665  -0.054  8.532   1.00 40.72  ? 1817 PRO A N   1 
ATOM   173 C CA  . PRO A 1 24  ? -4.033  -1.384  8.479   1.00 33.15  ? 1817 PRO A CA  1 
ATOM   174 C C   . PRO A 1 24  ? -2.730  -1.432  7.704   1.00 36.94  ? 1817 PRO A C   1 
ATOM   175 O O   . PRO A 1 24  ? -2.050  -2.469  7.736   1.00 40.31  ? 1817 PRO A O   1 
ATOM   176 C CB  . PRO A 1 24  ? -5.095  -2.263  7.789   1.00 37.14  ? 1817 PRO A CB  1 
ATOM   177 C CG  . PRO A 1 24  ? -6.325  -1.408  7.661   1.00 38.46  ? 1817 PRO A CG  1 
ATOM   178 C CD  . PRO A 1 24  ? -5.835  -0.005  7.634   1.00 35.04  ? 1817 PRO A CD  1 
ATOM   179 N N   . PHE A 1 25  ? -2.348  -0.355  7.023   1.00 34.65  ? 1818 PHE A N   1 
ATOM   180 C CA  . PHE A 1 25  ? -1.225  -0.394  6.097   1.00 35.64  ? 1818 PHE A CA  1 
ATOM   181 C C   . PHE A 1 25  ? -0.141  0.618   6.440   1.00 34.53  ? 1818 PHE A C   1 
ATOM   182 O O   . PHE A 1 25  ? 0.795   0.799   5.652   1.00 38.08  ? 1818 PHE A O   1 
ATOM   183 C CB  . PHE A 1 25  ? -1.718  -0.160  4.667   1.00 33.47  ? 1818 PHE A CB  1 
ATOM   184 C CG  . PHE A 1 25  ? -2.979  -0.909  4.336   1.00 33.57  ? 1818 PHE A CG  1 
ATOM   185 C CD1 . PHE A 1 25  ? -2.954  -2.278  4.125   1.00 34.97  ? 1818 PHE A CD1 1 
ATOM   186 C CD2 . PHE A 1 25  ? -4.190  -0.244  4.242   1.00 31.58  ? 1818 PHE A CD2 1 
ATOM   187 C CE1 . PHE A 1 25  ? -4.111  -2.971  3.823   1.00 34.76  ? 1818 PHE A CE1 1 
ATOM   188 C CE2 . PHE A 1 25  ? -5.352  -0.930  3.939   1.00 31.91  ? 1818 PHE A CE2 1 
ATOM   189 C CZ  . PHE A 1 25  ? -5.310  -2.295  3.731   1.00 37.14  ? 1818 PHE A CZ  1 
ATOM   190 N N   . LEU A 1 26  ? -0.244  1.288   7.590   1.00 39.11  ? 1819 LEU A N   1 
ATOM   191 C CA  . LEU A 1 26  ? 0.759   2.286   7.950   1.00 39.55  ? 1819 LEU A CA  1 
ATOM   192 C C   . LEU A 1 26  ? 2.082   1.636   8.330   1.00 48.29  ? 1819 LEU A C   1 
ATOM   193 O O   . LEU A 1 26  ? 3.155   2.209   8.082   1.00 47.07  ? 1819 LEU A O   1 
ATOM   194 C CB  . LEU A 1 26  ? 0.256   3.152   9.101   1.00 37.79  ? 1819 LEU A CB  1 
ATOM   195 C CG  . LEU A 1 26  ? -0.996  3.979   8.799   1.00 43.82  ? 1819 LEU A CG  1 
ATOM   196 C CD1 . LEU A 1 26  ? -1.473  4.687   10.054  1.00 36.11  ? 1819 LEU A CD1 1 
ATOM   197 C CD2 . LEU A 1 26  ? -0.699  4.973   7.688   1.00 31.52  ? 1819 LEU A CD2 1 
ATOM   198 N N   . GLU A 1 27  ? 2.028   0.449   8.921   1.00 43.99  ? 1820 GLU A N   1 
ATOM   199 C CA  . GLU A 1 27  ? 3.210   -0.223  9.434   1.00 50.12  ? 1820 GLU A CA  1 
ATOM   200 C C   . GLU A 1 27  ? 3.214   -1.662  8.941   1.00 48.41  ? 1820 GLU A C   1 
ATOM   201 O O   . GLU A 1 27  ? 2.154   -2.242  8.655   1.00 45.91  ? 1820 GLU A O   1 
ATOM   202 C CB  . GLU A 1 27  ? 3.244   -0.188  10.971  1.00 49.12  ? 1820 GLU A CB  1 
ATOM   203 C CG  . GLU A 1 27  ? 3.375   1.206   11.589  1.00 49.40  ? 1820 GLU A CG  1 
ATOM   204 C CD  . GLU A 1 27  ? 4.664   1.924   11.213  1.00 56.04  ? 1820 GLU A CD  1 
ATOM   205 O OE1 . GLU A 1 27  ? 5.711   1.259   11.168  1.00 61.82  ? 1820 GLU A OE1 1 
ATOM   206 O OE2 . GLU A 1 27  ? 4.621   3.146   10.952  1.00 56.08  ? 1820 GLU A OE2 1 
ATOM   207 N N   . PRO A 1 28  ? 4.393   -2.270  8.834   1.00 42.90  ? 1821 PRO A N   1 
ATOM   208 C CA  . PRO A 1 28  ? 4.460   -3.682  8.450   1.00 38.50  ? 1821 PRO A CA  1 
ATOM   209 C C   . PRO A 1 28  ? 3.646   -4.554  9.399   1.00 37.36  ? 1821 PRO A C   1 
ATOM   210 O O   . PRO A 1 28  ? 3.606   -4.323  10.612  1.00 45.11  ? 1821 PRO A O   1 
ATOM   211 C CB  . PRO A 1 28  ? 5.956   -4.006  8.534   1.00 41.87  ? 1821 PRO A CB  1 
ATOM   212 C CG  . PRO A 1 28  ? 6.637   -2.691  8.347   1.00 44.11  ? 1821 PRO A CG  1 
ATOM   213 C CD  . PRO A 1 28  ? 5.733   -1.674  8.980   1.00 48.27  ? 1821 PRO A CD  1 
ATOM   214 N N   . VAL A 1 29  ? 2.973   -5.556  8.829   1.00 34.25  ? 1822 VAL A N   1 
ATOM   215 C CA  . VAL A 1 29  ? 2.290   -6.540  9.654   1.00 37.98  ? 1822 VAL A CA  1 
ATOM   216 C C   . VAL A 1 29  ? 3.298   -7.211  10.573  1.00 45.10  ? 1822 VAL A C   1 
ATOM   217 O O   . VAL A 1 29  ? 4.410   -7.549  10.158  1.00 39.61  ? 1822 VAL A O   1 
ATOM   218 C CB  . VAL A 1 29  ? 1.565   -7.566  8.764   1.00 40.59  ? 1822 VAL A CB  1 
ATOM   219 C CG1 . VAL A 1 29  ? 1.103   -8.761  9.589   1.00 34.28  ? 1822 VAL A CG1 1 
ATOM   220 C CG2 . VAL A 1 29  ? 0.395   -6.907  8.037   1.00 37.80  ? 1822 VAL A CG2 1 
ATOM   221 N N   . ASN A 1 30  ? 2.917   -7.381  11.841  1.00 46.46  ? 1823 ASN A N   1 
ATOM   222 C CA  . ASN A 1 30  ? 3.743   -8.085  12.812  1.00 42.16  ? 1823 ASN A CA  1 
ATOM   223 C C   . ASN A 1 30  ? 3.362   -9.561  12.783  1.00 39.95  ? 1823 ASN A C   1 
ATOM   224 O O   . ASN A 1 30  ? 2.291   -9.929  13.292  1.00 39.87  ? 1823 ASN A O   1 
ATOM   225 C CB  . ASN A 1 30  ? 3.549   -7.499  14.214  1.00 45.43  ? 1823 ASN A CB  1 
ATOM   226 C CG  . ASN A 1 30  ? 4.545   -8.049  15.225  1.00 50.38  ? 1823 ASN A CG  1 
ATOM   227 O OD1 . ASN A 1 30  ? 5.049   -9.165  15.082  1.00 49.47  ? 1823 ASN A OD1 1 
ATOM   228 N ND2 . ASN A 1 30  ? 4.826   -7.265  16.260  1.00 53.28  ? 1823 ASN A ND2 1 
ATOM   229 N N   . PRO A 1 31  ? 4.182   -10.438 12.199  1.00 40.96  ? 1824 PRO A N   1 
ATOM   230 C CA  . PRO A 1 31  ? 3.792   -11.855 12.099  1.00 39.94  ? 1824 PRO A CA  1 
ATOM   231 C C   . PRO A 1 31  ? 3.682   -12.551 13.442  1.00 41.27  ? 1824 PRO A C   1 
ATOM   232 O O   . PRO A 1 31  ? 2.966   -13.555 13.544  1.00 39.58  ? 1824 PRO A O   1 
ATOM   233 C CB  . PRO A 1 31  ? 4.906   -12.464 11.238  1.00 40.50  ? 1824 PRO A CB  1 
ATOM   234 C CG  . PRO A 1 31  ? 6.079   -11.542 11.432  1.00 39.21  ? 1824 PRO A CG  1 
ATOM   235 C CD  . PRO A 1 31  ? 5.482   -10.173 11.561  1.00 41.47  ? 1824 PRO A CD  1 
ATOM   236 N N   . ARG A 1 32  ? 4.365   -12.051 14.474  1.00 42.07  ? 1825 ARG A N   1 
ATOM   237 C CA  . ARG A 1 32  ? 4.191   -12.604 15.813  1.00 42.82  ? 1825 ARG A CA  1 
ATOM   238 C C   . ARG A 1 32  ? 2.756   -12.456 16.293  1.00 42.89  ? 1825 ARG A C   1 
ATOM   239 O O   . ARG A 1 32  ? 2.266   -13.292 17.061  1.00 48.43  ? 1825 ARG A O   1 
ATOM   240 C CB  . ARG A 1 32  ? 5.141   -11.920 16.796  1.00 46.07  ? 1825 ARG A CB  1 
ATOM   241 C CG  . ARG A 1 32  ? 6.616   -12.226 16.587  1.00 37.90  ? 1825 ARG A CG  1 
ATOM   242 C CD  . ARG A 1 32  ? 7.467   -11.287 17.425  1.00 39.93  ? 1825 ARG A CD  1 
ATOM   243 N NE  . ARG A 1 32  ? 8.887   -11.611 17.354  1.00 46.03  ? 1825 ARG A NE  1 
ATOM   244 C CZ  . ARG A 1 32  ? 9.849   -10.871 17.899  1.00 44.73  ? 1825 ARG A CZ  1 
ATOM   245 N NH1 . ARG A 1 32  ? 9.544   -9.760  18.553  1.00 41.02  ? 1825 ARG A NH1 1 
ATOM   246 N NH2 . ARG A 1 32  ? 11.119  -11.243 17.789  1.00 45.53  ? 1825 ARG A NH2 1 
ATOM   247 N N   . LEU A 1 33  ? 2.070   -11.404 15.851  1.00 50.83  ? 1826 LEU A N   1 
ATOM   248 C CA  . LEU A 1 33  ? 0.717   -11.091 16.291  1.00 42.57  ? 1826 LEU A CA  1 
ATOM   249 C C   . LEU A 1 33  ? -0.358  -11.608 15.350  1.00 42.74  ? 1826 LEU A C   1 
ATOM   250 O O   . LEU A 1 33  ? -1.463  -11.923 15.802  1.00 45.01  ? 1826 LEU A O   1 
ATOM   251 C CB  . LEU A 1 33  ? 0.563   -9.576  16.443  1.00 45.38  ? 1826 LEU A CB  1 
ATOM   252 C CG  . LEU A 1 33  ? 1.562   -8.936  17.408  1.00 47.46  ? 1826 LEU A CG  1 
ATOM   253 C CD1 . LEU A 1 33  ? 1.549   -7.418  17.292  1.00 53.83  ? 1826 LEU A CD1 1 
ATOM   254 C CD2 . LEU A 1 33  ? 1.243   -9.377  18.824  1.00 46.65  ? 1826 LEU A CD2 1 
ATOM   255 N N   . VAL A 1 34  ? -0.059  -11.711 14.063  1.00 46.93  ? 1827 VAL A N   1 
ATOM   256 C CA  . VAL A 1 34  ? -1.022  -12.123 13.050  1.00 45.57  ? 1827 VAL A CA  1 
ATOM   257 C C   . VAL A 1 34  ? -0.701  -13.568 12.685  1.00 46.78  ? 1827 VAL A C   1 
ATOM   258 O O   . VAL A 1 34  ? 0.273   -13.842 11.977  1.00 47.00  ? 1827 VAL A O   1 
ATOM   259 C CB  . VAL A 1 34  ? -0.980  -11.204 11.825  1.00 38.35  ? 1827 VAL A CB  1 
ATOM   260 C CG1 . VAL A 1 34  ? -2.063  -11.580 10.854  1.00 40.70  ? 1827 VAL A CG1 1 
ATOM   261 C CG2 . VAL A 1 34  ? -1.132  -9.750  12.259  1.00 44.88  ? 1827 VAL A CG2 1 
ATOM   262 N N   . SER A 1 35  ? -1.524  -14.498 13.163  1.00 44.41  ? 1828 SER A N   1 
ATOM   263 C CA  . SER A 1 35  ? -1.274  -15.916 12.939  1.00 42.84  ? 1828 SER A CA  1 
ATOM   264 C C   . SER A 1 35  ? -1.385  -16.266 11.456  1.00 47.40  ? 1828 SER A C   1 
ATOM   265 O O   . SER A 1 35  ? -2.381  -15.942 10.803  1.00 49.84  ? 1828 SER A O   1 
ATOM   266 C CB  . SER A 1 35  ? -2.259  -16.750 13.756  1.00 48.99  ? 1828 SER A CB  1 
ATOM   267 O OG  . SER A 1 35  ? -2.105  -18.132 13.488  1.00 70.09  ? 1828 SER A OG  1 
ATOM   268 N N   . GLY A 1 36  ? -0.359  -16.935 10.926  1.00 46.23  ? 1829 GLY A N   1 
ATOM   269 C CA  . GLY A 1 36  ? -0.375  -17.429 9.563   1.00 38.65  ? 1829 GLY A CA  1 
ATOM   270 C C   . GLY A 1 36  ? 0.105   -16.456 8.507   1.00 38.18  ? 1829 GLY A C   1 
ATOM   271 O O   . GLY A 1 36  ? 0.161   -16.827 7.327   1.00 37.49  ? 1829 GLY A O   1 
ATOM   272 N N   . TYR A 1 37  ? 0.470   -15.230 8.890   1.00 41.97  ? 1830 TYR A N   1 
ATOM   273 C CA  . TYR A 1 37  ? 0.824   -14.218 7.901   1.00 43.47  ? 1830 TYR A CA  1 
ATOM   274 C C   . TYR A 1 37  ? 2.162   -14.533 7.248   1.00 38.46  ? 1830 TYR A C   1 
ATOM   275 O O   . TYR A 1 37  ? 2.320   -14.384 6.030   1.00 38.00  ? 1830 TYR A O   1 
ATOM   276 C CB  . TYR A 1 37  ? 0.861   -12.835 8.548   1.00 36.62  ? 1830 TYR A CB  1 
ATOM   277 C CG  . TYR A 1 37  ? 0.818   -11.718 7.534   1.00 36.54  ? 1830 TYR A CG  1 
ATOM   278 C CD1 . TYR A 1 37  ? -0.391  -11.291 7.009   1.00 39.78  ? 1830 TYR A CD1 1 
ATOM   279 C CD2 . TYR A 1 37  ? 1.982   -11.100 7.092   1.00 32.32  ? 1830 TYR A CD2 1 
ATOM   280 C CE1 . TYR A 1 37  ? -0.447  -10.274 6.076   1.00 30.85  ? 1830 TYR A CE1 1 
ATOM   281 C CE2 . TYR A 1 37  ? 1.937   -10.079 6.156   1.00 32.33  ? 1830 TYR A CE2 1 
ATOM   282 C CZ  . TYR A 1 37  ? 0.717   -9.672  5.651   1.00 36.08  ? 1830 TYR A CZ  1 
ATOM   283 O OH  . TYR A 1 37  ? 0.657   -8.659  4.720   1.00 33.40  ? 1830 TYR A OH  1 
ATOM   284 N N   . ARG A 1 38  ? 3.141   -14.956 8.050   1.00 43.71  ? 1831 ARG A N   1 
ATOM   285 C CA  . ARG A 1 38  ? 4.449   -15.322 7.519   1.00 41.36  ? 1831 ARG A CA  1 
ATOM   286 C C   . ARG A 1 38  ? 4.317   -16.387 6.438   1.00 37.89  ? 1831 ARG A C   1 
ATOM   287 O O   . ARG A 1 38  ? 4.965   -16.313 5.389   1.00 37.12  ? 1831 ARG A O   1 
ATOM   288 C CB  . ARG A 1 38  ? 5.344   -15.813 8.659   1.00 52.31  ? 1831 ARG A CB  1 
ATOM   289 C CG  . ARG A 1 38  ? 6.808   -15.948 8.289   1.00 55.77  ? 1831 ARG A CG  1 
ATOM   290 C CD  . ARG A 1 38  ? 7.591   -16.700 9.355   1.00 54.42  ? 1831 ARG A CD  1 
ATOM   291 N NE  . ARG A 1 38  ? 7.457   -16.087 10.671  1.00 57.20  ? 1831 ARG A NE  1 
ATOM   292 C CZ  . ARG A 1 38  ? 8.192   -15.065 11.097  1.00 60.28  ? 1831 ARG A CZ  1 
ATOM   293 N NH1 . ARG A 1 38  ? 9.114   -14.532 10.307  1.00 60.11  ? 1831 ARG A NH1 1 
ATOM   294 N NH2 . ARG A 1 38  ? 8.001   -14.573 12.314  1.00 61.60  ? 1831 ARG A NH2 1 
ATOM   295 N N   . ARG A 1 39  ? 3.448   -17.371 6.671   1.00 34.91  ? 1832 ARG A N   1 
ATOM   296 C CA  . ARG A 1 39  ? 3.299   -18.481 5.737   1.00 35.77  ? 1832 ARG A CA  1 
ATOM   297 C C   . ARG A 1 39  ? 2.572   -18.059 4.463   1.00 36.60  ? 1832 ARG A C   1 
ATOM   298 O O   . ARG A 1 39  ? 2.923   -18.506 3.365   1.00 35.38  ? 1832 ARG A O   1 
ATOM   299 C CB  . ARG A 1 39  ? 2.567   -19.626 6.435   1.00 34.26  ? 1832 ARG A CB  1 
ATOM   300 C CG  . ARG A 1 39  ? 2.060   -20.711 5.513   1.00 39.01  ? 1832 ARG A CG  1 
ATOM   301 C CD  . ARG A 1 39  ? 1.399   -21.826 6.302   1.00 36.71  ? 1832 ARG A CD  1 
ATOM   302 N NE  . ARG A 1 39  ? 0.382   -21.318 7.218   1.00 52.73  ? 1832 ARG A NE  1 
ATOM   303 C CZ  . ARG A 1 39  ? -0.863  -21.008 6.867   1.00 52.12  ? 1832 ARG A CZ  1 
ATOM   304 N NH1 . ARG A 1 39  ? -1.263  -21.146 5.608   1.00 42.74  ? 1832 ARG A NH1 1 
ATOM   305 N NH2 . ARG A 1 39  ? -1.710  -20.555 7.780   1.00 45.52  ? 1832 ARG A NH2 1 
ATOM   306 N N   . ILE A 1 40  ? 1.572   -17.184 4.583   1.00 39.24  ? 1833 ILE A N   1 
ATOM   307 C CA  . ILE A 1 40  ? 0.698   -16.882 3.452   1.00 37.02  ? 1833 ILE A CA  1 
ATOM   308 C C   . ILE A 1 40  ? 1.277   -15.772 2.577   1.00 38.99  ? 1833 ILE A C   1 
ATOM   309 O O   . ILE A 1 40  ? 1.237   -15.857 1.344   1.00 42.82  ? 1833 ILE A O   1 
ATOM   310 C CB  . ILE A 1 40  ? -0.711  -16.536 3.969   1.00 37.46  ? 1833 ILE A CB  1 
ATOM   311 C CG1 . ILE A 1 40  ? -1.385  -17.799 4.510   1.00 33.52  ? 1833 ILE A CG1 1 
ATOM   312 C CG2 . ILE A 1 40  ? -1.551  -15.899 2.876   1.00 38.00  ? 1833 ILE A CG2 1 
ATOM   313 C CD1 . ILE A 1 40  ? -2.739  -17.570 5.145   1.00 26.87  ? 1833 ILE A CD1 1 
ATOM   314 N N   . ILE A 1 41  ? 1.825   -14.722 3.180   1.00 39.54  ? 1834 ILE A N   1 
ATOM   315 C CA  . ILE A 1 41  ? 2.283   -13.545 2.446   1.00 42.80  ? 1834 ILE A CA  1 
ATOM   316 C C   . ILE A 1 41  ? 3.793   -13.648 2.255   1.00 41.96  ? 1834 ILE A C   1 
ATOM   317 O O   . ILE A 1 41  ? 4.561   -13.580 3.220   1.00 46.37  ? 1834 ILE A O   1 
ATOM   318 C CB  . ILE A 1 41  ? 1.885   -12.247 3.161   1.00 38.15  ? 1834 ILE A CB  1 
ATOM   319 C CG1 . ILE A 1 41  ? 0.361   -12.134 3.198   1.00 34.84  ? 1834 ILE A CG1 1 
ATOM   320 C CG2 . ILE A 1 41  ? 2.480   -11.043 2.457   1.00 31.68  ? 1834 ILE A CG2 1 
ATOM   321 C CD1 . ILE A 1 41  ? -0.249  -12.162 1.814   1.00 36.27  ? 1834 ILE A CD1 1 
ATOM   322 N N   . LYS A 1 42  ? 4.215   -13.793 0.997   1.00 38.62  ? 1835 LYS A N   1 
ATOM   323 C CA  . LYS A 1 42  ? 5.627   -13.974 0.676   1.00 41.64  ? 1835 LYS A CA  1 
ATOM   324 C C   . LYS A 1 42  ? 6.375   -12.650 0.628   1.00 42.45  ? 1835 LYS A C   1 
ATOM   325 O O   . LYS A 1 42  ? 7.526   -12.566 1.070   1.00 50.04  ? 1835 LYS A O   1 
ATOM   326 C CB  . LYS A 1 42  ? 5.775   -14.684 -0.670  1.00 45.06  ? 1835 LYS A CB  1 
ATOM   327 C CG  . LYS A 1 42  ? 5.032   -16.000 -0.756  1.00 59.77  ? 1835 LYS A CG  1 
ATOM   328 C CD  . LYS A 1 42  ? 4.283   -16.133 -2.079  1.00 70.29  ? 1835 LYS A CD  1 
ATOM   329 C CE  . LYS A 1 42  ? 3.214   -17.222 -2.004  1.00 64.78  ? 1835 LYS A CE  1 
ATOM   330 N NZ  . LYS A 1 42  ? 2.139   -17.007 -3.015  1.00 58.63  ? 1835 LYS A NZ  1 
ATOM   331 N N   . ASN A 1 43  ? 5.753   -11.617 0.072   1.00 41.22  ? 1836 ASN A N   1 
ATOM   332 C CA  . ASN A 1 43  ? 6.397   -10.324 -0.152  1.00 41.60  ? 1836 ASN A CA  1 
ATOM   333 C C   . ASN A 1 43  ? 5.529   -9.241  0.473   1.00 43.48  ? 1836 ASN A C   1 
ATOM   334 O O   . ASN A 1 43  ? 4.800   -8.531  -0.232  1.00 35.74  ? 1836 ASN A O   1 
ATOM   335 C CB  . ASN A 1 43  ? 6.614   -10.069 -1.644  1.00 42.77  ? 1836 ASN A CB  1 
ATOM   336 C CG  . ASN A 1 43  ? 7.402   -11.181 -2.317  1.00 51.64  ? 1836 ASN A CG  1 
ATOM   337 O OD1 . ASN A 1 43  ? 7.014   -11.686 -3.372  1.00 48.94  ? 1836 ASN A OD1 1 
ATOM   338 N ND2 . ASN A 1 43  ? 8.520   -11.565 -1.703  1.00 49.24  ? 1836 ASN A ND2 1 
ATOM   339 N N   . PRO A 1 44  ? 5.585   -9.081  1.796   1.00 42.85  ? 1837 PRO A N   1 
ATOM   340 C CA  . PRO A 1 44  ? 4.791   -8.033  2.447   1.00 37.31  ? 1837 PRO A CA  1 
ATOM   341 C C   . PRO A 1 44  ? 5.220   -6.640  2.011   1.00 36.33  ? 1837 PRO A C   1 
ATOM   342 O O   . PRO A 1 44  ? 6.354   -6.404  1.590   1.00 40.09  ? 1837 PRO A O   1 
ATOM   343 C CB  . PRO A 1 44  ? 5.064   -8.253  3.941   1.00 37.15  ? 1837 PRO A CB  1 
ATOM   344 C CG  . PRO A 1 44  ? 6.377   -8.967  3.978   1.00 41.15  ? 1837 PRO A CG  1 
ATOM   345 C CD  . PRO A 1 44  ? 6.351   -9.871  2.773   1.00 36.69  ? 1837 PRO A CD  1 
ATOM   346 N N   . MET A 1 45  ? 4.281   -5.704  2.128   1.00 39.57  ? 1838 MET A N   1 
ATOM   347 C CA  . MET A 1 45  ? 4.514   -4.320  1.747   1.00 37.68  ? 1838 MET A CA  1 
ATOM   348 C C   . MET A 1 45  ? 3.540   -3.438  2.517   1.00 38.01  ? 1838 MET A C   1 
ATOM   349 O O   . MET A 1 45  ? 2.411   -3.843  2.806   1.00 41.57  ? 1838 MET A O   1 
ATOM   350 C CB  . MET A 1 45  ? 4.354   -4.125  0.232   1.00 32.77  ? 1838 MET A CB  1 
ATOM   351 C CG  . MET A 1 45  ? 4.702   -2.733  -0.266  1.00 37.92  ? 1838 MET A CG  1 
ATOM   352 S SD  . MET A 1 45  ? 6.292   -2.139  0.345   1.00 42.74  ? 1838 MET A SD  1 
ATOM   353 C CE  . MET A 1 45  ? 7.444   -3.197  -0.527  1.00 40.91  ? 1838 MET A CE  1 
ATOM   354 N N   . ASP A 1 46  ? 4.002   -2.239  2.866   1.00 35.10  ? 1839 ASP A N   1 
ATOM   355 C CA  . ASP A 1 46  ? 3.188   -1.284  3.606   1.00 37.95  ? 1839 ASP A CA  1 
ATOM   356 C C   . ASP A 1 46  ? 3.612   0.125   3.219   1.00 44.02  ? 1839 ASP A C   1 
ATOM   357 O O   . ASP A 1 46  ? 4.576   0.326   2.478   1.00 38.56  ? 1839 ASP A O   1 
ATOM   358 C CB  . ASP A 1 46  ? 3.319   -1.479  5.117   1.00 41.60  ? 1839 ASP A CB  1 
ATOM   359 C CG  . ASP A 1 46  ? 4.733   -1.271  5.595   1.00 49.69  ? 1839 ASP A CG  1 
ATOM   360 O OD1 . ASP A 1 46  ? 5.575   -2.159  5.350   1.00 47.01  ? 1839 ASP A OD1 1 
ATOM   361 O OD2 . ASP A 1 46  ? 5.016   -0.203  6.183   1.00 54.28  ? 1839 ASP A OD2 1 
ATOM   362 N N   . PHE A 1 47  ? 2.885   1.104   3.765   1.00 39.69  ? 1840 PHE A N   1 
ATOM   363 C CA  . PHE A 1 47  ? 3.101   2.497   3.384   1.00 44.07  ? 1840 PHE A CA  1 
ATOM   364 C C   . PHE A 1 47  ? 4.411   3.039   3.947   1.00 45.42  ? 1840 PHE A C   1 
ATOM   365 O O   . PHE A 1 47  ? 5.105   3.813   3.275   1.00 43.56  ? 1840 PHE A O   1 
ATOM   366 C CB  . PHE A 1 47  ? 1.915   3.349   3.840   1.00 40.49  ? 1840 PHE A CB  1 
ATOM   367 C CG  . PHE A 1 47  ? 0.634   3.047   3.108   1.00 36.49  ? 1840 PHE A CG  1 
ATOM   368 C CD1 . PHE A 1 47  ? 0.662   2.425   1.871   1.00 36.33  ? 1840 PHE A CD1 1 
ATOM   369 C CD2 . PHE A 1 47  ? -0.595  3.385   3.653   1.00 36.99  ? 1840 PHE A CD2 1 
ATOM   370 C CE1 . PHE A 1 47  ? -0.506  2.141   1.193   1.00 33.59  ? 1840 PHE A CE1 1 
ATOM   371 C CE2 . PHE A 1 47  ? -1.770  3.107   2.975   1.00 43.19  ? 1840 PHE A CE2 1 
ATOM   372 C CZ  . PHE A 1 47  ? -1.724  2.483   1.743   1.00 40.43  ? 1840 PHE A CZ  1 
ATOM   373 N N   . SER A 1 48  ? 4.769   2.652   5.175   1.00 47.43  ? 1841 SER A N   1 
ATOM   374 C CA  . SER A 1 48  ? 6.031   3.116   5.742   1.00 50.22  ? 1841 SER A CA  1 
ATOM   375 C C   . SER A 1 48  ? 7.220   2.580   4.953   1.00 49.09  ? 1841 SER A C   1 
ATOM   376 O O   . SER A 1 48  ? 8.206   3.297   4.744   1.00 49.95  ? 1841 SER A O   1 
ATOM   377 C CB  . SER A 1 48  ? 6.140   2.706   7.209   1.00 44.59  ? 1841 SER A CB  1 
ATOM   378 O OG  . SER A 1 48  ? 6.368   1.314   7.328   1.00 53.51  ? 1841 SER A OG  1 
ATOM   379 N N   . THR A 1 49  ? 7.148   1.322   4.512   1.00 42.03  ? 1842 THR A N   1 
ATOM   380 C CA  . THR A 1 49  ? 8.220   0.773   3.688   1.00 42.81  ? 1842 THR A CA  1 
ATOM   381 C C   . THR A 1 49  ? 8.307   1.502   2.352   1.00 45.61  ? 1842 THR A C   1 
ATOM   382 O O   . THR A 1 49  ? 9.406   1.765   1.849   1.00 50.84  ? 1842 THR A O   1 
ATOM   383 C CB  . THR A 1 49  ? 8.000   -0.725  3.481   1.00 42.23  ? 1842 THR A CB  1 
ATOM   384 O OG1 . THR A 1 49  ? 7.797   -1.352  4.753   1.00 41.76  ? 1842 THR A OG1 1 
ATOM   385 C CG2 . THR A 1 49  ? 9.208   -1.359  2.800   1.00 30.67  ? 1842 THR A CG2 1 
ATOM   386 N N   . MET A 1 50  ? 7.156   1.843   1.767   1.00 40.39  ? 1843 MET A N   1 
ATOM   387 C CA  . MET A 1 50  ? 7.147   2.663   0.560   1.00 41.64  ? 1843 MET A CA  1 
ATOM   388 C C   . MET A 1 50  ? 7.683   4.059   0.841   1.00 45.38  ? 1843 MET A C   1 
ATOM   389 O O   . MET A 1 50  ? 8.416   4.627   0.022   1.00 44.96  ? 1843 MET A O   1 
ATOM   390 C CB  . MET A 1 50  ? 5.729   2.735   -0.012  1.00 44.64  ? 1843 MET A CB  1 
ATOM   391 C CG  . MET A 1 50  ? 5.207   1.406   -0.545  1.00 43.59  ? 1843 MET A CG  1 
ATOM   392 S SD  . MET A 1 50  ? 3.439   1.423   -0.909  1.00 43.62  ? 1843 MET A SD  1 
ATOM   393 C CE  . MET A 1 50  ? 3.388   2.529   -2.311  1.00 39.71  ? 1843 MET A CE  1 
ATOM   394 N N   . ARG A 1 51  ? 7.342   4.596   2.009   1.00 48.62  ? 1844 ARG A N   1 
ATOM   395 C CA  . ARG A 1 51  ? 7.806   5.916   2.408   1.00 48.17  ? 1844 ARG A CA  1 
ATOM   396 C C   . ARG A 1 51  ? 9.326   5.919   2.531   1.00 51.06  ? 1844 ARG A C   1 
ATOM   397 O O   . ARG A 1 51  ? 9.997   6.821   2.028   1.00 51.72  ? 1844 ARG A O   1 
ATOM   398 C CB  . ARG A 1 51  ? 7.168   6.332   3.736   1.00 46.12  ? 1844 ARG A CB  1 
ATOM   399 C CG  . ARG A 1 51  ? 7.772   7.585   4.349   1.00 41.91  ? 1844 ARG A CG  1 
ATOM   400 C CD  . ARG A 1 51  ? 7.702   8.759   3.387   1.00 49.77  ? 1844 ARG A CD  1 
ATOM   401 N NE  . ARG A 1 51  ? 6.349   9.300   3.281   1.00 41.25  ? 1844 ARG A NE  1 
ATOM   402 C CZ  . ARG A 1 51  ? 5.937   10.091  2.296   1.00 43.76  ? 1844 ARG A CZ  1 
ATOM   403 N NH1 . ARG A 1 51  ? 6.772   10.438  1.328   1.00 41.78  ? 1844 ARG A NH1 1 
ATOM   404 N NH2 . ARG A 1 51  ? 4.688   10.536  2.280   1.00 46.99  ? 1844 ARG A NH2 1 
ATOM   405 N N   . GLU A 1 52  ? 9.865   4.906   3.202   1.00 52.84  ? 1845 GLU A N   1 
ATOM   406 C CA  . GLU A 1 52  ? 11.311  4.790   3.378   1.00 51.49  ? 1845 GLU A CA  1 
ATOM   407 C C   . GLU A 1 52  ? 12.019  4.735   2.033   1.00 49.83  ? 1845 GLU A C   1 
ATOM   408 O O   . GLU A 1 52  ? 13.004  5.446   1.802   1.00 51.48  ? 1845 GLU A O   1 
ATOM   409 C CB  . GLU A 1 52  ? 11.650  3.543   4.201   1.00 55.91  ? 1845 GLU A CB  1 
ATOM   410 C CG  . GLU A 1 52  ? 11.261  3.591   5.671   1.00 60.37  ? 1845 GLU A CG  1 
ATOM   411 C CD  . GLU A 1 52  ? 11.690  2.336   6.422   1.00 70.23  ? 1845 GLU A CD  1 
ATOM   412 O OE1 . GLU A 1 52  ? 12.461  1.535   5.848   1.00 69.28  ? 1845 GLU A OE1 1 
ATOM   413 O OE2 . GLU A 1 52  ? 11.260  2.147   7.581   1.00 71.04  ? 1845 GLU A OE2 1 
ATOM   414 N N   . ARG A 1 53  ? 11.522  3.891   1.127   1.00 51.86  ? 1846 ARG A N   1 
ATOM   415 C CA  . ARG A 1 53  ? 12.180  3.718   -0.162  1.00 52.53  ? 1846 ARG A CA  1 
ATOM   416 C C   . ARG A 1 53  ? 12.097  4.987   -1.001  1.00 52.71  ? 1846 ARG A C   1 
ATOM   417 O O   . ARG A 1 53  ? 13.067  5.361   -1.671  1.00 53.61  ? 1846 ARG A O   1 
ATOM   418 C CB  . ARG A 1 53  ? 11.564  2.534   -0.904  1.00 48.78  ? 1846 ARG A CB  1 
ATOM   419 C CG  . ARG A 1 53  ? 12.238  2.216   -2.221  1.00 58.09  ? 1846 ARG A CG  1 
ATOM   420 C CD  . ARG A 1 53  ? 11.684  0.941   -2.825  1.00 60.49  ? 1846 ARG A CD  1 
ATOM   421 N NE  . ARG A 1 53  ? 12.092  0.778   -4.217  1.00 64.78  ? 1846 ARG A NE  1 
ATOM   422 C CZ  . ARG A 1 53  ? 11.575  -0.128  -5.041  1.00 62.50  ? 1846 ARG A CZ  1 
ATOM   423 N NH1 . ARG A 1 53  ? 10.628  -0.949  -4.611  1.00 57.92  ? 1846 ARG A NH1 1 
ATOM   424 N NH2 . ARG A 1 53  ? 12.001  -0.205  -6.294  1.00 61.33  ? 1846 ARG A NH2 1 
ATOM   425 N N   . LEU A 1 54  ? 10.949  5.669   -0.966  1.00 52.81  ? 1847 LEU A N   1 
ATOM   426 C CA  . LEU A 1 54  ? 10.772  6.872   -1.774  1.00 55.04  ? 1847 LEU A CA  1 
ATOM   427 C C   . LEU A 1 54  ? 11.694  7.998   -1.316  1.00 55.82  ? 1847 LEU A C   1 
ATOM   428 O O   . LEU A 1 54  ? 12.248  8.727   -2.147  1.00 51.51  ? 1847 LEU A O   1 
ATOM   429 C CB  . LEU A 1 54  ? 9.311   7.320   -1.726  1.00 53.68  ? 1847 LEU A CB  1 
ATOM   430 C CG  . LEU A 1 54  ? 8.896   8.518   -2.582  1.00 47.92  ? 1847 LEU A CG  1 
ATOM   431 C CD1 . LEU A 1 54  ? 9.104   8.231   -4.060  1.00 50.83  ? 1847 LEU A CD1 1 
ATOM   432 C CD2 . LEU A 1 54  ? 7.446   8.885   -2.298  1.00 49.53  ? 1847 LEU A CD2 1 
ATOM   433 N N   . LEU A 1 55  ? 11.875  8.156   0.000   1.00 54.27  ? 1848 LEU A N   1 
ATOM   434 C CA  . LEU A 1 55  ? 12.694  9.254   0.509   1.00 53.12  ? 1848 LEU A CA  1 
ATOM   435 C C   . LEU A 1 55  ? 14.167  9.069   0.152   1.00 63.68  ? 1848 LEU A C   1 
ATOM   436 O O   . LEU A 1 55  ? 14.856  10.040  -0.182  1.00 69.88  ? 1848 LEU A O   1 
ATOM   437 C CB  . LEU A 1 55  ? 12.509  9.392   2.023   1.00 46.84  ? 1848 LEU A CB  1 
ATOM   438 C CG  . LEU A 1 55  ? 11.198  10.040  2.486   1.00 54.03  ? 1848 LEU A CG  1 
ATOM   439 C CD1 . LEU A 1 55  ? 11.189  10.268  3.994   1.00 54.67  ? 1848 LEU A CD1 1 
ATOM   440 C CD2 . LEU A 1 55  ? 10.932  11.348  1.739   1.00 50.03  ? 1848 LEU A CD2 1 
ATOM   441 N N   . ARG A 1 56  ? 14.668  7.832   0.225   1.00 61.73  ? 1849 ARG A N   1 
ATOM   442 C CA  . ARG A 1 56  ? 15.972  7.445   -0.311  1.00 53.33  ? 1849 ARG A CA  1 
ATOM   443 C C   . ARG A 1 56  ? 15.960  7.370   -1.846  1.00 60.96  ? 1849 ARG A C   1 
ATOM   444 O O   . ARG A 1 56  ? 16.975  7.038   -2.469  1.00 65.07  ? 1849 ARG A O   1 
ATOM   445 C CB  . ARG A 1 56  ? 16.400  6.112   0.336   1.00 56.45  ? 1849 ARG A CB  1 
ATOM   446 C CG  . ARG A 1 56  ? 17.758  5.468   -0.051  1.00 63.99  ? 1849 ARG A CG  1 
ATOM   447 C CD  . ARG A 1 56  ? 18.908  6.441   -0.330  1.00 67.95  ? 1849 ARG A CD  1 
ATOM   448 N NE  . ARG A 1 56  ? 20.209  5.765   -0.244  1.00 72.98  ? 1849 ARG A NE  1 
ATOM   449 C CZ  . ARG A 1 56  ? 20.731  4.992   -1.192  1.00 78.41  ? 1849 ARG A CZ  1 
ATOM   450 N NH1 . ARG A 1 56  ? 20.064  4.790   -2.317  1.00 76.58  ? 1849 ARG A NH1 1 
ATOM   451 N NH2 . ARG A 1 56  ? 21.914  4.418   -1.011  1.00 72.49  ? 1849 ARG A NH2 1 
ATOM   452 N N   . GLY A 1 57  ? 14.833  7.699   -2.475  1.00 66.59  ? 1850 GLY A N   1 
ATOM   453 C CA  . GLY A 1 57  ? 14.769  7.784   -3.925  1.00 68.65  ? 1850 GLY A CA  1 
ATOM   454 C C   . GLY A 1 57  ? 14.927  6.444   -4.607  1.00 71.49  ? 1850 GLY A C   1 
ATOM   455 O O   . GLY A 1 57  ? 15.226  6.372   -5.804  1.00 69.67  ? 1850 GLY A O   1 
ATOM   456 N N   . GLY A 1 58  ? 14.708  5.372   -3.849  1.00 69.80  ? 1851 GLY A N   1 
ATOM   457 C CA  . GLY A 1 58  ? 14.885  4.019   -4.341  1.00 64.51  ? 1851 GLY A CA  1 
ATOM   458 C C   . GLY A 1 58  ? 13.846  3.568   -5.348  1.00 66.67  ? 1851 GLY A C   1 
ATOM   459 O O   . GLY A 1 58  ? 13.676  2.365   -5.565  1.00 65.39  ? 1851 GLY A O   1 
ATOM   460 N N   . TYR A 1 59  ? 13.145  4.514   -5.966  1.00 60.28  ? 1852 TYR A N   1 
ATOM   461 C CA  . TYR A 1 59  ? 12.207  4.224   -7.042  1.00 62.29  ? 1852 TYR A CA  1 
ATOM   462 C C   . TYR A 1 59  ? 12.726  4.824   -8.341  1.00 71.29  ? 1852 TYR A C   1 
ATOM   463 O O   . TYR A 1 59  ? 13.026  6.021   -8.400  1.00 76.34  ? 1852 TYR A O   1 
ATOM   464 C CB  . TYR A 1 59  ? 10.809  4.769   -6.727  1.00 62.03  ? 1852 TYR A CB  1 
ATOM   465 C CG  . TYR A 1 59  ? 10.047  3.961   -5.698  1.00 58.29  ? 1852 TYR A CG  1 
ATOM   466 C CD1 . TYR A 1 59  ? 9.660   2.652   -5.962  1.00 59.84  ? 1852 TYR A CD1 1 
ATOM   467 C CD2 . TYR A 1 59  ? 9.707   4.507   -4.467  1.00 54.53  ? 1852 TYR A CD2 1 
ATOM   468 C CE1 . TYR A 1 59  ? 8.964   1.907   -5.025  1.00 54.18  ? 1852 TYR A CE1 1 
ATOM   469 C CE2 . TYR A 1 59  ? 9.010   3.768   -3.523  1.00 52.76  ? 1852 TYR A CE2 1 
ATOM   470 C CZ  . TYR A 1 59  ? 8.641   2.469   -3.808  1.00 51.89  ? 1852 TYR A CZ  1 
ATOM   471 O OH  . TYR A 1 59  ? 7.949   1.725   -2.878  1.00 46.45  ? 1852 TYR A OH  1 
ATOM   472 N N   . THR A 1 60  ? 12.833  3.988   -9.374  1.00 72.35  ? 1853 THR A N   1 
ATOM   473 C CA  . THR A 1 60  ? 13.319  4.426   -10.678 1.00 67.82  ? 1853 THR A CA  1 
ATOM   474 C C   . THR A 1 60  ? 12.232  5.108   -11.499 1.00 72.03  ? 1853 THR A C   1 
ATOM   475 O O   . THR A 1 60  ? 12.486  6.145   -12.123 1.00 78.32  ? 1853 THR A O   1 
ATOM   476 C CB  . THR A 1 60  ? 13.887  3.233   -11.458 1.00 73.08  ? 1853 THR A CB  1 
ATOM   477 O OG1 . THR A 1 60  ? 14.925  2.605   -10.695 1.00 61.84  ? 1853 THR A OG1 1 
ATOM   478 C CG2 . THR A 1 60  ? 14.454  3.684   -12.804 1.00 73.41  ? 1853 THR A CG2 1 
ATOM   479 N N   . SER A 1 61  ? 11.024  4.546   -11.511 1.00 71.57  ? 1854 SER A N   1 
ATOM   480 C CA  . SER A 1 61  ? 9.901   5.112   -12.245 1.00 73.61  ? 1854 SER A CA  1 
ATOM   481 C C   . SER A 1 61  ? 8.673   5.107   -11.351 1.00 68.94  ? 1854 SER A C   1 
ATOM   482 O O   . SER A 1 61  ? 8.668   4.526   -10.261 1.00 64.45  ? 1854 SER A O   1 
ATOM   483 C CB  . SER A 1 61  ? 9.613   4.336   -13.537 1.00 78.52  ? 1854 SER A CB  1 
ATOM   484 O OG  . SER A 1 61  ? 9.261   2.990   -13.257 1.00 72.30  ? 1854 SER A OG  1 
ATOM   485 N N   . SER A 1 62  ? 7.617   5.767   -11.827 1.00 71.33  ? 1855 SER A N   1 
ATOM   486 C CA  . SER A 1 62  ? 6.334   5.685   -11.146 1.00 73.47  ? 1855 SER A CA  1 
ATOM   487 C C   . SER A 1 62  ? 5.772   4.272   -11.167 1.00 71.23  ? 1855 SER A C   1 
ATOM   488 O O   . SER A 1 62  ? 4.971   3.918   -10.294 1.00 69.38  ? 1855 SER A O   1 
ATOM   489 C CB  . SER A 1 62  ? 5.340   6.646   -11.788 1.00 71.78  ? 1855 SER A CB  1 
ATOM   490 O OG  . SER A 1 62  ? 5.026   6.251   -13.113 1.00 77.26  ? 1855 SER A OG  1 
ATOM   491 N N   . GLU A 1 63  ? 6.184   3.457   -12.143 1.00 71.66  ? 1856 GLU A N   1 
ATOM   492 C CA  . GLU A 1 63  ? 5.651   2.104   -12.260 1.00 66.22  ? 1856 GLU A CA  1 
ATOM   493 C C   . GLU A 1 63  ? 6.131   1.213   -11.123 1.00 58.19  ? 1856 GLU A C   1 
ATOM   494 O O   . GLU A 1 63  ? 5.361   0.401   -10.601 1.00 61.58  ? 1856 GLU A O   1 
ATOM   495 C CB  . GLU A 1 63  ? 6.033   1.504   -13.613 1.00 73.98  ? 1856 GLU A CB  1 
ATOM   496 C CG  . GLU A 1 63  ? 5.047   1.810   -14.735 1.00 78.76  ? 1856 GLU A CG  1 
ATOM   497 C CD  . GLU A 1 63  ? 5.341   3.116   -15.454 1.00 82.67  ? 1856 GLU A CD  1 
ATOM   498 O OE1 . GLU A 1 63  ? 6.441   3.243   -16.037 1.00 80.82  ? 1856 GLU A OE1 1 
ATOM   499 O OE2 . GLU A 1 63  ? 4.472   4.013   -15.439 1.00 86.49  ? 1856 GLU A OE2 1 
ATOM   500 N N   . GLU A 1 64  ? 7.401   1.339   -10.729 1.00 61.09  ? 1857 GLU A N   1 
ATOM   501 C CA  . GLU A 1 64  ? 7.883   0.575   -9.582  1.00 63.28  ? 1857 GLU A CA  1 
ATOM   502 C C   . GLU A 1 64  ? 7.139   0.970   -8.314  1.00 58.16  ? 1857 GLU A C   1 
ATOM   503 O O   . GLU A 1 64  ? 6.885   0.123   -7.451  1.00 54.53  ? 1857 GLU A O   1 
ATOM   504 C CB  . GLU A 1 64  ? 9.390   0.775   -9.393  1.00 64.61  ? 1857 GLU A CB  1 
ATOM   505 C CG  . GLU A 1 64  ? 10.245  0.374   -10.587 1.00 62.97  ? 1857 GLU A CG  1 
ATOM   506 C CD  . GLU A 1 64  ? 11.720  0.265   -10.237 1.00 73.40  ? 1857 GLU A CD  1 
ATOM   507 O OE1 . GLU A 1 64  ? 12.483  -0.324  -11.031 1.00 79.10  ? 1857 GLU A OE1 1 
ATOM   508 O OE2 . GLU A 1 64  ? 12.117  0.763   -9.161  1.00 73.15  ? 1857 GLU A OE2 1 
ATOM   509 N N   . PHE A 1 65  ? 6.783   2.250   -8.192  1.00 57.62  ? 1858 PHE A N   1 
ATOM   510 C CA  . PHE A 1 65  ? 5.999   2.706   -7.051  1.00 52.23  ? 1858 PHE A CA  1 
ATOM   511 C C   . PHE A 1 65  ? 4.616   2.072   -7.058  1.00 52.64  ? 1858 PHE A C   1 
ATOM   512 O O   . PHE A 1 65  ? 4.126   1.602   -6.024  1.00 52.36  ? 1858 PHE A O   1 
ATOM   513 C CB  . PHE A 1 65  ? 5.897   4.231   -7.071  1.00 56.21  ? 1858 PHE A CB  1 
ATOM   514 C CG  . PHE A 1 65  ? 5.006   4.796   -6.004  1.00 50.24  ? 1858 PHE A CG  1 
ATOM   515 C CD1 . PHE A 1 65  ? 3.702   5.174   -6.293  1.00 49.37  ? 1858 PHE A CD1 1 
ATOM   516 C CD2 . PHE A 1 65  ? 5.471   4.957   -4.710  1.00 49.35  ? 1858 PHE A CD2 1 
ATOM   517 C CE1 . PHE A 1 65  ? 2.881   5.696   -5.310  1.00 51.66  ? 1858 PHE A CE1 1 
ATOM   518 C CE2 . PHE A 1 65  ? 4.657   5.481   -3.725  1.00 48.38  ? 1858 PHE A CE2 1 
ATOM   519 C CZ  . PHE A 1 65  ? 3.360   5.849   -4.023  1.00 45.12  ? 1858 PHE A CZ  1 
ATOM   520 N N   . ALA A 1 66  ? 3.970   2.052   -8.225  1.00 52.57  ? 1859 ALA A N   1 
ATOM   521 C CA  . ALA A 1 66  ? 2.635   1.473   -8.323  1.00 52.97  ? 1859 ALA A CA  1 
ATOM   522 C C   . ALA A 1 66  ? 2.659   -0.016  -8.008  1.00 47.08  ? 1859 ALA A C   1 
ATOM   523 O O   . ALA A 1 66  ? 1.736   -0.538  -7.372  1.00 47.79  ? 1859 ALA A O   1 
ATOM   524 C CB  . ALA A 1 66  ? 2.058   1.720   -9.717  1.00 55.96  ? 1859 ALA A CB  1 
ATOM   525 N N   . ALA A 1 67  ? 3.713   -0.713  -8.438  1.00 42.48  ? 1860 ALA A N   1 
ATOM   526 C CA  . ALA A 1 67  ? 3.817   -2.140  -8.159  1.00 44.36  ? 1860 ALA A CA  1 
ATOM   527 C C   . ALA A 1 67  ? 3.859   -2.414  -6.663  1.00 43.68  ? 1860 ALA A C   1 
ATOM   528 O O   . ALA A 1 67  ? 3.334   -3.435  -6.204  1.00 44.11  ? 1860 ALA A O   1 
ATOM   529 C CB  . ALA A 1 67  ? 5.055   -2.719  -8.844  1.00 47.48  ? 1860 ALA A CB  1 
ATOM   530 N N   . ASP A 1 68  ? 4.473   -1.517  -5.888  1.00 44.02  ? 1861 ASP A N   1 
ATOM   531 C CA  . ASP A 1 68  ? 4.473   -1.668  -4.438  1.00 43.04  ? 1861 ASP A CA  1 
ATOM   532 C C   . ASP A 1 68  ? 3.103   -1.369  -3.844  1.00 43.05  ? 1861 ASP A C   1 
ATOM   533 O O   . ASP A 1 68  ? 2.687   -2.025  -2.882  1.00 34.27  ? 1861 ASP A O   1 
ATOM   534 C CB  . ASP A 1 68  ? 5.535   -0.760  -3.816  1.00 43.02  ? 1861 ASP A CB  1 
ATOM   535 C CG  . ASP A 1 68  ? 6.857   -1.470  -3.607  1.00 55.67  ? 1861 ASP A CG  1 
ATOM   536 O OD1 . ASP A 1 68  ? 6.901   -2.711  -3.758  1.00 49.48  ? 1861 ASP A OD1 1 
ATOM   537 O OD2 . ASP A 1 68  ? 7.855   -0.791  -3.288  1.00 59.89  ? 1861 ASP A OD2 1 
ATOM   538 N N   . ALA A 1 69  ? 2.391   -0.388  -4.399  1.00 38.67  ? 1862 ALA A N   1 
ATOM   539 C CA  . ALA A 1 69  ? 1.062   -0.071  -3.890  1.00 35.84  ? 1862 ALA A CA  1 
ATOM   540 C C   . ALA A 1 69  ? 0.097   -1.221  -4.145  1.00 36.66  ? 1862 ALA A C   1 
ATOM   541 O O   . ALA A 1 69  ? -0.638  -1.644  -3.245  1.00 36.04  ? 1862 ALA A O   1 
ATOM   542 C CB  . ALA A 1 69  ? 0.552   1.223   -4.523  1.00 41.71  ? 1862 ALA A CB  1 
ATOM   543 N N   . LEU A 1 70  ? 0.100   -1.751  -5.370  1.00 38.17  ? 1863 LEU A N   1 
ATOM   544 C CA  . LEU A 1 70  ? -0.760  -2.883  -5.700  1.00 38.65  ? 1863 LEU A CA  1 
ATOM   545 C C   . LEU A 1 70  ? -0.415  -4.112  -4.869  1.00 35.92  ? 1863 LEU A C   1 
ATOM   546 O O   . LEU A 1 70  ? -1.296  -4.927  -4.570  1.00 36.41  ? 1863 LEU A O   1 
ATOM   547 C CB  . LEU A 1 70  ? -0.648  -3.204  -7.191  1.00 32.80  ? 1863 LEU A CB  1 
ATOM   548 C CG  . LEU A 1 70  ? -0.967  -2.038  -8.134  1.00 42.18  ? 1863 LEU A CG  1 
ATOM   549 C CD1 . LEU A 1 70  ? -0.861  -2.461  -9.593  1.00 42.80  ? 1863 LEU A CD1 1 
ATOM   550 C CD2 . LEU A 1 70  ? -2.341  -1.464  -7.827  1.00 32.67  ? 1863 LEU A CD2 1 
ATOM   551 N N   . LEU A 1 71  ? 0.856   -4.262  -4.488  1.00 35.89  ? 1864 LEU A N   1 
ATOM   552 C CA  . LEU A 1 71  ? 1.257   -5.388  -3.650  1.00 37.64  ? 1864 LEU A CA  1 
ATOM   553 C C   . LEU A 1 71  ? 0.644   -5.287  -2.258  1.00 38.41  ? 1864 LEU A C   1 
ATOM   554 O O   . LEU A 1 71  ? 0.317   -6.308  -1.642  1.00 36.89  ? 1864 LEU A O   1 
ATOM   555 C CB  . LEU A 1 71  ? 2.785   -5.458  -3.572  1.00 37.72  ? 1864 LEU A CB  1 
ATOM   556 C CG  . LEU A 1 71  ? 3.433   -6.538  -2.701  1.00 34.45  ? 1864 LEU A CG  1 
ATOM   557 C CD1 . LEU A 1 71  ? 2.979   -7.926  -3.131  1.00 31.25  ? 1864 LEU A CD1 1 
ATOM   558 C CD2 . LEU A 1 71  ? 4.961   -6.434  -2.735  1.00 43.37  ? 1864 LEU A CD2 1 
ATOM   559 N N   . VAL A 1 72  ? 0.484   -4.063  -1.745  1.00 34.32  ? 1865 VAL A N   1 
ATOM   560 C CA  . VAL A 1 72  ? -0.142  -3.870  -0.437  1.00 36.80  ? 1865 VAL A CA  1 
ATOM   561 C C   . VAL A 1 72  ? -1.551  -4.443  -0.437  1.00 34.54  ? 1865 VAL A C   1 
ATOM   562 O O   . VAL A 1 72  ? -1.963  -5.142  0.498   1.00 34.71  ? 1865 VAL A O   1 
ATOM   563 C CB  . VAL A 1 72  ? -0.154  -2.375  -0.060  1.00 35.29  ? 1865 VAL A CB  1 
ATOM   564 C CG1 . VAL A 1 72  ? -0.880  -2.164  1.253   1.00 28.38  ? 1865 VAL A CG1 1 
ATOM   565 C CG2 . VAL A 1 72  ? 1.254   -1.829  0.029   1.00 35.50  ? 1865 VAL A CG2 1 
ATOM   566 N N   . PHE A 1 73  ? -2.307  -4.151  -1.494  1.00 31.15  ? 1866 PHE A N   1 
ATOM   567 C CA  . PHE A 1 73  ? -3.713  -4.520  -1.579  1.00 36.66  ? 1866 PHE A CA  1 
ATOM   568 C C   . PHE A 1 73  ? -3.913  -5.938  -2.091  1.00 34.56  ? 1866 PHE A C   1 
ATOM   569 O O   . PHE A 1 73  ? -4.897  -6.592  -1.717  1.00 35.45  ? 1866 PHE A O   1 
ATOM   570 C CB  . PHE A 1 73  ? -4.461  -3.517  -2.469  1.00 34.50  ? 1866 PHE A CB  1 
ATOM   571 C CG  . PHE A 1 73  ? -4.168  -2.080  -2.129  1.00 30.87  ? 1866 PHE A CG  1 
ATOM   572 C CD1 . PHE A 1 73  ? -4.384  -1.610  -0.847  1.00 30.59  ? 1866 PHE A CD1 1 
ATOM   573 C CD2 . PHE A 1 73  ? -3.666  -1.209  -3.081  1.00 34.06  ? 1866 PHE A CD2 1 
ATOM   574 C CE1 . PHE A 1 73  ? -4.108  -0.298  -0.516  1.00 29.52  ? 1866 PHE A CE1 1 
ATOM   575 C CE2 . PHE A 1 73  ? -3.390  0.111   -2.758  1.00 32.61  ? 1866 PHE A CE2 1 
ATOM   576 C CZ  . PHE A 1 73  ? -3.616  0.566   -1.473  1.00 31.14  ? 1866 PHE A CZ  1 
ATOM   577 N N   . ASP A 1 74  ? -3.006  -6.430  -2.937  1.00 34.35  ? 1867 ASP A N   1 
ATOM   578 C CA  . ASP A 1 74  ? -3.012  -7.850  -3.274  1.00 39.09  ? 1867 ASP A CA  1 
ATOM   579 C C   . ASP A 1 74  ? -2.788  -8.695  -2.028  1.00 34.81  ? 1867 ASP A C   1 
ATOM   580 O O   . ASP A 1 74  ? -3.526  -9.653  -1.770  1.00 36.54  ? 1867 ASP A O   1 
ATOM   581 C CB  . ASP A 1 74  ? -1.941  -8.156  -4.324  1.00 40.45  ? 1867 ASP A CB  1 
ATOM   582 C CG  . ASP A 1 74  ? -2.291  -7.609  -5.695  1.00 39.82  ? 1867 ASP A CG  1 
ATOM   583 O OD1 . ASP A 1 74  ? -3.486  -7.354  -5.951  1.00 37.92  ? 1867 ASP A OD1 1 
ATOM   584 O OD2 . ASP A 1 74  ? -1.366  -7.439  -6.517  1.00 37.04  ? 1867 ASP A OD2 1 
ATOM   585 N N   . ASN A 1 75  ? -1.766  -8.348  -1.240  1.00 33.06  ? 1868 ASN A N   1 
ATOM   586 C CA  . ASN A 1 75  ? -1.526  -9.040  0.022   1.00 32.48  ? 1868 ASN A CA  1 
ATOM   587 C C   . ASN A 1 75  ? -2.745  -8.965  0.930   1.00 33.25  ? 1868 ASN A C   1 
ATOM   588 O O   . ASN A 1 75  ? -3.116  -9.955  1.573   1.00 32.44  ? 1868 ASN A O   1 
ATOM   589 C CB  . ASN A 1 75  ? -0.305  -8.446  0.728   1.00 35.55  ? 1868 ASN A CB  1 
ATOM   590 C CG  . ASN A 1 75  ? 1.000   -8.772  0.025   1.00 34.48  ? 1868 ASN A CG  1 
ATOM   591 O OD1 . ASN A 1 75  ? 1.080   -9.720  -0.751  1.00 41.70  ? 1868 ASN A OD1 1 
ATOM   592 N ND2 . ASN A 1 75  ? 2.031   -7.987  0.301   1.00 36.98  ? 1868 ASN A ND2 1 
ATOM   593 N N   . CYS A 1 76  ? -3.384  -7.795  0.991   1.00 33.85  ? 1869 CYS A N   1 
ATOM   594 C CA  . CYS A 1 76  ? -4.568  -7.637  1.828   1.00 31.58  ? 1869 CYS A CA  1 
ATOM   595 C C   . CYS A 1 76  ? -5.676  -8.590  1.394   1.00 34.45  ? 1869 CYS A C   1 
ATOM   596 O O   . CYS A 1 76  ? -6.275  -9.286  2.223   1.00 34.73  ? 1869 CYS A O   1 
ATOM   597 C CB  . CYS A 1 76  ? -5.046  -6.185  1.782   1.00 37.21  ? 1869 CYS A CB  1 
ATOM   598 S SG  . CYS A 1 76  ? -6.449  -5.832  2.857   1.00 34.60  ? 1869 CYS A SG  1 
ATOM   599 N N   . GLN A 1 77  ? -5.951  -8.649  0.088   1.00 34.81  ? 1870 GLN A N   1 
ATOM   600 C CA  . GLN A 1 77  ? -7.012  -9.520  -0.407  1.00 37.48  ? 1870 GLN A CA  1 
ATOM   601 C C   . GLN A 1 77  ? -6.637  -10.993 -0.307  1.00 34.60  ? 1870 GLN A C   1 
ATOM   602 O O   . GLN A 1 77  ? -7.522  -11.845 -0.173  1.00 33.27  ? 1870 GLN A O   1 
ATOM   603 C CB  . GLN A 1 77  ? -7.359  -9.149  -1.848  1.00 36.12  ? 1870 GLN A CB  1 
ATOM   604 C CG  . GLN A 1 77  ? -8.101  -7.832  -1.974  1.00 29.06  ? 1870 GLN A CG  1 
ATOM   605 C CD  . GLN A 1 77  ? -8.221  -7.368  -3.409  1.00 33.67  ? 1870 GLN A CD  1 
ATOM   606 O OE1 . GLN A 1 77  ? -9.204  -7.658  -4.088  1.00 36.14  ? 1870 GLN A OE1 1 
ATOM   607 N NE2 . GLN A 1 77  ? -7.215  -6.640  -3.880  1.00 33.93  ? 1870 GLN A NE2 1 
ATOM   608 N N   . THR A 1 78  ? -5.341  -11.311 -0.369  1.00 39.78  ? 1871 THR A N   1 
ATOM   609 C CA  . THR A 1 78  ? -4.913  -12.693 -0.171  1.00 34.18  ? 1871 THR A CA  1 
ATOM   610 C C   . THR A 1 78  ? -5.150  -13.147 1.266   1.00 33.98  ? 1871 THR A C   1 
ATOM   611 O O   . THR A 1 78  ? -5.646  -14.254 1.499   1.00 33.82  ? 1871 THR A O   1 
ATOM   612 C CB  . THR A 1 78  ? -3.437  -12.848 -0.539  1.00 35.51  ? 1871 THR A CB  1 
ATOM   613 O OG1 . THR A 1 78  ? -3.245  -12.523 -1.920  1.00 40.81  ? 1871 THR A OG1 1 
ATOM   614 C CG2 . THR A 1 78  ? -2.980  -14.272 -0.310  1.00 31.40  ? 1871 THR A CG2 1 
ATOM   615 N N   . PHE A 1 79  ? -4.821  -12.302 2.240   1.00 32.85  ? 1872 PHE A N   1 
ATOM   616 C CA  . PHE A 1 79  ? -4.857  -12.732 3.631   1.00 34.26  ? 1872 PHE A CA  1 
ATOM   617 C C   . PHE A 1 79  ? -6.195  -12.494 4.320   1.00 35.59  ? 1872 PHE A C   1 
ATOM   618 O O   . PHE A 1 79  ? -6.536  -13.231 5.253   1.00 33.60  ? 1872 PHE A O   1 
ATOM   619 C CB  . PHE A 1 79  ? -3.762  -12.027 4.435   1.00 30.80  ? 1872 PHE A CB  1 
ATOM   620 C CG  . PHE A 1 79  ? -3.654  -12.522 5.842   1.00 35.01  ? 1872 PHE A CG  1 
ATOM   621 C CD1 . PHE A 1 79  ? -2.983  -13.702 6.116   1.00 32.23  ? 1872 PHE A CD1 1 
ATOM   622 C CD2 . PHE A 1 79  ? -4.241  -11.827 6.886   1.00 35.43  ? 1872 PHE A CD2 1 
ATOM   623 C CE1 . PHE A 1 79  ? -2.886  -14.170 7.403   1.00 31.63  ? 1872 PHE A CE1 1 
ATOM   624 C CE2 . PHE A 1 79  ? -4.148  -12.296 8.177   1.00 39.36  ? 1872 PHE A CE2 1 
ATOM   625 C CZ  . PHE A 1 79  ? -3.469  -13.472 8.434   1.00 31.93  ? 1872 PHE A CZ  1 
ATOM   626 N N   . ASN A 1 80  ? -6.957  -11.485 3.909   1.00 37.31  ? 1873 ASN A N   1 
ATOM   627 C CA  . ASN A 1 80  ? -8.130  -11.060 4.660   1.00 35.17  ? 1873 ASN A CA  1 
ATOM   628 C C   . ASN A 1 80  ? -9.404  -11.277 3.855   1.00 34.01  ? 1873 ASN A C   1 
ATOM   629 O O   . ASN A 1 80  ? -9.439  -11.025 2.646   1.00 36.18  ? 1873 ASN A O   1 
ATOM   630 C CB  . ASN A 1 80  ? -8.008  -9.592  5.061   1.00 34.58  ? 1873 ASN A CB  1 
ATOM   631 C CG  . ASN A 1 80  ? -6.733  -9.308  5.825   1.00 37.47  ? 1873 ASN A CG  1 
ATOM   632 O OD1 . ASN A 1 80  ? -6.699  -9.395  7.055   1.00 37.67  ? 1873 ASN A OD1 1 
ATOM   633 N ND2 . ASN A 1 80  ? -5.669  -8.977  5.098   1.00 31.58  ? 1873 ASN A ND2 1 
ATOM   634 N N   . GLU A 1 81  ? -10.444 -11.753 4.538   1.00 36.85  ? 1874 GLU A N   1 
ATOM   635 C CA  . GLU A 1 81  ? -11.766 -11.854 3.938   1.00 38.56  ? 1874 GLU A CA  1 
ATOM   636 C C   . GLU A 1 81  ? -12.233 -10.477 3.475   1.00 37.60  ? 1874 GLU A C   1 
ATOM   637 O O   . GLU A 1 81  ? -11.873 -9.446  4.052   1.00 36.98  ? 1874 GLU A O   1 
ATOM   638 C CB  . GLU A 1 81  ? -12.762 -12.444 4.941   1.00 36.52  ? 1874 GLU A CB  1 
ATOM   639 C CG  . GLU A 1 81  ? -12.323 -13.756 5.590   1.00 49.74  ? 1874 GLU A CG  1 
ATOM   640 C CD  . GLU A 1 81  ? -12.919 -14.980 4.914   1.00 63.10  ? 1874 GLU A CD  1 
ATOM   641 O OE1 . GLU A 1 81  ? -13.091 -14.954 3.677   1.00 62.43  ? 1874 GLU A OE1 1 
ATOM   642 O OE2 . GLU A 1 81  ? -13.223 -15.967 5.621   1.00 72.29  ? 1874 GLU A OE2 1 
ATOM   643 N N   . ASP A 1 82  ? -13.032 -10.465 2.405   1.00 37.24  ? 1875 ASP A N   1 
ATOM   644 C CA  . ASP A 1 82  ? -13.501 -9.199  1.850   1.00 36.17  ? 1875 ASP A CA  1 
ATOM   645 C C   . ASP A 1 82  ? -14.398 -8.459  2.827   1.00 36.77  ? 1875 ASP A C   1 
ATOM   646 O O   . ASP A 1 82  ? -14.527 -7.233  2.745   1.00 32.69  ? 1875 ASP A O   1 
ATOM   647 C CB  . ASP A 1 82  ? -14.239 -9.439  0.535   1.00 32.35  ? 1875 ASP A CB  1 
ATOM   648 C CG  . ASP A 1 82  ? -13.318 -9.911  -0.565  1.00 32.90  ? 1875 ASP A CG  1 
ATOM   649 O OD1 . ASP A 1 82  ? -12.238 -9.305  -0.739  1.00 28.92  ? 1875 ASP A OD1 1 
ATOM   650 O OD2 . ASP A 1 82  ? -13.670 -10.893 -1.249  1.00 25.41  ? 1875 ASP A OD2 1 
ATOM   651 N N   . ASP A 1 83  ? -15.018 -9.181  3.758   1.00 41.12  ? 1876 ASP A N   1 
ATOM   652 C CA  . ASP A 1 83  ? -15.895 -8.582  4.751   1.00 46.26  ? 1876 ASP A CA  1 
ATOM   653 C C   . ASP A 1 83  ? -15.230 -8.424  6.111   1.00 44.73  ? 1876 ASP A C   1 
ATOM   654 O O   . ASP A 1 83  ? -15.896 -8.016  7.067   1.00 45.72  ? 1876 ASP A O   1 
ATOM   655 C CB  . ASP A 1 83  ? -17.189 -9.393  4.881   1.00 42.83  ? 1876 ASP A CB  1 
ATOM   656 C CG  . ASP A 1 83  ? -16.955 -10.838 5.276   1.00 43.33  ? 1876 ASP A CG  1 
ATOM   657 O OD1 . ASP A 1 83  ? -15.839 -11.358 5.077   1.00 52.37  ? 1876 ASP A OD1 1 
ATOM   658 O OD2 . ASP A 1 83  ? -17.913 -11.460 5.784   1.00 49.73  ? 1876 ASP A OD2 1 
ATOM   659 N N   . SER A 1 84  ? -13.938 -8.731  6.221   1.00 42.38  ? 1877 SER A N   1 
ATOM   660 C CA  . SER A 1 84  ? -13.212 -8.429  7.443   1.00 41.10  ? 1877 SER A CA  1 
ATOM   661 C C   . SER A 1 84  ? -12.966 -6.927  7.544   1.00 38.20  ? 1877 SER A C   1 
ATOM   662 O O   . SER A 1 84  ? -13.078 -6.183  6.566   1.00 40.13  ? 1877 SER A O   1 
ATOM   663 C CB  . SER A 1 84  ? -11.883 -9.186  7.493   1.00 36.83  ? 1877 SER A CB  1 
ATOM   664 O OG  . SER A 1 84  ? -10.948 -8.662  6.564   1.00 31.82  ? 1877 SER A OG  1 
ATOM   665 N N   . GLU A 1 85  ? -12.638 -6.480  8.757   1.00 41.74  ? 1878 GLU A N   1 
ATOM   666 C CA  . GLU A 1 85  ? -12.362 -5.062  8.968   1.00 39.05  ? 1878 GLU A CA  1 
ATOM   667 C C   . GLU A 1 85  ? -11.131 -4.617  8.187   1.00 36.53  ? 1878 GLU A C   1 
ATOM   668 O O   . GLU A 1 85  ? -11.136 -3.545  7.570   1.00 39.64  ? 1878 GLU A O   1 
ATOM   669 C CB  . GLU A 1 85  ? -12.194 -4.781  10.460  1.00 42.33  ? 1878 GLU A CB  1 
ATOM   670 C CG  . GLU A 1 85  ? -13.434 -5.096  11.281  1.00 53.42  ? 1878 GLU A CG  1 
ATOM   671 C CD  . GLU A 1 85  ? -14.573 -4.126  11.011  1.00 66.07  ? 1878 GLU A CD  1 
ATOM   672 O OE1 . GLU A 1 85  ? -14.357 -2.901  11.150  1.00 63.80  ? 1878 GLU A OE1 1 
ATOM   673 O OE2 . GLU A 1 85  ? -15.681 -4.585  10.656  1.00 63.31  ? 1878 GLU A OE2 1 
ATOM   674 N N   . VAL A 1 86  ? -10.069 -5.427  8.202   1.00 34.99  ? 1879 VAL A N   1 
ATOM   675 C CA  . VAL A 1 86  ? -8.890  -5.131  7.393   1.00 34.45  ? 1879 VAL A CA  1 
ATOM   676 C C   . VAL A 1 86  ? -9.234  -5.209  5.912   1.00 34.21  ? 1879 VAL A C   1 
ATOM   677 O O   . VAL A 1 86  ? -8.815  -4.362  5.114   1.00 30.09  ? 1879 VAL A O   1 
ATOM   678 C CB  . VAL A 1 86  ? -7.734  -6.086  7.755   1.00 36.92  ? 1879 VAL A CB  1 
ATOM   679 C CG1 . VAL A 1 86  ? -6.618  -5.995  6.724   1.00 22.49  ? 1879 VAL A CG1 1 
ATOM   680 C CG2 . VAL A 1 86  ? -7.192  -5.774  9.144   1.00 30.79  ? 1879 VAL A CG2 1 
ATOM   681 N N   . GLY A 1 87  ? -10.007 -6.225  5.526   1.00 38.14  ? 1880 GLY A N   1 
ATOM   682 C CA  . GLY A 1 87  ? -10.380 -6.363  4.127   1.00 35.39  ? 1880 GLY A CA  1 
ATOM   683 C C   . GLY A 1 87  ? -11.218 -5.203  3.638   1.00 36.24  ? 1880 GLY A C   1 
ATOM   684 O O   . GLY A 1 87  ? -10.941 -4.619  2.585   1.00 42.42  ? 1880 GLY A O   1 
ATOM   685 N N   . LYS A 1 88  ? -12.259 -4.845  4.402   1.00 36.07  ? 1881 LYS A N   1 
ATOM   686 C CA  . LYS A 1 88  ? -13.095 -3.700  4.055   1.00 36.26  ? 1881 LYS A CA  1 
ATOM   687 C C   . LYS A 1 88  ? -12.264 -2.430  3.910   1.00 35.56  ? 1881 LYS A C   1 
ATOM   688 O O   . LYS A 1 88  ? -12.501 -1.621  3.005   1.00 35.79  ? 1881 LYS A O   1 
ATOM   689 C CB  . LYS A 1 88  ? -14.191 -3.507  5.109   1.00 34.70  ? 1881 LYS A CB  1 
ATOM   690 C CG  . LYS A 1 88  ? -15.362 -4.480  4.984   1.00 35.53  ? 1881 LYS A CG  1 
ATOM   691 C CD  . LYS A 1 88  ? -16.528 -4.121  5.905   1.00 44.55  ? 1881 LYS A CD  1 
ATOM   692 C CE  . LYS A 1 88  ? -16.215 -4.429  7.360   1.00 52.64  ? 1881 LYS A CE  1 
ATOM   693 N NZ  . LYS A 1 88  ? -17.427 -4.315  8.219   1.00 60.00  ? 1881 LYS A NZ  1 
ATOM   694 N N   . ALA A 1 89  ? -11.278 -2.243  4.789   1.00 33.39  ? 1882 ALA A N   1 
ATOM   695 C CA  . ALA A 1 89  ? -10.423 -1.066  4.690   1.00 27.36  ? 1882 ALA A CA  1 
ATOM   696 C C   . ALA A 1 89  ? -9.498  -1.146  3.484   1.00 30.91  ? 1882 ALA A C   1 
ATOM   697 O O   . ALA A 1 89  ? -9.193  -0.114  2.871   1.00 35.88  ? 1882 ALA A O   1 
ATOM   698 C CB  . ALA A 1 89  ? -9.614  -0.893  5.976   1.00 25.51  ? 1882 ALA A CB  1 
ATOM   699 N N   . GLY A 1 90  ? -9.045  -2.349  3.128   1.00 36.01  ? 1883 GLY A N   1 
ATOM   700 C CA  . GLY A 1 90  ? -8.179  -2.483  1.969   1.00 36.82  ? 1883 GLY A CA  1 
ATOM   701 C C   . GLY A 1 90  ? -8.877  -2.131  0.673   1.00 34.35  ? 1883 GLY A C   1 
ATOM   702 O O   . GLY A 1 90  ? -8.281  -1.527  -0.223  1.00 32.84  ? 1883 GLY A O   1 
ATOM   703 N N   . HIS A 1 91  ? -10.153 -2.500  0.554   1.00 31.05  ? 1884 HIS A N   1 
ATOM   704 C CA  . HIS A 1 91  ? -10.887 -2.201  -0.670  1.00 37.03  ? 1884 HIS A CA  1 
ATOM   705 C C   . HIS A 1 91  ? -11.079 -0.700  -0.844  1.00 31.09  ? 1884 HIS A C   1 
ATOM   706 O O   . HIS A 1 91  ? -11.003 -0.185  -1.965  1.00 30.62  ? 1884 HIS A O   1 
ATOM   707 C CB  . HIS A 1 91  ? -12.237 -2.916  -0.668  1.00 35.30  ? 1884 HIS A CB  1 
ATOM   708 C CG  . HIS A 1 91  ? -12.145 -4.401  -0.864  1.00 33.20  ? 1884 HIS A CG  1 
ATOM   709 N ND1 . HIS A 1 91  ? -11.576 -4.976  -1.981  1.00 33.48  ? 1884 HIS A ND1 1 
ATOM   710 C CD2 . HIS A 1 91  ? -12.583 -5.424  -0.095  1.00 37.47  ? 1884 HIS A CD2 1 
ATOM   711 C CE1 . HIS A 1 91  ? -11.654 -6.292  -1.882  1.00 28.84  ? 1884 HIS A CE1 1 
ATOM   712 N NE2 . HIS A 1 91  ? -12.260 -6.589  -0.747  1.00 32.57  ? 1884 HIS A NE2 1 
ATOM   713 N N   . ILE A 1 92  ? -11.339 0.017   0.252   1.00 34.28  ? 1885 ILE A N   1 
ATOM   714 C CA  . ILE A 1 92  ? -11.437 1.474   0.187   1.00 31.78  ? 1885 ILE A CA  1 
ATOM   715 C C   . ILE A 1 92  ? -10.108 2.067   -0.259  1.00 33.69  ? 1885 ILE A C   1 
ATOM   716 O O   . ILE A 1 92  ? -10.059 2.972   -1.100  1.00 36.21  ? 1885 ILE A O   1 
ATOM   717 C CB  . ILE A 1 92  ? -11.875 2.050   1.546   1.00 30.94  ? 1885 ILE A CB  1 
ATOM   718 C CG1 . ILE A 1 92  ? -13.306 1.626   1.881   1.00 30.84  ? 1885 ILE A CG1 1 
ATOM   719 C CG2 . ILE A 1 92  ? -11.753 3.568   1.549   1.00 31.16  ? 1885 ILE A CG2 1 
ATOM   720 C CD1 . ILE A 1 92  ? -13.755 2.048   3.267   1.00 26.18  ? 1885 ILE A CD1 1 
ATOM   721 N N   . MET A 1 93  ? -9.009  1.552   0.296   1.00 31.61  ? 1886 MET A N   1 
ATOM   722 C CA  . MET A 1 93  ? -7.692  2.075   -0.050  1.00 31.43  ? 1886 MET A CA  1 
ATOM   723 C C   . MET A 1 93  ? -7.305  1.710   -1.476  1.00 38.59  ? 1886 MET A C   1 
ATOM   724 O O   . MET A 1 93  ? -6.695  2.521   -2.184  1.00 38.46  ? 1886 MET A O   1 
ATOM   725 C CB  . MET A 1 93  ? -6.643  1.560   0.935   1.00 34.46  ? 1886 MET A CB  1 
ATOM   726 C CG  . MET A 1 93  ? -6.765  2.133   2.330   1.00 32.70  ? 1886 MET A CG  1 
ATOM   727 S SD  . MET A 1 93  ? -6.963  3.927   2.334   1.00 38.55  ? 1886 MET A SD  1 
ATOM   728 C CE  . MET A 1 93  ? -5.486  4.471   1.472   1.00 31.54  ? 1886 MET A CE  1 
ATOM   729 N N   . ARG A 1 94  ? -7.643  0.497   -1.918  1.00 35.06  ? 1887 ARG A N   1 
ATOM   730 C CA  . ARG A 1 94  ? -7.296  0.091   -3.275  1.00 34.23  ? 1887 ARG A CA  1 
ATOM   731 C C   . ARG A 1 94  ? -8.064  0.912   -4.303  1.00 34.13  ? 1887 ARG A C   1 
ATOM   732 O O   . ARG A 1 94  ? -7.495  1.360   -5.305  1.00 38.47  ? 1887 ARG A O   1 
ATOM   733 C CB  . ARG A 1 94  ? -7.559  -1.401  -3.471  1.00 29.20  ? 1887 ARG A CB  1 
ATOM   734 C CG  . ARG A 1 94  ? -7.245  -1.898  -4.872  1.00 25.71  ? 1887 ARG A CG  1 
ATOM   735 C CD  . ARG A 1 94  ? -7.620  -3.356  -5.025  1.00 26.86  ? 1887 ARG A CD  1 
ATOM   736 N NE  . ARG A 1 94  ? -8.942  -3.612  -4.463  1.00 30.01  ? 1887 ARG A NE  1 
ATOM   737 C CZ  . ARG A 1 94  ? -10.086 -3.265  -5.045  1.00 31.87  ? 1887 ARG A CZ  1 
ATOM   738 N NH1 . ARG A 1 94  ? -10.084 -2.648  -6.220  1.00 25.78  ? 1887 ARG A NH1 1 
ATOM   739 N NH2 . ARG A 1 94  ? -11.238 -3.537  -4.451  1.00 30.14  ? 1887 ARG A NH2 1 
ATOM   740 N N   . ARG A 1 95  ? -9.362  1.125   -4.067  1.00 32.60  ? 1888 ARG A N   1 
ATOM   741 C CA  . ARG A 1 95  ? -10.149 1.953   -4.976  1.00 36.20  ? 1888 ARG A CA  1 
ATOM   742 C C   . ARG A 1 95  ? -9.680  3.401   -4.953  1.00 41.11  ? 1888 ARG A C   1 
ATOM   743 O O   . ARG A 1 95  ? -9.675  4.074   -5.990  1.00 43.70  ? 1888 ARG A O   1 
ATOM   744 C CB  . ARG A 1 95  ? -11.634 1.866   -4.625  1.00 29.68  ? 1888 ARG A CB  1 
ATOM   745 C CG  . ARG A 1 95  ? -12.328 0.623   -5.151  1.00 32.26  ? 1888 ARG A CG  1 
ATOM   746 C CD  . ARG A 1 95  ? -13.823 0.717   -4.924  1.00 34.30  ? 1888 ARG A CD  1 
ATOM   747 N NE  . ARG A 1 95  ? -14.140 0.824   -3.505  1.00 29.10  ? 1888 ARG A NE  1 
ATOM   748 C CZ  . ARG A 1 95  ? -14.475 -0.206  -2.738  1.00 29.21  ? 1888 ARG A CZ  1 
ATOM   749 N NH1 . ARG A 1 95  ? -14.542 -1.426  -3.256  1.00 32.11  ? 1888 ARG A NH1 1 
ATOM   750 N NH2 . ARG A 1 95  ? -14.742 -0.021  -1.456  1.00 31.74  ? 1888 ARG A NH2 1 
ATOM   751 N N   . PHE A 1 96  ? -9.291  3.904   -3.778  1.00 40.02  ? 1889 PHE A N   1 
ATOM   752 C CA  . PHE A 1 96  ? -8.758  5.262   -3.700  1.00 40.44  ? 1889 PHE A CA  1 
ATOM   753 C C   . PHE A 1 96  ? -7.474  5.389   -4.509  1.00 41.88  ? 1889 PHE A C   1 
ATOM   754 O O   . PHE A 1 96  ? -7.276  6.373   -5.230  1.00 49.94  ? 1889 PHE A O   1 
ATOM   755 C CB  . PHE A 1 96  ? -8.512  5.663   -2.243  1.00 43.04  ? 1889 PHE A CB  1 
ATOM   756 C CG  . PHE A 1 96  ? -7.800  6.983   -2.090  1.00 44.02  ? 1889 PHE A CG  1 
ATOM   757 C CD1 . PHE A 1 96  ? -8.503  8.177   -2.147  1.00 44.30  ? 1889 PHE A CD1 1 
ATOM   758 C CD2 . PHE A 1 96  ? -6.430  7.029   -1.885  1.00 40.02  ? 1889 PHE A CD2 1 
ATOM   759 C CE1 . PHE A 1 96  ? -7.849  9.394   -2.009  1.00 38.22  ? 1889 PHE A CE1 1 
ATOM   760 C CE2 . PHE A 1 96  ? -5.772  8.239   -1.747  1.00 40.61  ? 1889 PHE A CE2 1 
ATOM   761 C CZ  . PHE A 1 96  ? -6.482  9.423   -1.810  1.00 44.92  ? 1889 PHE A CZ  1 
ATOM   762 N N   . PHE A 1 97  ? -6.584  4.400   -4.397  1.00 44.13  ? 1890 PHE A N   1 
ATOM   763 C CA  . PHE A 1 97  ? -5.315  4.470   -5.112  1.00 41.95  ? 1890 PHE A CA  1 
ATOM   764 C C   . PHE A 1 97  ? -5.528  4.415   -6.620  1.00 44.67  ? 1890 PHE A C   1 
ATOM   765 O O   . PHE A 1 97  ? -5.014  5.260   -7.359  1.00 51.22  ? 1890 PHE A O   1 
ATOM   766 C CB  . PHE A 1 97  ? -4.380  3.347   -4.669  1.00 37.27  ? 1890 PHE A CB  1 
ATOM   767 C CG  . PHE A 1 97  ? -3.173  3.203   -5.547  1.00 40.09  ? 1890 PHE A CG  1 
ATOM   768 C CD1 . PHE A 1 97  ? -2.103  4.066   -5.412  1.00 40.25  ? 1890 PHE A CD1 1 
ATOM   769 C CD2 . PHE A 1 97  ? -3.123  2.228   -6.530  1.00 41.78  ? 1890 PHE A CD2 1 
ATOM   770 C CE1 . PHE A 1 97  ? -0.998  3.956   -6.229  1.00 44.99  ? 1890 PHE A CE1 1 
ATOM   771 C CE2 . PHE A 1 97  ? -2.020  2.111   -7.350  1.00 46.08  ? 1890 PHE A CE2 1 
ATOM   772 C CZ  . PHE A 1 97  ? -0.955  2.976   -7.197  1.00 45.48  ? 1890 PHE A CZ  1 
ATOM   773 N N   . GLU A 1 98  ? -6.278  3.414   -7.093  1.00 46.80  ? 1891 GLU A N   1 
ATOM   774 C CA  . GLU A 1 98  ? -6.528  3.291   -8.525  1.00 47.59  ? 1891 GLU A CA  1 
ATOM   775 C C   . GLU A 1 98  ? -7.191  4.544   -9.079  1.00 53.34  ? 1891 GLU A C   1 
ATOM   776 O O   . GLU A 1 98  ? -6.886  4.972   -10.198 1.00 60.58  ? 1891 GLU A O   1 
ATOM   777 C CB  . GLU A 1 98  ? -7.387  2.059   -8.810  1.00 45.25  ? 1891 GLU A CB  1 
ATOM   778 C CG  . GLU A 1 98  ? -6.637  0.739   -8.703  1.00 46.97  ? 1891 GLU A CG  1 
ATOM   779 C CD  . GLU A 1 98  ? -7.529  -0.467  -8.952  1.00 56.70  ? 1891 GLU A CD  1 
ATOM   780 O OE1 . GLU A 1 98  ? -8.708  -0.279  -9.325  1.00 60.37  ? 1891 GLU A OE1 1 
ATOM   781 O OE2 . GLU A 1 98  ? -7.048  -1.606  -8.768  1.00 53.89  ? 1891 GLU A OE2 1 
ATOM   782 N N   . SER A 1 99  ? -8.092  5.153   -8.307  1.00 51.67  ? 1892 SER A N   1 
ATOM   783 C CA  . SER A 1 99  ? -8.740  6.380   -8.753  1.00 51.32  ? 1892 SER A CA  1 
ATOM   784 C C   . SER A 1 99  ? -7.723  7.502   -8.919  1.00 59.26  ? 1892 SER A C   1 
ATOM   785 O O   . SER A 1 99  ? -7.552  8.049   -10.015 1.00 64.16  ? 1892 SER A O   1 
ATOM   786 C CB  . SER A 1 99  ? -9.836  6.783   -7.767  1.00 50.52  ? 1892 SER A CB  1 
ATOM   787 O OG  . SER A 1 99  ? -10.374 8.049   -8.107  1.00 70.00  ? 1892 SER A OG  1 
ATOM   788 N N   . ARG A 1 100 ? -7.022  7.847   -7.837  1.00 55.97  ? 1893 ARG A N   1 
ATOM   789 C CA  . ARG A 1 100 ? -6.082  8.960   -7.892  1.00 61.53  ? 1893 ARG A CA  1 
ATOM   790 C C   . ARG A 1 100 ? -4.914  8.675   -8.828  1.00 63.08  ? 1893 ARG A C   1 
ATOM   791 O O   . ARG A 1 100 ? -4.339  9.606   -9.402  1.00 72.31  ? 1893 ARG A O   1 
ATOM   792 C CB  . ARG A 1 100 ? -5.565  9.281   -6.490  1.00 60.51  ? 1893 ARG A CB  1 
ATOM   793 C CG  . ARG A 1 100 ? -4.843  10.612  -6.402  1.00 66.46  ? 1893 ARG A CG  1 
ATOM   794 C CD  . ARG A 1 100 ? -5.790  11.724  -5.984  1.00 63.03  ? 1893 ARG A CD  1 
ATOM   795 N NE  . ARG A 1 100 ? -5.468  12.994  -6.627  1.00 67.47  ? 1893 ARG A NE  1 
ATOM   796 C CZ  . ARG A 1 100 ? -4.445  13.770  -6.285  1.00 66.33  ? 1893 ARG A CZ  1 
ATOM   797 N NH1 . ARG A 1 100 ? -3.628  13.405  -5.308  1.00 67.87  ? 1893 ARG A NH1 1 
ATOM   798 N NH2 . ARG A 1 100 ? -4.235  14.912  -6.925  1.00 69.17  ? 1893 ARG A NH2 1 
ATOM   799 N N   . TRP A 1 101 ? -4.542  7.403   -8.992  1.00 54.54  ? 1894 TRP A N   1 
ATOM   800 C CA  . TRP A 1 101 ? -3.467  7.072   -9.918  1.00 60.82  ? 1894 TRP A CA  1 
ATOM   801 C C   . TRP A 1 101 ? -3.888  7.298   -11.362 1.00 67.89  ? 1894 TRP A C   1 
ATOM   802 O O   . TRP A 1 101 ? -3.047  7.609   -12.210 1.00 72.00  ? 1894 TRP A O   1 
ATOM   803 C CB  . TRP A 1 101 ? -3.022  5.621   -9.726  1.00 54.41  ? 1894 TRP A CB  1 
ATOM   804 C CG  . TRP A 1 101 ? -1.845  5.223   -10.576 1.00 59.39  ? 1894 TRP A CG  1 
ATOM   805 C CD1 . TRP A 1 101 ? -1.881  4.596   -11.790 1.00 68.32  ? 1894 TRP A CD1 1 
ATOM   806 C CD2 . TRP A 1 101 ? -0.458  5.417   -10.267 1.00 60.98  ? 1894 TRP A CD2 1 
ATOM   807 N NE1 . TRP A 1 101 ? -0.604  4.391   -12.256 1.00 62.74  ? 1894 TRP A NE1 1 
ATOM   808 C CE2 . TRP A 1 101 ? 0.287   4.885   -11.340 1.00 56.46  ? 1894 TRP A CE2 1 
ATOM   809 C CE3 . TRP A 1 101 ? 0.224   5.990   -9.190  1.00 64.18  ? 1894 TRP A CE3 1 
ATOM   810 C CZ2 . TRP A 1 101 ? 1.681   4.911   -11.365 1.00 62.92  ? 1894 TRP A CZ2 1 
ATOM   811 C CZ3 . TRP A 1 101 ? 1.607   6.013   -9.217  1.00 65.38  ? 1894 TRP A CZ3 1 
ATOM   812 C CH2 . TRP A 1 101 ? 2.320   5.480   -10.299 1.00 67.55  ? 1894 TRP A CH2 1 
ATOM   813 N N   . GLU A 1 102 ? -5.180  7.156   -11.657 1.00 71.76  ? 1895 GLU A N   1 
ATOM   814 C CA  . GLU A 1 102 ? -5.669  7.273   -13.025 1.00 75.09  ? 1895 GLU A CA  1 
ATOM   815 C C   . GLU A 1 102 ? -5.980  8.710   -13.421 1.00 76.94  ? 1895 GLU A C   1 
ATOM   816 O O   . GLU A 1 102 ? -5.779  9.079   -14.583 1.00 83.55  ? 1895 GLU A O   1 
ATOM   817 C CB  . GLU A 1 102 ? -6.906  6.392   -13.215 1.00 72.80  ? 1895 GLU A CB  1 
ATOM   818 C CG  . GLU A 1 102 ? -6.564  4.942   -13.525 1.00 80.21  ? 1895 GLU A CG  1 
ATOM   819 C CD  . GLU A 1 102 ? -7.686  3.977   -13.187 1.00 86.20  ? 1895 GLU A CD  1 
ATOM   820 O OE1 . GLU A 1 102 ? -8.836  4.423   -12.980 1.00 87.68  ? 1895 GLU A OE1 1 
ATOM   821 O OE2 . GLU A 1 102 ? -7.407  2.760   -13.118 1.00 79.29  ? 1895 GLU A OE2 1 
ATOM   822 N N   . GLU A 1 103 ? -6.448  9.545   -12.490 1.00 75.12  ? 1896 GLU A N   1 
ATOM   823 C CA  . GLU A 1 103 ? -6.728  10.936  -12.838 1.00 80.90  ? 1896 GLU A CA  1 
ATOM   824 C C   . GLU A 1 103 ? -5.429  11.734  -12.886 1.00 82.06  ? 1896 GLU A C   1 
ATOM   825 O O   . GLU A 1 103 ? -5.443  12.968  -12.862 1.00 84.96  ? 1896 GLU A O   1 
ATOM   826 C CB  . GLU A 1 103 ? -7.727  11.566  -11.864 1.00 79.71  ? 1896 GLU A CB  1 
ATOM   827 C CG  . GLU A 1 103 ? -7.238  11.710  -10.435 1.00 75.53  ? 1896 GLU A CG  1 
ATOM   828 C CD  . GLU A 1 103 ? -8.283  12.334  -9.526  1.00 77.37  ? 1896 GLU A CD  1 
ATOM   829 O OE1 . GLU A 1 103 ? -8.724  13.471  -9.807  1.00 75.58  ? 1896 GLU A OE1 1 
ATOM   830 O OE2 . GLU A 1 103 ? -8.675  11.683  -8.537  1.00 74.92  ? 1896 GLU A OE2 1 
ATOM   831 N N   . PHE A 1 104 ? -4.304  11.021  -12.935 1.00 79.59  ? 1897 PHE A N   1 
ATOM   832 C CA  . PHE A 1 104 ? -3.004  11.568  -13.292 1.00 84.36  ? 1897 PHE A CA  1 
ATOM   833 C C   . PHE A 1 104 ? -2.508  10.965  -14.604 1.00 90.79  ? 1897 PHE A C   1 
ATOM   834 O O   . PHE A 1 104 ? -2.283  11.690  -15.578 1.00 90.21  ? 1897 PHE A O   1 
ATOM   835 C CB  . PHE A 1 104 ? -1.999  11.310  -12.155 1.00 84.20  ? 1897 PHE A CB  1 
ATOM   836 C CG  . PHE A 1 104 ? -0.573  11.706  -12.476 1.00 92.33  ? 1897 PHE A CG  1 
ATOM   837 C CD1 . PHE A 1 104 ? -0.279  12.627  -13.474 1.00 93.19  ? 1897 PHE A CD1 1 
ATOM   838 C CD2 . PHE A 1 104 ? 0.476   11.154  -11.765 1.00 94.56  ? 1897 PHE A CD2 1 
ATOM   839 C CE1 . PHE A 1 104 ? 1.025   12.973  -13.758 1.00 98.36  ? 1897 PHE A CE1 1 
ATOM   840 C CE2 . PHE A 1 104 ? 1.785   11.505  -12.048 1.00 97.35  ? 1897 PHE A CE2 1 
ATOM   841 C CZ  . PHE A 1 104 ? 2.058   12.416  -13.044 1.00 103.09 ? 1897 PHE A CZ  1 
ATOM   842 N N   . TYR A 1 105 ? -2.315  9.651   -14.649 1.00 89.57  ? 1898 TYR A N   1 
ATOM   843 C CA  . TYR A 1 105 ? -1.898  8.986   -15.878 1.00 88.05  ? 1898 TYR A CA  1 
ATOM   844 C C   . TYR A 1 105 ? -3.116  8.608   -16.711 1.00 82.13  ? 1898 TYR A C   1 
ATOM   845 O O   . TYR A 1 105 ? -3.523  9.352   -17.600 1.00 88.85  ? 1898 TYR A O   1 
ATOM   846 C CB  . TYR A 1 105 ? -1.060  7.745   -15.566 1.00 84.05  ? 1898 TYR A CB  1 
ATOM   847 C CG  . TYR A 1 105 ? 0.070   7.997   -14.596 1.00 85.19  ? 1898 TYR A CG  1 
ATOM   848 C CD1 . TYR A 1 105 ? -0.090  7.752   -13.241 1.00 80.50  ? 1898 TYR A CD1 1 
ATOM   849 C CD2 . TYR A 1 105 ? 1.295   8.487   -15.034 1.00 91.47  ? 1898 TYR A CD2 1 
ATOM   850 C CE1 . TYR A 1 105 ? 0.937   7.982   -12.346 1.00 84.10  ? 1898 TYR A CE1 1 
ATOM   851 C CE2 . TYR A 1 105 ? 2.331   8.722   -14.143 1.00 89.98  ? 1898 TYR A CE2 1 
ATOM   852 C CZ  . TYR A 1 105 ? 2.145   8.461   -12.800 1.00 87.13  ? 1898 TYR A CZ  1 
ATOM   853 O OH  . TYR A 1 105 ? 3.160   8.699   -11.902 1.00 84.90  ? 1898 TYR A OH  1 
HETATM 854 C C01 . D8Q B 2 .   ? -2.504  -5.405  6.250   1.00 34.90  ? 1901 D8Q A C01 1 
HETATM 855 C C03 . D8Q B 2 .   ? -3.145  -5.348  8.707   1.00 33.25  ? 1901 D8Q A C03 1 
HETATM 856 C C04 . D8Q B 2 .   ? -3.616  -6.065  9.970   1.00 36.34  ? 1901 D8Q A C04 1 
HETATM 857 C C05 . D8Q B 2 .   ? -3.862  -7.541  9.940   1.00 38.39  ? 1901 D8Q A C05 1 
HETATM 858 C C06 . D8Q B 2 .   ? -3.664  -8.318  8.670   1.00 34.40  ? 1901 D8Q A C06 1 
HETATM 859 C C07 . D8Q B 2 .   ? -3.199  -7.588  7.397   1.00 32.69  ? 1901 D8Q A C07 1 
HETATM 860 C C09 . D8Q B 2 .   ? -3.805  -5.238  11.240  1.00 41.18  ? 1901 D8Q A C09 1 
HETATM 861 C C12 . D8Q B 2 .   ? -3.437  -3.017  12.403  1.00 52.46  ? 1901 D8Q A C12 1 
HETATM 862 C C13 . D8Q B 2 .   ? -2.187  -3.102  13.281  1.00 63.14  ? 1901 D8Q A C13 1 
HETATM 863 N N02 . D8Q B 2 .   ? -2.947  -6.113  7.441   1.00 34.63  ? 1901 D8Q A N02 1 
HETATM 864 N N11 . D8Q B 2 .   ? -3.297  -3.875  11.240  1.00 50.96  ? 1901 D8Q A N11 1 
HETATM 865 N N14 . D8Q B 2 .   ? -2.573  -2.990  14.681  1.00 72.88  ? 1901 D8Q A N14 1 
HETATM 866 O O08 . D8Q B 2 .   ? -3.035  -8.192  6.385   1.00 35.92  ? 1901 D8Q A O08 1 
HETATM 867 O O10 . D8Q B 2 .   ? -4.342  -5.707  12.189  1.00 43.38  ? 1901 D8Q A O10 1 
HETATM 868 O O   . HOH C 3 .   ? 3.986   14.451  1.732   1.00 45.62  ? 2001 HOH A O   1 
HETATM 869 O O   . HOH C 3 .   ? 0.242   -3.251  7.239   1.00 41.67  ? 2002 HOH A O   1 
HETATM 870 O O   . HOH C 3 .   ? 1.964   -6.898  3.566   1.00 38.46  ? 2003 HOH A O   1 
HETATM 871 O O   . HOH C 3 .   ? 5.477   -4.621  5.010   1.00 43.47  ? 2004 HOH A O   1 
HETATM 872 O O   . HOH C 3 .   ? -1.756  -8.001  4.208   1.00 31.52  ? 2005 HOH A O   1 
HETATM 873 O O   . HOH C 3 .   ? -1.615  -5.409  3.014   1.00 34.27  ? 2006 HOH A O   1 
HETATM 874 O O   . HOH C 3 .   ? 4.443   6.310   6.215   1.00 56.61  ? 2007 HOH A O   1 
HETATM 875 O O   . HOH C 3 .   ? 8.977   12.098  -4.596  1.00 61.50  ? 2008 HOH A O   1 
HETATM 876 O O   . HOH C 3 .   ? 9.358   12.192  -14.004 1.00 75.38  ? 2009 HOH A O   1 
HETATM 877 O O   . HOH C 3 .   ? -4.462  -4.919  -5.588  1.00 40.92  ? 2010 HOH A O   1 
HETATM 878 O O   . HOH C 3 .   ? 19.668  5.614   -4.835  1.00 57.31  ? 2011 HOH A O   1 
HETATM 879 O O   . HOH C 3 .   ? -11.938 4.735   -1.891  1.00 38.48  ? 2012 HOH A O   1 
HETATM 880 O O   . HOH C 3 .   ? 0.302   -4.275  4.477   1.00 35.16  ? 2013 HOH A O   1 
HETATM 881 O O   . HOH C 3 .   ? 10.282  -1.826  -2.040  1.00 53.06  ? 2014 HOH A O   1 
HETATM 882 O O   . HOH C 3 .   ? 11.856  -8.646  19.600  1.00 53.54  ? 2015 HOH A O   1 
HETATM 883 O O   . HOH C 3 .   ? -4.213  7.541   8.484   1.00 41.29  ? 2016 HOH A O   1 
HETATM 884 O O   . HOH C 3 .   ? -0.683  -0.594  10.408  1.00 35.28  ? 2017 HOH A O   1 
HETATM 885 O O   . HOH C 3 .   ? -9.751  10.099  4.382   1.00 33.54  ? 2018 HOH A O   1 
HETATM 886 O O   . HOH C 3 .   ? 5.380   -7.863  7.432   1.00 37.18  ? 2019 HOH A O   1 
HETATM 887 O O   . HOH C 3 .   ? -0.169  -11.275 -2.889  1.00 46.65  ? 2020 HOH A O   1 
HETATM 888 O O   . HOH C 3 .   ? -11.711 7.448   -0.564  1.00 40.31  ? 2021 HOH A O   1 
HETATM 889 O O   . HOH C 3 .   ? -11.668 -1.922  -8.573  1.00 33.07  ? 2022 HOH A O   1 
HETATM 890 O O   . HOH C 3 .   ? 3.694   -5.981  6.021   1.00 34.95  ? 2023 HOH A O   1 
HETATM 891 O O   . HOH C 3 .   ? -9.088  -5.840  0.653   1.00 32.98  ? 2024 HOH A O   1 
HETATM 892 O O   . HOH C 3 .   ? -12.243 11.743  5.521   1.00 56.22  ? 2025 HOH A O   1 
HETATM 893 O O   . HOH C 3 .   ? -10.038 -8.351  1.006   1.00 33.51  ? 2026 HOH A O   1 
HETATM 894 O O   . HOH C 3 .   ? -7.217  -12.942 -2.946  1.00 55.96  ? 2027 HOH A O   1 
HETATM 895 O O   . HOH C 3 .   ? 7.219   -16.023 14.830  1.00 50.39  ? 2028 HOH A O   1 
HETATM 896 O O   . HOH C 3 .   ? 2.709   -15.417 11.126  1.00 55.74  ? 2029 HOH A O   1 
HETATM 897 O O   . HOH C 3 .   ? -2.666  17.382  -6.088  1.00 58.26  ? 2030 HOH A O   1 
HETATM 898 O O   . HOH C 3 .   ? 12.911  9.118   -12.693 1.00 55.34  ? 2031 HOH A O   1 
HETATM 899 O O   . HOH C 3 .   ? -12.606 -13.271 0.395   1.00 46.82  ? 2032 HOH A O   1 
HETATM 900 O O   . HOH C 3 .   ? -12.850 -8.389  11.172  1.00 49.66  ? 2033 HOH A O   1 
HETATM 901 O O   . HOH C 3 .   ? -8.975  -10.198 8.988   1.00 41.73  ? 2034 HOH A O   1 
HETATM 902 O O   . HOH C 3 .   ? 0.043   -3.262  10.720  1.00 48.10  ? 2035 HOH A O   1 
HETATM 903 O O   . HOH C 3 .   ? -5.509  -4.270  -8.216  1.00 45.55  ? 2036 HOH A O   1 
HETATM 904 O O   . HOH C 3 .   ? -8.074  -4.441  -1.421  1.00 30.94  ? 2037 HOH A O   1 
HETATM 905 O O   . HOH C 3 .   ? -8.365  12.404  5.789   1.00 41.24  ? 2038 HOH A O   1 
HETATM 906 O O   . HOH C 3 .   ? -4.996  -11.076 -4.256  1.00 52.95  ? 2039 HOH A O   1 
HETATM 907 O O   . HOH C 3 .   ? 1.473   -3.590  13.009  1.00 49.03  ? 2040 HOH A O   1 
HETATM 908 O O   . HOH C 3 .   ? -5.604  5.616   10.172  1.00 52.58  ? 2041 HOH A O   1 
HETATM 909 O O   . HOH C 3 .   ? 0.054   -6.157  13.266  1.00 44.96  ? 2042 HOH A O   1 
# 
